data_2JPN
#
_entry.id   2JPN
#
_entity_poly.entity_id   1
_entity_poly.type   'polypeptide(L)'
_entity_poly.pdbx_seq_one_letter_code
;GSHMLLEFKQFLYEASIDEFMGKIASCQTLEGLEELEAYYKKRVKETELKDTDDISVRDALAGKRAELEDSDDEVEESF
;
_entity_poly.pdbx_strand_id   A
#
# COMPACT_ATOMS: atom_id res chain seq x y z
N GLY A 1 20.91 17.99 -10.18
CA GLY A 1 19.55 17.60 -10.61
C GLY A 1 18.52 17.75 -9.50
N SER A 2 17.36 17.11 -9.67
CA SER A 2 16.25 17.14 -8.71
C SER A 2 16.61 16.59 -7.31
N HIS A 3 16.00 17.18 -6.26
CA HIS A 3 16.17 16.78 -4.85
C HIS A 3 14.92 17.17 -4.01
N MET A 4 14.84 16.68 -2.76
CA MET A 4 13.82 17.06 -1.78
C MET A 4 13.76 18.58 -1.55
N LEU A 5 12.53 19.12 -1.51
CA LEU A 5 12.28 20.56 -1.33
C LEU A 5 12.41 21.05 0.14
N LEU A 6 12.49 20.11 1.09
CA LEU A 6 12.79 20.27 2.53
C LEU A 6 11.79 21.09 3.39
N GLU A 7 10.97 21.95 2.78
CA GLU A 7 10.06 22.91 3.46
C GLU A 7 8.62 22.88 2.91
N PHE A 8 8.28 21.78 2.21
CA PHE A 8 7.01 21.59 1.49
C PHE A 8 6.46 20.16 1.63
N LYS A 9 5.19 19.96 1.27
CA LYS A 9 4.51 18.66 1.25
C LYS A 9 4.87 17.75 0.04
N GLN A 10 5.18 18.34 -1.11
CA GLN A 10 4.83 17.74 -2.42
C GLN A 10 5.57 16.45 -2.73
N PHE A 11 6.85 16.45 -2.39
CA PHE A 11 7.74 15.32 -2.61
C PHE A 11 7.36 14.11 -1.72
N LEU A 12 6.84 14.39 -0.51
CA LEU A 12 6.26 13.37 0.36
C LEU A 12 4.89 12.90 -0.11
N TYR A 13 4.11 13.80 -0.65
CA TYR A 13 2.71 13.53 -0.95
C TYR A 13 2.54 12.73 -2.26
N GLU A 14 3.57 12.77 -3.13
CA GLU A 14 3.83 11.77 -4.20
C GLU A 14 4.44 10.46 -3.67
N ALA A 15 5.32 10.55 -2.67
CA ALA A 15 6.07 9.41 -2.06
C ALA A 15 5.16 8.25 -1.64
N SER A 16 4.03 8.66 -1.08
CA SER A 16 3.11 7.86 -0.30
C SER A 16 2.56 6.65 -1.10
N ILE A 17 2.37 6.89 -2.41
CA ILE A 17 1.44 6.18 -3.30
C ILE A 17 2.14 5.81 -4.66
N ASP A 18 3.46 6.03 -4.74
CA ASP A 18 4.28 6.03 -5.97
C ASP A 18 4.42 4.63 -6.61
N GLU A 19 4.56 3.61 -5.76
CA GLU A 19 4.54 2.17 -6.14
C GLU A 19 3.66 1.31 -5.24
N PHE A 20 3.47 1.69 -3.97
CA PHE A 20 2.81 0.91 -2.93
C PHE A 20 1.36 0.55 -3.26
N MET A 21 0.57 1.52 -3.68
CA MET A 21 -0.81 1.36 -4.16
C MET A 21 -0.91 0.40 -5.34
N GLY A 22 0.14 0.37 -6.15
CA GLY A 22 0.35 -0.63 -7.19
C GLY A 22 0.73 -1.98 -6.62
N LYS A 23 1.54 -2.03 -5.57
CA LYS A 23 2.11 -3.21 -5.00
C LYS A 23 0.98 -4.02 -4.33
N ILE A 24 0.09 -3.31 -3.61
CA ILE A 24 -1.19 -3.85 -3.16
C ILE A 24 -2.24 -4.10 -4.25
N ALA A 25 -2.40 -3.21 -5.23
CA ALA A 25 -3.32 -3.46 -6.35
C ALA A 25 -2.88 -4.68 -7.20
N SER A 26 -1.59 -5.02 -7.12
CA SER A 26 -0.93 -6.14 -7.78
C SER A 26 -0.63 -7.31 -6.83
N CYS A 27 -1.17 -7.32 -5.62
CA CYS A 27 -0.63 -8.24 -4.63
C CYS A 27 -0.93 -9.75 -4.93
N GLN A 28 -1.97 -9.99 -5.74
CA GLN A 28 -2.46 -11.26 -6.31
C GLN A 28 -2.93 -12.34 -5.32
N THR A 29 -2.75 -12.07 -4.04
CA THR A 29 -2.91 -13.03 -2.94
C THR A 29 -3.23 -12.23 -1.70
N LEU A 30 -4.19 -12.70 -0.90
CA LEU A 30 -4.43 -11.99 0.34
C LEU A 30 -3.25 -12.20 1.28
N GLU A 31 -2.72 -13.39 1.22
CA GLU A 31 -1.62 -13.85 1.98
C GLU A 31 -0.38 -13.02 1.74
N GLY A 32 -0.20 -12.58 0.49
CA GLY A 32 0.73 -11.52 0.14
C GLY A 32 0.32 -10.12 0.52
N LEU A 33 -0.93 -9.72 0.37
CA LEU A 33 -1.43 -8.42 0.79
C LEU A 33 -1.25 -8.14 2.27
N GLU A 34 -1.48 -9.18 3.05
CA GLU A 34 -1.23 -9.35 4.48
C GLU A 34 0.26 -9.32 4.86
N GLU A 35 1.14 -9.80 3.97
CA GLU A 35 2.61 -9.61 4.06
C GLU A 35 3.02 -8.19 3.69
N LEU A 36 2.36 -7.62 2.70
CA LEU A 36 2.42 -6.19 2.36
C LEU A 36 1.89 -5.36 3.55
N GLU A 37 0.86 -5.85 4.26
CA GLU A 37 0.26 -5.22 5.41
C GLU A 37 1.17 -5.24 6.62
N ALA A 38 1.87 -6.35 6.79
CA ALA A 38 2.91 -6.41 7.78
C ALA A 38 4.09 -5.52 7.35
N TYR A 39 4.51 -5.52 6.09
CA TYR A 39 5.60 -4.69 5.58
C TYR A 39 5.32 -3.17 5.68
N TYR A 40 4.05 -2.78 5.52
CA TYR A 40 3.50 -1.44 5.81
C TYR A 40 3.72 -1.14 7.30
N LYS A 41 3.33 -2.07 8.17
CA LYS A 41 3.50 -1.88 9.61
C LYS A 41 4.96 -1.92 10.10
N LYS A 42 5.83 -2.72 9.49
CA LYS A 42 7.28 -2.80 9.64
C LYS A 42 7.99 -1.50 9.23
N ARG A 43 7.57 -0.92 8.10
CA ARG A 43 8.13 0.32 7.52
C ARG A 43 7.84 1.57 8.32
N VAL A 44 6.60 1.84 8.73
CA VAL A 44 6.21 3.22 8.85
C VAL A 44 6.69 3.93 10.15
N LYS A 45 7.36 3.16 11.01
CA LYS A 45 8.25 3.63 12.10
C LYS A 45 9.70 3.98 11.66
N GLU A 46 10.19 3.28 10.63
CA GLU A 46 11.47 3.40 9.90
C GLU A 46 11.49 4.62 8.95
N THR A 47 10.30 5.17 8.74
CA THR A 47 10.00 6.43 8.06
C THR A 47 8.80 7.11 8.75
N GLU A 48 7.90 7.79 8.03
CA GLU A 48 6.90 8.73 8.59
C GLU A 48 5.45 8.53 8.18
N LEU A 49 5.29 8.22 6.90
CA LEU A 49 4.03 7.94 6.16
C LEU A 49 2.90 8.99 6.21
N LYS A 50 3.14 10.11 6.89
CA LYS A 50 2.21 11.22 7.11
C LYS A 50 0.75 10.78 7.39
N ASP A 51 -0.27 11.64 7.32
CA ASP A 51 -1.63 11.15 7.02
C ASP A 51 -1.82 10.49 5.66
N THR A 52 -1.29 11.10 4.61
CA THR A 52 -1.67 10.86 3.21
C THR A 52 -1.46 9.42 2.78
N ASP A 53 -0.27 8.85 3.06
CA ASP A 53 0.01 7.47 2.65
C ASP A 53 -0.98 6.56 3.34
N ASP A 54 -1.19 6.82 4.63
CA ASP A 54 -1.82 5.83 5.48
C ASP A 54 -3.26 5.60 5.07
N ILE A 55 -4.00 6.67 4.84
CA ILE A 55 -5.37 6.55 4.34
C ILE A 55 -5.48 6.04 2.92
N SER A 56 -4.67 6.62 2.03
CA SER A 56 -4.84 6.33 0.62
C SER A 56 -4.56 4.86 0.29
N VAL A 57 -3.41 4.43 0.79
CA VAL A 57 -2.91 3.07 0.72
C VAL A 57 -3.73 2.12 1.55
N ARG A 58 -4.07 2.45 2.81
CA ARG A 58 -4.82 1.49 3.63
C ARG A 58 -6.18 1.24 3.04
N ASP A 59 -6.83 2.29 2.59
CA ASP A 59 -8.23 2.12 2.16
C ASP A 59 -8.31 1.21 0.92
N ALA A 60 -7.25 1.25 0.11
CA ALA A 60 -6.89 0.35 -0.98
C ALA A 60 -6.42 -1.05 -0.60
N LEU A 61 -5.55 -1.15 0.40
CA LEU A 61 -4.96 -2.35 0.94
C LEU A 61 -6.01 -3.18 1.66
N ALA A 62 -6.74 -2.52 2.57
CA ALA A 62 -8.01 -2.99 3.09
C ALA A 62 -9.10 -3.13 2.01
N GLY A 63 -9.00 -2.28 0.99
CA GLY A 63 -9.80 -2.23 -0.22
C GLY A 63 -9.76 -3.59 -0.91
N LYS A 64 -8.53 -4.02 -1.18
CA LYS A 64 -8.16 -5.30 -1.75
C LYS A 64 -8.39 -6.46 -0.79
N ARG A 65 -8.20 -6.26 0.51
CA ARG A 65 -8.24 -7.32 1.51
C ARG A 65 -9.57 -8.03 1.44
N ALA A 66 -10.67 -7.28 1.40
CA ALA A 66 -12.00 -7.87 1.26
C ALA A 66 -12.16 -8.68 -0.03
N GLU A 67 -11.53 -8.22 -1.11
CA GLU A 67 -11.60 -8.88 -2.42
C GLU A 67 -10.90 -10.21 -2.36
N LEU A 68 -9.71 -10.13 -1.79
CA LEU A 68 -8.76 -11.20 -1.62
C LEU A 68 -9.17 -12.30 -0.67
N GLU A 69 -9.93 -11.89 0.33
CA GLU A 69 -10.61 -12.64 1.36
C GLU A 69 -11.84 -13.36 0.82
N ASP A 70 -12.49 -12.74 -0.18
CA ASP A 70 -13.36 -13.46 -1.13
C ASP A 70 -12.52 -14.43 -1.98
N SER A 71 -11.24 -14.07 -2.19
CA SER A 71 -10.30 -14.87 -2.98
C SER A 71 -9.46 -15.85 -2.12
N ASP A 72 -9.97 -16.24 -0.93
CA ASP A 72 -9.31 -17.04 0.14
C ASP A 72 -8.81 -18.44 -0.32
N ASP A 73 -9.23 -18.88 -1.52
CA ASP A 73 -8.85 -20.07 -2.32
C ASP A 73 -7.34 -20.16 -2.70
N GLU A 74 -6.49 -20.06 -1.69
CA GLU A 74 -5.02 -19.95 -1.74
C GLU A 74 -4.29 -21.24 -1.38
N VAL A 75 -2.96 -21.25 -1.56
CA VAL A 75 -2.07 -22.43 -1.42
C VAL A 75 -2.28 -23.22 -0.13
N GLU A 76 -2.23 -24.56 -0.28
CA GLU A 76 -2.31 -25.65 0.71
C GLU A 76 -3.57 -25.75 1.56
N GLU A 77 -4.17 -24.61 1.93
CA GLU A 77 -5.56 -24.52 2.43
C GLU A 77 -6.58 -24.95 1.37
N SER A 78 -6.20 -24.81 0.10
CA SER A 78 -6.94 -25.35 -1.05
C SER A 78 -6.08 -25.78 -2.28
N PHE A 79 -4.75 -25.84 -2.12
CA PHE A 79 -3.75 -26.12 -3.17
C PHE A 79 -3.96 -25.30 -4.47
N GLY A 1 6.17 25.41 -16.87
CA GLY A 1 6.89 25.94 -15.68
C GLY A 1 8.18 25.19 -15.42
N SER A 2 9.17 25.88 -14.85
CA SER A 2 10.56 25.38 -14.69
C SER A 2 11.17 25.60 -13.29
N HIS A 3 10.40 26.10 -12.31
CA HIS A 3 10.83 26.26 -10.90
C HIS A 3 11.00 24.90 -10.17
N MET A 4 10.32 23.86 -10.66
CA MET A 4 10.26 22.50 -10.07
C MET A 4 9.75 22.47 -8.61
N LEU A 5 9.87 21.32 -7.94
CA LEU A 5 9.40 21.06 -6.56
C LEU A 5 10.13 21.85 -5.45
N LEU A 6 11.20 22.59 -5.78
CA LEU A 6 12.08 23.36 -4.87
C LEU A 6 11.36 23.97 -3.64
N GLU A 7 11.69 23.42 -2.46
CA GLU A 7 11.21 23.81 -1.10
C GLU A 7 9.70 23.63 -0.83
N PHE A 8 8.93 23.06 -1.76
CA PHE A 8 7.50 22.77 -1.58
C PHE A 8 7.23 21.41 -0.89
N LYS A 9 6.14 21.31 -0.14
CA LYS A 9 5.66 20.14 0.62
C LYS A 9 5.30 18.88 -0.22
N GLN A 10 4.83 19.08 -1.45
CA GLN A 10 4.04 18.12 -2.26
C GLN A 10 4.84 16.94 -2.76
N PHE A 11 6.17 17.07 -2.77
CA PHE A 11 7.07 15.99 -3.16
C PHE A 11 6.86 14.75 -2.29
N LEU A 12 6.51 14.97 -1.02
CA LEU A 12 6.21 13.91 -0.06
C LEU A 12 4.85 13.21 -0.24
N TYR A 13 3.95 13.92 -0.90
CA TYR A 13 2.53 13.61 -1.03
C TYR A 13 2.18 13.01 -2.40
N GLU A 14 3.02 13.27 -3.43
CA GLU A 14 3.12 12.47 -4.67
C GLU A 14 3.89 11.14 -4.51
N ALA A 15 4.80 11.09 -3.53
CA ALA A 15 5.62 9.93 -3.14
C ALA A 15 4.81 8.74 -2.61
N SER A 16 3.75 9.11 -1.89
CA SER A 16 3.01 8.31 -0.93
C SER A 16 2.41 7.01 -1.53
N ILE A 17 2.08 7.08 -2.82
CA ILE A 17 1.10 6.25 -3.55
C ILE A 17 1.69 5.79 -4.92
N ASP A 18 3.01 5.95 -5.09
CA ASP A 18 3.77 5.72 -6.33
C ASP A 18 4.32 4.29 -6.47
N GLU A 19 4.41 3.53 -5.37
CA GLU A 19 4.99 2.16 -5.32
C GLU A 19 4.09 1.15 -4.62
N PHE A 20 3.74 1.36 -3.34
CA PHE A 20 2.92 0.45 -2.53
C PHE A 20 1.56 0.18 -3.17
N MET A 21 0.86 1.21 -3.63
CA MET A 21 -0.52 1.12 -4.17
C MET A 21 -0.63 0.18 -5.35
N GLY A 22 0.40 0.13 -6.19
CA GLY A 22 0.54 -0.88 -7.24
C GLY A 22 0.90 -2.23 -6.65
N LYS A 23 1.75 -2.28 -5.63
CA LYS A 23 2.20 -3.49 -5.00
C LYS A 23 1.00 -4.24 -4.40
N ILE A 24 0.10 -3.50 -3.73
CA ILE A 24 -1.22 -3.98 -3.30
C ILE A 24 -2.26 -4.20 -4.40
N ALA A 25 -2.36 -3.30 -5.38
CA ALA A 25 -3.30 -3.49 -6.48
C ALA A 25 -2.91 -4.74 -7.31
N SER A 26 -1.64 -5.14 -7.21
CA SER A 26 -1.04 -6.28 -7.87
C SER A 26 -0.63 -7.42 -6.92
N CYS A 27 -1.07 -7.43 -5.65
CA CYS A 27 -0.56 -8.36 -4.66
C CYS A 27 -0.89 -9.84 -4.96
N GLN A 28 -1.90 -10.06 -5.82
CA GLN A 28 -2.47 -11.30 -6.39
C GLN A 28 -3.01 -12.35 -5.39
N THR A 29 -2.80 -12.13 -4.10
CA THR A 29 -3.01 -13.09 -3.02
C THR A 29 -3.29 -12.30 -1.77
N LEU A 30 -4.23 -12.74 -0.94
CA LEU A 30 -4.46 -12.01 0.29
C LEU A 30 -3.28 -12.22 1.23
N GLU A 31 -2.76 -13.42 1.16
CA GLU A 31 -1.68 -13.90 1.94
C GLU A 31 -0.42 -13.10 1.68
N GLY A 32 -0.26 -12.66 0.44
CA GLY A 32 0.67 -11.61 0.09
C GLY A 32 0.29 -10.20 0.50
N LEU A 33 -0.95 -9.79 0.35
CA LEU A 33 -1.44 -8.48 0.78
C LEU A 33 -1.27 -8.21 2.26
N GLU A 34 -1.50 -9.24 3.03
CA GLU A 34 -1.23 -9.41 4.46
C GLU A 34 0.27 -9.37 4.82
N GLU A 35 1.13 -9.86 3.92
CA GLU A 35 2.61 -9.69 4.00
C GLU A 35 3.03 -8.27 3.63
N LEU A 36 2.37 -7.67 2.64
CA LEU A 36 2.44 -6.25 2.32
C LEU A 36 1.93 -5.42 3.50
N GLU A 37 0.90 -5.89 4.20
CA GLU A 37 0.30 -5.22 5.34
C GLU A 37 1.26 -5.16 6.51
N ALA A 38 1.89 -6.31 6.76
CA ALA A 38 2.97 -6.37 7.70
C ALA A 38 4.14 -5.50 7.23
N TYR A 39 4.57 -5.60 5.98
CA TYR A 39 5.72 -4.86 5.44
C TYR A 39 5.49 -3.33 5.47
N TYR A 40 4.25 -2.87 5.29
CA TYR A 40 3.79 -1.52 5.53
C TYR A 40 4.03 -1.15 7.02
N LYS A 41 3.49 -1.93 7.95
CA LYS A 41 3.68 -1.66 9.39
C LYS A 41 5.17 -1.68 9.84
N LYS A 42 5.98 -2.56 9.25
CA LYS A 42 7.38 -2.83 9.49
C LYS A 42 8.30 -1.66 9.08
N ARG A 43 8.02 -0.94 8.00
CA ARG A 43 8.51 0.44 7.85
C ARG A 43 7.87 1.47 8.77
N VAL A 44 6.56 1.54 8.91
CA VAL A 44 5.87 2.65 9.57
C VAL A 44 6.13 2.78 11.07
N LYS A 45 6.71 1.76 11.68
CA LYS A 45 7.32 1.86 13.01
C LYS A 45 8.60 2.74 13.07
N GLU A 46 9.33 2.76 11.94
CA GLU A 46 10.58 3.45 11.57
C GLU A 46 10.34 4.70 10.72
N THR A 47 9.11 4.75 10.19
CA THR A 47 8.35 5.94 9.80
C THR A 47 9.01 7.03 8.96
N GLU A 48 8.46 7.14 7.74
CA GLU A 48 8.20 8.41 7.04
C GLU A 48 6.77 8.61 6.56
N LEU A 49 5.90 7.73 7.04
CA LEU A 49 4.46 7.70 6.84
C LEU A 49 3.78 8.89 7.52
N LYS A 50 3.77 9.98 6.75
CA LYS A 50 2.79 11.06 6.85
C LYS A 50 1.34 10.54 6.80
N ASP A 51 0.37 11.40 7.10
CA ASP A 51 -1.07 11.04 7.09
C ASP A 51 -1.54 10.61 5.69
N THR A 52 -1.06 11.31 4.66
CA THR A 52 -1.51 11.20 3.26
C THR A 52 -1.35 9.80 2.68
N ASP A 53 -0.16 9.19 2.85
CA ASP A 53 0.11 7.82 2.41
C ASP A 53 -0.82 6.86 3.12
N ASP A 54 -0.95 7.06 4.43
CA ASP A 54 -1.58 6.05 5.28
C ASP A 54 -3.02 5.81 4.87
N ILE A 55 -3.78 6.88 4.67
CA ILE A 55 -5.20 6.72 4.33
C ILE A 55 -5.39 6.13 2.94
N SER A 56 -4.64 6.71 2.00
CA SER A 56 -4.84 6.39 0.61
C SER A 56 -4.52 4.92 0.29
N VAL A 57 -3.33 4.53 0.75
CA VAL A 57 -2.83 3.16 0.68
C VAL A 57 -3.59 2.19 1.56
N ARG A 58 -3.88 2.53 2.82
CA ARG A 58 -4.51 1.53 3.70
C ARG A 58 -5.92 1.26 3.27
N ASP A 59 -6.62 2.29 2.80
CA ASP A 59 -8.01 2.11 2.41
C ASP A 59 -8.15 1.23 1.15
N ALA A 60 -7.13 1.30 0.29
CA ALA A 60 -6.81 0.45 -0.84
C ALA A 60 -6.32 -0.96 -0.51
N LEU A 61 -5.44 -1.07 0.48
CA LEU A 61 -4.85 -2.29 0.98
C LEU A 61 -5.88 -3.12 1.72
N ALA A 62 -6.58 -2.49 2.67
CA ALA A 62 -7.84 -2.97 3.20
C ALA A 62 -8.95 -3.10 2.14
N GLY A 63 -8.87 -2.24 1.13
CA GLY A 63 -9.72 -2.15 -0.06
C GLY A 63 -9.70 -3.47 -0.80
N LYS A 64 -8.47 -3.92 -1.10
CA LYS A 64 -8.12 -5.19 -1.70
C LYS A 64 -8.34 -6.35 -0.75
N ARG A 65 -8.12 -6.17 0.54
CA ARG A 65 -8.17 -7.24 1.53
C ARG A 65 -9.51 -7.92 1.47
N ALA A 66 -10.60 -7.17 1.49
CA ALA A 66 -11.95 -7.74 1.37
C ALA A 66 -12.14 -8.54 0.08
N GLU A 67 -11.53 -8.09 -1.01
CA GLU A 67 -11.61 -8.71 -2.33
C GLU A 67 -10.92 -10.06 -2.30
N LEU A 68 -9.73 -10.00 -1.75
CA LEU A 68 -8.79 -11.09 -1.58
C LEU A 68 -9.23 -12.17 -0.63
N GLU A 69 -9.97 -11.75 0.40
CA GLU A 69 -10.58 -12.50 1.46
C GLU A 69 -11.80 -13.25 0.98
N ASP A 70 -12.47 -12.64 -0.01
CA ASP A 70 -13.40 -13.35 -0.89
C ASP A 70 -12.62 -14.28 -1.82
N SER A 71 -11.39 -13.88 -2.19
CA SER A 71 -10.62 -14.67 -3.16
C SER A 71 -10.04 -15.97 -2.59
N ASP A 72 -9.70 -15.87 -1.32
CA ASP A 72 -8.90 -16.76 -0.45
C ASP A 72 -7.63 -17.35 -1.11
N ASP A 73 -7.15 -16.74 -2.21
CA ASP A 73 -5.97 -17.21 -2.96
C ASP A 73 -4.64 -17.03 -2.21
N GLU A 74 -3.70 -17.95 -2.44
CA GLU A 74 -2.48 -18.21 -1.64
C GLU A 74 -1.25 -18.46 -2.52
N VAL A 75 -0.07 -18.30 -1.93
CA VAL A 75 1.19 -18.08 -2.67
C VAL A 75 1.89 -19.34 -3.20
N GLU A 76 1.30 -20.52 -3.03
CA GLU A 76 2.04 -21.80 -3.01
C GLU A 76 1.28 -23.05 -3.46
N GLU A 77 -0.05 -23.08 -3.27
CA GLU A 77 -0.86 -24.27 -3.60
C GLU A 77 -1.01 -24.43 -5.11
N SER A 78 -1.10 -23.29 -5.79
CA SER A 78 -1.24 -23.24 -7.26
C SER A 78 -0.51 -22.09 -7.98
N PHE A 79 0.32 -21.33 -7.26
CA PHE A 79 1.01 -20.12 -7.76
C PHE A 79 2.08 -20.44 -8.84
N GLY A 1 23.08 22.07 -2.34
CA GLY A 1 21.61 22.16 -2.17
C GLY A 1 20.99 23.14 -3.17
N SER A 2 20.26 24.14 -2.67
CA SER A 2 19.68 25.31 -3.39
C SER A 2 18.63 25.05 -4.51
N HIS A 3 18.57 23.86 -5.11
CA HIS A 3 17.70 23.54 -6.26
C HIS A 3 16.99 22.16 -6.17
N MET A 4 17.15 21.44 -5.06
CA MET A 4 16.58 20.10 -4.86
C MET A 4 15.11 20.13 -4.38
N LEU A 5 14.38 19.02 -4.59
CA LEU A 5 12.99 18.85 -4.16
C LEU A 5 12.77 18.93 -2.62
N LEU A 6 13.81 18.64 -1.84
CA LEU A 6 13.80 18.66 -0.37
C LEU A 6 13.51 20.07 0.22
N GLU A 7 13.60 21.14 -0.59
CA GLU A 7 13.16 22.52 -0.24
C GLU A 7 11.65 22.65 0.02
N PHE A 8 10.85 21.63 -0.32
CA PHE A 8 9.39 21.61 -0.19
C PHE A 8 8.88 20.26 0.39
N LYS A 9 7.71 20.27 1.03
CA LYS A 9 7.06 19.10 1.64
C LYS A 9 6.48 18.09 0.63
N GLN A 10 6.02 18.57 -0.53
CA GLN A 10 5.16 17.85 -1.50
C GLN A 10 5.81 16.65 -2.16
N PHE A 11 7.14 16.55 -2.09
CA PHE A 11 7.85 15.37 -2.55
C PHE A 11 7.38 14.12 -1.81
N LEU A 12 7.00 14.28 -0.53
CA LEU A 12 6.49 13.22 0.31
C LEU A 12 5.02 12.85 0.07
N TYR A 13 4.28 13.79 -0.49
CA TYR A 13 2.84 13.73 -0.73
C TYR A 13 2.48 13.20 -2.14
N GLU A 14 3.41 13.30 -3.10
CA GLU A 14 3.45 12.45 -4.33
C GLU A 14 3.98 11.03 -4.08
N ALA A 15 4.80 10.88 -3.04
CA ALA A 15 5.59 9.68 -2.75
C ALA A 15 4.74 8.42 -2.56
N SER A 16 3.70 8.65 -1.76
CA SER A 16 3.02 7.66 -0.95
C SER A 16 2.44 6.49 -1.76
N ILE A 17 2.02 6.81 -2.98
CA ILE A 17 1.03 6.10 -3.79
C ILE A 17 1.60 5.78 -5.20
N ASP A 18 2.88 6.14 -5.44
CA ASP A 18 3.57 6.03 -6.73
C ASP A 18 3.90 4.57 -7.14
N GLU A 19 4.12 3.71 -6.15
CA GLU A 19 4.38 2.26 -6.31
C GLU A 19 3.57 1.35 -5.38
N PHE A 20 3.42 1.74 -4.11
CA PHE A 20 2.78 0.98 -3.03
C PHE A 20 1.33 0.59 -3.34
N MET A 21 0.50 1.52 -3.78
CA MET A 21 -0.90 1.29 -4.23
C MET A 21 -0.99 0.30 -5.38
N GLY A 22 0.05 0.25 -6.20
CA GLY A 22 0.26 -0.78 -7.22
C GLY A 22 0.67 -2.10 -6.59
N LYS A 23 1.51 -2.08 -5.55
CA LYS A 23 2.11 -3.21 -4.92
C LYS A 23 0.98 -4.02 -4.27
N ILE A 24 0.05 -3.32 -3.60
CA ILE A 24 -1.23 -3.87 -3.17
C ILE A 24 -2.27 -4.15 -4.26
N ALA A 25 -2.46 -3.28 -5.24
CA ALA A 25 -3.42 -3.54 -6.33
C ALA A 25 -3.01 -4.77 -7.16
N SER A 26 -1.72 -5.11 -7.10
CA SER A 26 -1.07 -6.21 -7.77
C SER A 26 -0.60 -7.34 -6.83
N CYS A 27 -1.04 -7.34 -5.56
CA CYS A 27 -0.51 -8.25 -4.56
C CYS A 27 -0.77 -9.76 -4.87
N GLN A 28 -1.77 -9.99 -5.74
CA GLN A 28 -2.29 -11.27 -6.32
C GLN A 28 -2.79 -12.33 -5.32
N THR A 29 -2.61 -12.08 -4.03
CA THR A 29 -2.78 -13.05 -2.94
C THR A 29 -3.12 -12.27 -1.70
N LEU A 30 -4.05 -12.74 -0.87
CA LEU A 30 -4.31 -12.01 0.35
C LEU A 30 -3.15 -12.16 1.29
N GLU A 31 -2.57 -13.33 1.22
CA GLU A 31 -1.48 -13.79 2.02
C GLU A 31 -0.25 -12.94 1.78
N GLY A 32 -0.08 -12.51 0.54
CA GLY A 32 0.83 -11.42 0.19
C GLY A 32 0.37 -10.02 0.58
N LEU A 33 -0.89 -9.65 0.40
CA LEU A 33 -1.42 -8.36 0.81
C LEU A 33 -1.28 -8.08 2.30
N GLU A 34 -1.46 -9.12 3.07
CA GLU A 34 -1.22 -9.28 4.50
C GLU A 34 0.27 -9.19 4.89
N GLU A 35 1.17 -9.65 4.02
CA GLU A 35 2.63 -9.45 4.11
C GLU A 35 3.01 -8.01 3.75
N LEU A 36 2.36 -7.45 2.75
CA LEU A 36 2.38 -6.03 2.42
C LEU A 36 1.82 -5.21 3.58
N GLU A 37 0.77 -5.71 4.26
CA GLU A 37 0.14 -5.08 5.40
C GLU A 37 1.06 -5.03 6.58
N ALA A 38 1.74 -6.14 6.82
CA ALA A 38 2.80 -6.15 7.80
C ALA A 38 3.93 -5.21 7.36
N TYR A 39 4.41 -5.29 6.11
CA TYR A 39 5.56 -4.50 5.64
C TYR A 39 5.29 -2.98 5.71
N TYR A 40 4.03 -2.59 5.48
CA TYR A 40 3.50 -1.25 5.69
C TYR A 40 3.66 -0.84 7.15
N LYS A 41 3.11 -1.64 8.07
CA LYS A 41 3.22 -1.39 9.51
C LYS A 41 4.69 -1.36 10.04
N LYS A 42 5.53 -2.24 9.49
CA LYS A 42 6.94 -2.42 9.73
C LYS A 42 7.77 -1.22 9.24
N ARG A 43 7.49 -0.66 8.07
CA ARG A 43 8.12 0.58 7.60
C ARG A 43 7.72 1.87 8.33
N VAL A 44 6.42 2.08 8.60
CA VAL A 44 5.82 3.30 9.12
C VAL A 44 6.53 3.86 10.35
N LYS A 45 6.88 2.96 11.24
CA LYS A 45 7.61 3.21 12.49
C LYS A 45 9.09 3.60 12.28
N GLU A 46 9.68 3.01 11.22
CA GLU A 46 11.11 2.93 10.88
C GLU A 46 11.54 4.15 10.07
N THR A 47 10.53 4.87 9.60
CA THR A 47 10.68 6.16 8.92
C THR A 47 9.44 7.05 9.15
N GLU A 48 8.87 7.68 8.11
CA GLU A 48 8.02 8.87 8.21
C GLU A 48 6.82 8.77 7.30
N LEU A 49 6.06 7.70 7.50
CA LEU A 49 4.73 7.61 6.92
C LEU A 49 3.79 8.68 7.51
N LYS A 50 3.76 9.81 6.80
CA LYS A 50 2.73 10.85 6.88
C LYS A 50 1.30 10.28 6.81
N ASP A 51 0.32 11.10 7.13
CA ASP A 51 -1.11 10.73 7.13
C ASP A 51 -1.63 10.32 5.75
N THR A 52 -1.15 10.97 4.70
CA THR A 52 -1.66 10.89 3.32
C THR A 52 -1.54 9.50 2.73
N ASP A 53 -0.37 8.88 2.93
CA ASP A 53 -0.10 7.54 2.47
C ASP A 53 -1.07 6.58 3.13
N ASP A 54 -1.19 6.75 4.45
CA ASP A 54 -1.76 5.75 5.33
C ASP A 54 -3.18 5.47 4.95
N ILE A 55 -3.94 6.51 4.72
CA ILE A 55 -5.31 6.39 4.19
C ILE A 55 -5.48 5.92 2.76
N SER A 56 -4.69 6.51 1.86
CA SER A 56 -4.91 6.25 0.44
C SER A 56 -4.65 4.78 0.12
N VAL A 57 -3.49 4.36 0.61
CA VAL A 57 -2.99 3.00 0.61
C VAL A 57 -3.75 2.07 1.52
N ARG A 58 -4.08 2.43 2.78
CA ARG A 58 -4.85 1.49 3.62
C ARG A 58 -6.20 1.19 3.05
N ASP A 59 -6.89 2.22 2.56
CA ASP A 59 -8.28 2.03 2.18
C ASP A 59 -8.40 1.14 0.95
N ALA A 60 -7.35 1.20 0.14
CA ALA A 60 -6.99 0.32 -0.96
C ALA A 60 -6.51 -1.09 -0.58
N LEU A 61 -5.65 -1.19 0.41
CA LEU A 61 -5.05 -2.39 0.95
C LEU A 61 -6.11 -3.20 1.69
N ALA A 62 -6.82 -2.55 2.60
CA ALA A 62 -8.10 -3.03 3.11
C ALA A 62 -9.17 -3.20 2.03
N GLY A 63 -9.08 -2.35 1.00
CA GLY A 63 -9.87 -2.32 -0.21
C GLY A 63 -9.83 -3.68 -0.89
N LYS A 64 -8.60 -4.11 -1.16
CA LYS A 64 -8.22 -5.38 -1.72
C LYS A 64 -8.43 -6.54 -0.76
N ARG A 65 -8.23 -6.34 0.53
CA ARG A 65 -8.25 -7.40 1.53
C ARG A 65 -9.56 -8.16 1.46
N ALA A 66 -10.68 -7.44 1.44
CA ALA A 66 -12.00 -8.06 1.30
C ALA A 66 -12.15 -8.88 0.03
N GLU A 67 -11.54 -8.40 -1.07
CA GLU A 67 -11.59 -9.04 -2.38
C GLU A 67 -10.85 -10.35 -2.34
N LEU A 68 -9.66 -10.24 -1.76
CA LEU A 68 -8.69 -11.28 -1.59
C LEU A 68 -9.09 -12.40 -0.64
N GLU A 69 -9.86 -12.01 0.37
CA GLU A 69 -10.52 -12.79 1.39
C GLU A 69 -11.74 -13.51 0.85
N ASP A 70 -12.38 -12.86 -0.14
CA ASP A 70 -13.28 -13.49 -1.12
C ASP A 70 -12.52 -14.32 -2.17
N SER A 71 -11.19 -14.16 -2.22
CA SER A 71 -10.28 -14.91 -3.11
C SER A 71 -9.26 -15.80 -2.34
N ASP A 72 -9.69 -16.34 -1.19
CA ASP A 72 -8.89 -17.01 -0.13
C ASP A 72 -7.95 -18.15 -0.60
N ASP A 73 -8.15 -18.68 -1.82
CA ASP A 73 -7.34 -19.66 -2.54
C ASP A 73 -5.82 -19.47 -2.35
N GLU A 74 -5.14 -20.52 -1.85
CA GLU A 74 -3.86 -20.39 -1.14
C GLU A 74 -2.65 -20.60 -2.05
N VAL A 75 -1.78 -19.57 -2.14
CA VAL A 75 -0.77 -19.27 -3.18
C VAL A 75 -1.30 -19.22 -4.61
N GLU A 76 -1.93 -20.30 -5.01
CA GLU A 76 -2.37 -20.66 -6.36
C GLU A 76 -3.70 -21.43 -6.40
N GLU A 77 -3.99 -22.19 -5.32
CA GLU A 77 -5.14 -23.11 -5.23
C GLU A 77 -5.44 -23.51 -3.78
N SER A 78 -4.44 -24.08 -3.09
CA SER A 78 -4.63 -24.92 -1.89
C SER A 78 -3.34 -25.17 -1.06
N PHE A 79 -2.29 -24.36 -1.27
CA PHE A 79 -0.95 -24.53 -0.68
C PHE A 79 -0.95 -24.60 0.87
N GLY A 1 9.45 25.82 -11.28
CA GLY A 1 10.15 26.54 -10.19
C GLY A 1 10.63 25.59 -9.11
N SER A 2 11.91 25.69 -8.72
CA SER A 2 12.57 24.82 -7.73
C SER A 2 11.94 24.82 -6.32
N HIS A 3 11.17 25.87 -5.98
CA HIS A 3 10.38 26.00 -4.74
C HIS A 3 9.12 25.11 -4.66
N MET A 4 8.82 24.30 -5.68
CA MET A 4 7.64 23.44 -5.83
C MET A 4 6.30 24.21 -5.86
N LEU A 5 5.18 23.47 -5.95
CA LEU A 5 3.86 24.01 -6.32
C LEU A 5 3.31 25.03 -5.28
N LEU A 6 3.52 24.74 -4.00
CA LEU A 6 3.17 25.59 -2.85
C LEU A 6 4.10 25.39 -1.63
N GLU A 7 4.64 24.18 -1.42
CA GLU A 7 5.53 23.80 -0.30
C GLU A 7 6.59 22.77 -0.72
N PHE A 8 7.72 22.76 -0.02
CA PHE A 8 8.82 21.79 -0.22
C PHE A 8 8.45 20.31 0.05
N LYS A 9 7.34 20.06 0.74
CA LYS A 9 6.89 18.73 1.19
C LYS A 9 6.28 17.85 0.07
N GLN A 10 5.64 18.49 -0.92
CA GLN A 10 4.53 17.90 -1.70
C GLN A 10 4.95 16.85 -2.70
N PHE A 11 6.25 16.85 -3.03
CA PHE A 11 6.81 15.82 -3.87
C PHE A 11 6.62 14.42 -3.24
N LEU A 12 6.64 14.35 -1.90
CA LEU A 12 6.45 13.10 -1.16
C LEU A 12 4.99 12.66 -0.97
N TYR A 13 4.11 13.63 -0.97
CA TYR A 13 2.70 13.47 -0.69
C TYR A 13 2.02 12.80 -1.92
N GLU A 14 2.62 12.94 -3.13
CA GLU A 14 2.42 12.06 -4.31
C GLU A 14 3.16 10.72 -4.20
N ALA A 15 4.45 10.76 -3.80
CA ALA A 15 5.35 9.60 -3.60
C ALA A 15 4.75 8.46 -2.76
N SER A 16 3.91 8.87 -1.82
CA SER A 16 3.26 8.09 -0.78
C SER A 16 2.41 6.95 -1.36
N ILE A 17 1.91 7.15 -2.58
CA ILE A 17 0.87 6.39 -3.31
C ILE A 17 1.36 5.99 -4.74
N ASP A 18 2.68 6.14 -4.98
CA ASP A 18 3.35 5.92 -6.28
C ASP A 18 4.07 4.56 -6.40
N GLU A 19 4.13 3.78 -5.30
CA GLU A 19 4.79 2.46 -5.21
C GLU A 19 3.92 1.40 -4.54
N PHE A 20 3.56 1.57 -3.27
CA PHE A 20 2.76 0.61 -2.49
C PHE A 20 1.39 0.36 -3.09
N MET A 21 0.69 1.39 -3.53
CA MET A 21 -0.69 1.30 -4.02
C MET A 21 -0.83 0.35 -5.21
N GLY A 22 0.18 0.32 -6.05
CA GLY A 22 0.34 -0.67 -7.11
C GLY A 22 0.72 -2.03 -6.54
N LYS A 23 1.59 -2.08 -5.53
CA LYS A 23 2.11 -3.30 -4.95
C LYS A 23 0.96 -4.08 -4.29
N ILE A 24 0.08 -3.37 -3.57
CA ILE A 24 -1.16 -3.90 -3.03
C ILE A 24 -2.24 -4.18 -4.07
N ALA A 25 -2.43 -3.30 -5.06
CA ALA A 25 -3.37 -3.56 -6.15
C ALA A 25 -2.94 -4.77 -7.02
N SER A 26 -1.63 -5.05 -7.02
CA SER A 26 -0.97 -6.13 -7.74
C SER A 26 -0.61 -7.33 -6.84
N CYS A 27 -1.12 -7.39 -5.61
CA CYS A 27 -0.55 -8.31 -4.65
C CYS A 27 -0.83 -9.81 -4.95
N GLN A 28 -1.86 -10.07 -5.78
CA GLN A 28 -2.33 -11.35 -6.36
C GLN A 28 -2.82 -12.42 -5.35
N THR A 29 -2.66 -12.14 -4.07
CA THR A 29 -2.88 -13.07 -2.96
C THR A 29 -3.23 -12.25 -1.75
N LEU A 30 -4.21 -12.70 -0.95
CA LEU A 30 -4.47 -11.98 0.27
C LEU A 30 -3.32 -12.18 1.24
N GLU A 31 -2.79 -13.38 1.19
CA GLU A 31 -1.73 -13.83 2.01
C GLU A 31 -0.47 -13.03 1.78
N GLY A 32 -0.25 -12.62 0.54
CA GLY A 32 0.70 -11.57 0.21
C GLY A 32 0.30 -10.16 0.57
N LEU A 33 -0.94 -9.76 0.39
CA LEU A 33 -1.44 -8.44 0.79
C LEU A 33 -1.31 -8.15 2.27
N GLU A 34 -1.58 -9.17 3.05
CA GLU A 34 -1.34 -9.33 4.48
C GLU A 34 0.15 -9.30 4.89
N GLU A 35 1.03 -9.80 4.02
CA GLU A 35 2.51 -9.63 4.13
C GLU A 35 2.94 -8.22 3.77
N LEU A 36 2.35 -7.63 2.75
CA LEU A 36 2.44 -6.22 2.40
C LEU A 36 1.88 -5.36 3.56
N GLU A 37 0.82 -5.83 4.23
CA GLU A 37 0.19 -5.14 5.33
C GLU A 37 1.10 -5.09 6.53
N ALA A 38 1.72 -6.23 6.81
CA ALA A 38 2.75 -6.29 7.81
C ALA A 38 3.95 -5.43 7.40
N TYR A 39 4.47 -5.57 6.17
CA TYR A 39 5.67 -4.83 5.71
C TYR A 39 5.46 -3.30 5.68
N TYR A 40 4.24 -2.86 5.40
CA TYR A 40 3.73 -1.49 5.59
C TYR A 40 3.86 -1.09 7.05
N LYS A 41 3.26 -1.86 7.97
CA LYS A 41 3.34 -1.54 9.40
C LYS A 41 4.78 -1.55 9.96
N LYS A 42 5.64 -2.46 9.47
CA LYS A 42 7.02 -2.73 9.82
C LYS A 42 7.97 -1.57 9.47
N ARG A 43 7.68 -0.89 8.36
CA ARG A 43 8.34 0.36 7.95
C ARG A 43 7.98 1.55 8.82
N VAL A 44 6.71 1.71 9.14
CA VAL A 44 6.11 3.01 9.43
C VAL A 44 6.52 3.63 10.77
N LYS A 45 7.06 2.79 11.63
CA LYS A 45 7.75 3.16 12.86
C LYS A 45 9.23 3.59 12.67
N GLU A 46 9.85 3.03 11.63
CA GLU A 46 11.27 3.08 11.21
C GLU A 46 11.55 4.30 10.35
N THR A 47 10.48 4.95 9.92
CA THR A 47 10.52 6.16 9.08
C THR A 47 9.28 7.06 9.26
N GLU A 48 8.88 7.85 8.24
CA GLU A 48 8.15 9.12 8.32
C GLU A 48 6.95 9.17 7.38
N LEU A 49 6.25 8.04 7.30
CA LEU A 49 4.88 7.98 6.83
C LEU A 49 4.05 9.07 7.53
N LYS A 50 3.23 9.69 6.71
CA LYS A 50 2.28 10.74 7.02
C LYS A 50 0.86 10.23 6.75
N ASP A 51 -0.13 11.01 7.12
CA ASP A 51 -1.54 10.66 6.92
C ASP A 51 -1.79 10.31 5.44
N THR A 52 -1.17 11.08 4.56
CA THR A 52 -1.28 10.96 3.11
C THR A 52 -0.83 9.62 2.52
N ASP A 53 0.28 9.00 2.94
CA ASP A 53 0.47 7.57 2.58
C ASP A 53 -0.60 6.75 3.26
N ASP A 54 -0.72 6.95 4.57
CA ASP A 54 -1.25 5.92 5.43
C ASP A 54 -2.71 5.60 5.15
N ILE A 55 -3.54 6.62 5.03
CA ILE A 55 -4.99 6.42 4.78
C ILE A 55 -5.25 5.85 3.41
N SER A 56 -4.58 6.48 2.44
CA SER A 56 -4.86 6.28 1.04
C SER A 56 -4.56 4.85 0.62
N VAL A 57 -3.36 4.43 1.02
CA VAL A 57 -2.85 3.09 0.84
C VAL A 57 -3.59 2.06 1.68
N ARG A 58 -3.85 2.30 2.98
CA ARG A 58 -4.55 1.28 3.76
C ARG A 58 -5.97 1.10 3.30
N ASP A 59 -6.62 2.17 2.84
CA ASP A 59 -8.00 2.06 2.36
C ASP A 59 -8.11 1.21 1.07
N ALA A 60 -7.07 1.28 0.24
CA ALA A 60 -6.76 0.48 -0.94
C ALA A 60 -6.31 -0.95 -0.66
N LEU A 61 -5.47 -1.11 0.36
CA LEU A 61 -4.95 -2.36 0.86
C LEU A 61 -6.06 -3.18 1.49
N ALA A 62 -6.79 -2.55 2.39
CA ALA A 62 -8.11 -2.99 2.86
C ALA A 62 -9.13 -3.09 1.72
N GLY A 63 -8.94 -2.23 0.72
CA GLY A 63 -9.68 -2.12 -0.52
C GLY A 63 -9.66 -3.45 -1.25
N LYS A 64 -8.43 -3.95 -1.47
CA LYS A 64 -8.12 -5.26 -1.98
C LYS A 64 -8.42 -6.39 -1.01
N ARG A 65 -8.25 -6.20 0.29
CA ARG A 65 -8.32 -7.25 1.30
C ARG A 65 -9.64 -7.97 1.21
N ALA A 66 -10.74 -7.22 1.14
CA ALA A 66 -12.07 -7.81 0.98
C ALA A 66 -12.19 -8.64 -0.31
N GLU A 67 -11.54 -8.19 -1.39
CA GLU A 67 -11.57 -8.84 -2.70
C GLU A 67 -10.88 -10.17 -2.62
N LEU A 68 -9.70 -10.08 -2.03
CA LEU A 68 -8.75 -11.14 -1.82
C LEU A 68 -9.20 -12.25 -0.87
N GLU A 69 -9.99 -11.82 0.11
CA GLU A 69 -10.69 -12.56 1.12
C GLU A 69 -11.91 -13.27 0.55
N ASP A 70 -12.52 -12.64 -0.45
CA ASP A 70 -13.40 -13.31 -1.44
C ASP A 70 -12.59 -14.23 -2.36
N SER A 71 -11.28 -14.00 -2.45
CA SER A 71 -10.34 -14.83 -3.22
C SER A 71 -9.47 -15.77 -2.35
N ASP A 72 -9.96 -16.12 -1.15
CA ASP A 72 -9.23 -16.84 -0.08
C ASP A 72 -8.59 -18.18 -0.55
N ASP A 73 -9.15 -18.79 -1.60
CA ASP A 73 -8.68 -20.05 -2.22
C ASP A 73 -7.75 -19.77 -3.41
N GLU A 74 -6.48 -19.57 -3.07
CA GLU A 74 -5.42 -19.02 -3.94
C GLU A 74 -4.83 -20.10 -4.86
N VAL A 75 -5.12 -19.97 -6.17
CA VAL A 75 -4.92 -20.95 -7.28
C VAL A 75 -5.65 -22.29 -7.12
N GLU A 76 -5.41 -22.91 -5.99
CA GLU A 76 -5.76 -24.30 -5.61
C GLU A 76 -6.06 -24.47 -4.12
N GLU A 77 -5.44 -23.62 -3.29
CA GLU A 77 -5.51 -23.65 -1.82
C GLU A 77 -5.00 -22.36 -1.17
N SER A 78 -3.76 -22.00 -1.50
CA SER A 78 -2.93 -21.06 -0.71
C SER A 78 -1.63 -20.61 -1.44
N PHE A 79 -1.63 -20.61 -2.78
CA PHE A 79 -0.42 -20.55 -3.63
C PHE A 79 -0.48 -19.38 -4.64
N GLY A 1 -4.84 21.31 -16.71
CA GLY A 1 -3.43 21.32 -16.23
C GLY A 1 -2.73 20.01 -16.53
N SER A 2 -1.60 20.06 -17.23
CA SER A 2 -0.90 18.88 -17.78
C SER A 2 0.64 18.92 -17.59
N HIS A 3 1.15 19.83 -16.76
CA HIS A 3 2.60 20.03 -16.50
C HIS A 3 2.85 20.59 -15.07
N MET A 4 3.88 20.05 -14.40
CA MET A 4 4.26 20.30 -12.99
C MET A 4 3.17 20.03 -11.93
N LEU A 5 3.57 20.03 -10.66
CA LEU A 5 2.70 19.82 -9.50
C LEU A 5 1.89 21.08 -9.11
N LEU A 6 2.31 22.27 -9.61
CA LEU A 6 1.79 23.62 -9.29
C LEU A 6 1.91 24.05 -7.81
N GLU A 7 2.52 23.22 -6.96
CA GLU A 7 2.86 23.49 -5.54
C GLU A 7 3.99 22.57 -5.11
N PHE A 8 5.15 23.14 -4.79
CA PHE A 8 6.40 22.40 -4.53
C PHE A 8 6.32 21.41 -3.35
N LYS A 9 5.49 21.72 -2.35
CA LYS A 9 5.24 20.93 -1.13
C LYS A 9 4.73 19.50 -1.37
N GLN A 10 3.98 19.24 -2.44
CA GLN A 10 3.28 17.98 -2.70
C GLN A 10 4.15 16.83 -3.13
N PHE A 11 5.41 17.09 -3.43
CA PHE A 11 6.26 16.01 -3.94
C PHE A 11 6.33 14.86 -2.96
N LEU A 12 6.28 15.22 -1.67
CA LEU A 12 6.34 14.29 -0.56
C LEU A 12 5.05 13.58 -0.15
N TYR A 13 3.96 14.20 -0.55
CA TYR A 13 2.58 13.73 -0.47
C TYR A 13 2.12 12.90 -1.69
N GLU A 14 2.74 13.10 -2.87
CA GLU A 14 2.67 12.20 -4.05
C GLU A 14 3.56 10.95 -3.89
N ALA A 15 4.73 11.12 -3.28
CA ALA A 15 5.69 10.10 -2.85
C ALA A 15 5.07 8.85 -2.20
N SER A 16 4.01 9.10 -1.43
CA SER A 16 3.33 8.20 -0.51
C SER A 16 2.77 6.93 -1.21
N ILE A 17 2.37 7.10 -2.48
CA ILE A 17 1.42 6.27 -3.24
C ILE A 17 2.02 5.86 -4.62
N ASP A 18 3.30 6.20 -4.84
CA ASP A 18 4.01 6.12 -6.14
C ASP A 18 4.31 4.68 -6.59
N GLU A 19 4.49 3.77 -5.62
CA GLU A 19 4.73 2.33 -5.85
C GLU A 19 3.89 1.41 -4.96
N PHE A 20 3.69 1.76 -3.70
CA PHE A 20 2.98 0.99 -2.66
C PHE A 20 1.53 0.65 -3.03
N MET A 21 0.77 1.61 -3.52
CA MET A 21 -0.60 1.43 -4.04
C MET A 21 -0.64 0.42 -5.19
N GLY A 22 0.44 0.37 -5.96
CA GLY A 22 0.71 -0.65 -6.95
C GLY A 22 1.06 -1.99 -6.32
N LYS A 23 1.84 -2.00 -5.24
CA LYS A 23 2.38 -3.17 -4.61
C LYS A 23 1.21 -3.95 -4.01
N ILE A 24 0.28 -3.22 -3.37
CA ILE A 24 -1.01 -3.74 -2.95
C ILE A 24 -2.01 -4.03 -4.07
N ALA A 25 -2.12 -3.17 -5.09
CA ALA A 25 -3.01 -3.46 -6.24
C ALA A 25 -2.53 -4.69 -7.05
N SER A 26 -1.23 -5.01 -6.92
CA SER A 26 -0.52 -6.12 -7.55
C SER A 26 -0.28 -7.29 -6.59
N CYS A 27 -0.91 -7.32 -5.42
CA CYS A 27 -0.47 -8.21 -4.37
C CYS A 27 -0.76 -9.71 -4.69
N GLN A 28 -1.73 -9.95 -5.59
CA GLN A 28 -2.19 -11.22 -6.22
C GLN A 28 -2.74 -12.30 -5.27
N THR A 29 -2.63 -12.08 -3.97
CA THR A 29 -2.88 -13.05 -2.90
C THR A 29 -3.28 -12.28 -1.67
N LEU A 30 -4.26 -12.76 -0.90
CA LEU A 30 -4.55 -12.04 0.33
C LEU A 30 -3.42 -12.24 1.31
N GLU A 31 -2.90 -13.43 1.27
CA GLU A 31 -1.86 -13.93 2.09
C GLU A 31 -0.59 -13.14 1.90
N GLY A 32 -0.34 -12.72 0.67
CA GLY A 32 0.63 -11.68 0.35
C GLY A 32 0.24 -10.27 0.71
N LEU A 33 -0.99 -9.84 0.50
CA LEU A 33 -1.49 -8.52 0.89
C LEU A 33 -1.37 -8.25 2.38
N GLU A 34 -1.66 -9.27 3.15
CA GLU A 34 -1.46 -9.44 4.59
C GLU A 34 0.02 -9.43 5.02
N GLU A 35 0.91 -9.94 4.16
CA GLU A 35 2.39 -9.78 4.29
C GLU A 35 2.84 -8.37 3.94
N LEU A 36 2.24 -7.77 2.92
CA LEU A 36 2.36 -6.35 2.60
C LEU A 36 1.80 -5.52 3.77
N GLU A 37 0.73 -5.98 4.42
CA GLU A 37 0.09 -5.33 5.54
C GLU A 37 0.94 -5.34 6.77
N ALA A 38 1.58 -6.49 7.01
CA ALA A 38 2.60 -6.57 8.01
C ALA A 38 3.78 -5.68 7.61
N TYR A 39 4.29 -5.76 6.39
CA TYR A 39 5.47 -5.00 5.95
C TYR A 39 5.22 -3.47 6.00
N TYR A 40 3.99 -3.05 5.76
CA TYR A 40 3.47 -1.68 5.94
C TYR A 40 3.62 -1.30 7.41
N LYS A 41 3.07 -2.09 8.34
CA LYS A 41 3.19 -1.80 9.77
C LYS A 41 4.66 -1.82 10.29
N LYS A 42 5.47 -2.76 9.78
CA LYS A 42 6.86 -3.02 10.09
C LYS A 42 7.79 -1.89 9.65
N ARG A 43 7.68 -1.42 8.40
CA ARG A 43 8.40 -0.23 7.94
C ARG A 43 7.92 1.09 8.53
N VAL A 44 6.63 1.34 8.69
CA VAL A 44 6.07 2.69 8.91
C VAL A 44 6.62 3.44 10.11
N LYS A 45 6.99 2.68 11.12
CA LYS A 45 7.73 3.13 12.30
C LYS A 45 9.20 3.57 12.04
N GLU A 46 9.83 2.90 11.08
CA GLU A 46 11.23 3.00 10.60
C GLU A 46 11.48 4.26 9.80
N THR A 47 10.38 4.69 9.19
CA THR A 47 10.36 5.56 8.03
C THR A 47 9.43 6.77 8.21
N GLU A 48 8.89 7.34 7.12
CA GLU A 48 8.31 8.69 7.04
C GLU A 48 6.91 8.75 6.44
N LEU A 49 6.19 7.65 6.60
CA LEU A 49 4.74 7.62 6.47
C LEU A 49 4.12 8.74 7.33
N LYS A 50 3.36 9.56 6.63
CA LYS A 50 2.54 10.67 7.09
C LYS A 50 1.06 10.25 6.97
N ASP A 51 0.13 11.13 7.35
CA ASP A 51 -1.30 10.81 7.20
C ASP A 51 -1.65 10.40 5.77
N THR A 52 -1.09 11.10 4.79
CA THR A 52 -1.40 10.97 3.38
C THR A 52 -1.15 9.58 2.79
N ASP A 53 0.02 8.95 3.01
CA ASP A 53 0.21 7.57 2.54
C ASP A 53 -0.77 6.66 3.23
N ASP A 54 -0.88 6.82 4.54
CA ASP A 54 -1.45 5.79 5.39
C ASP A 54 -2.91 5.53 5.06
N ILE A 55 -3.70 6.58 4.91
CA ILE A 55 -5.12 6.45 4.54
C ILE A 55 -5.33 5.95 3.13
N SER A 56 -4.58 6.55 2.20
CA SER A 56 -4.79 6.30 0.77
C SER A 56 -4.48 4.84 0.40
N VAL A 57 -3.30 4.42 0.86
CA VAL A 57 -2.77 3.07 0.73
C VAL A 57 -3.56 2.08 1.56
N ARG A 58 -3.87 2.40 2.83
CA ARG A 58 -4.62 1.44 3.65
C ARG A 58 -6.00 1.21 3.10
N ASP A 59 -6.66 2.26 2.65
CA ASP A 59 -8.04 2.10 2.21
C ASP A 59 -8.12 1.23 0.94
N ALA A 60 -7.06 1.28 0.14
CA ALA A 60 -6.71 0.42 -0.97
C ALA A 60 -6.25 -1.01 -0.63
N LEU A 61 -5.41 -1.14 0.39
CA LEU A 61 -4.87 -2.38 0.92
C LEU A 61 -5.97 -3.17 1.61
N ALA A 62 -6.68 -2.51 2.51
CA ALA A 62 -7.99 -2.95 2.99
C ALA A 62 -9.04 -3.07 1.87
N GLY A 63 -8.89 -2.23 0.86
CA GLY A 63 -9.65 -2.16 -0.37
C GLY A 63 -9.61 -3.50 -1.08
N LYS A 64 -8.38 -3.96 -1.32
CA LYS A 64 -8.03 -5.24 -1.89
C LYS A 64 -8.33 -6.40 -0.95
N ARG A 65 -8.16 -6.22 0.35
CA ARG A 65 -8.28 -7.27 1.34
C ARG A 65 -9.63 -7.95 1.23
N ALA A 66 -10.69 -7.15 1.17
CA ALA A 66 -12.05 -7.68 0.99
C ALA A 66 -12.20 -8.49 -0.30
N GLU A 67 -11.53 -8.05 -1.36
CA GLU A 67 -11.56 -8.71 -2.67
C GLU A 67 -10.90 -10.07 -2.60
N LEU A 68 -9.74 -10.02 -1.99
CA LEU A 68 -8.83 -11.11 -1.80
C LEU A 68 -9.30 -12.20 -0.87
N GLU A 69 -10.07 -11.77 0.13
CA GLU A 69 -10.81 -12.51 1.12
C GLU A 69 -12.06 -13.17 0.53
N ASP A 70 -12.64 -12.49 -0.47
CA ASP A 70 -13.53 -13.12 -1.47
C ASP A 70 -12.75 -14.05 -2.40
N SER A 71 -11.43 -13.86 -2.46
CA SER A 71 -10.50 -14.74 -3.20
C SER A 71 -9.68 -15.70 -2.28
N ASP A 72 -10.22 -16.04 -1.09
CA ASP A 72 -9.55 -16.85 -0.05
C ASP A 72 -9.07 -18.25 -0.53
N ASP A 73 -9.68 -18.75 -1.61
CA ASP A 73 -9.37 -20.00 -2.33
C ASP A 73 -9.16 -19.70 -3.83
N GLU A 74 -8.05 -20.20 -4.40
CA GLU A 74 -7.35 -19.53 -5.52
C GLU A 74 -7.12 -20.38 -6.77
N VAL A 75 -6.96 -19.68 -7.90
CA VAL A 75 -6.67 -20.24 -9.23
C VAL A 75 -5.44 -21.16 -9.23
N GLU A 76 -5.52 -22.23 -10.03
CA GLU A 76 -4.49 -23.26 -10.37
C GLU A 76 -3.99 -24.14 -9.23
N GLU A 77 -3.82 -23.58 -8.03
CA GLU A 77 -3.63 -24.35 -6.79
C GLU A 77 -4.87 -25.19 -6.47
N SER A 78 -6.02 -24.76 -7.01
CA SER A 78 -7.31 -25.43 -6.91
C SER A 78 -8.14 -25.35 -8.21
N PHE A 79 -7.52 -25.70 -9.34
CA PHE A 79 -8.14 -25.73 -10.68
C PHE A 79 -9.47 -26.53 -10.75
N GLY A 1 -6.11 20.19 -4.45
CA GLY A 1 -4.96 21.08 -4.19
C GLY A 1 -3.94 21.06 -5.31
N SER A 2 -3.44 22.24 -5.69
CA SER A 2 -2.55 22.44 -6.86
C SER A 2 -1.34 23.37 -6.58
N HIS A 3 -1.03 23.65 -5.30
CA HIS A 3 0.04 24.55 -4.87
C HIS A 3 1.46 24.08 -5.30
N MET A 4 2.40 25.04 -5.41
CA MET A 4 3.82 24.83 -5.70
C MET A 4 4.56 24.02 -4.61
N LEU A 5 5.71 23.46 -5.00
CA LEU A 5 6.54 22.55 -4.19
C LEU A 5 7.23 23.22 -2.97
N LEU A 6 7.27 24.55 -2.94
CA LEU A 6 7.93 25.38 -1.91
C LEU A 6 7.36 25.28 -0.47
N GLU A 7 6.30 24.48 -0.26
CA GLU A 7 5.68 24.18 1.06
C GLU A 7 6.04 22.79 1.61
N PHE A 8 7.00 22.12 0.96
CA PHE A 8 7.74 20.93 1.41
C PHE A 8 6.95 19.60 1.56
N LYS A 9 5.62 19.65 1.69
CA LYS A 9 4.75 18.47 1.74
C LYS A 9 4.48 17.82 0.37
N GLN A 10 4.47 18.60 -0.71
CA GLN A 10 3.86 18.21 -2.00
C GLN A 10 4.42 16.94 -2.63
N PHE A 11 5.73 16.90 -2.74
CA PHE A 11 6.44 15.76 -3.31
C PHE A 11 6.27 14.50 -2.44
N LEU A 12 6.17 14.68 -1.12
CA LEU A 12 5.88 13.60 -0.17
C LEU A 12 4.46 13.06 -0.30
N TYR A 13 3.56 13.94 -0.70
CA TYR A 13 2.13 13.65 -0.77
C TYR A 13 1.76 12.92 -2.08
N GLU A 14 2.63 13.00 -3.10
CA GLU A 14 2.76 12.03 -4.21
C GLU A 14 3.48 10.74 -3.83
N ALA A 15 4.58 10.89 -3.08
CA ALA A 15 5.53 9.82 -2.70
C ALA A 15 4.87 8.59 -2.05
N SER A 16 3.83 8.91 -1.29
CA SER A 16 3.08 8.07 -0.38
C SER A 16 2.45 6.83 -1.08
N ILE A 17 2.10 6.99 -2.36
CA ILE A 17 1.16 6.15 -3.13
C ILE A 17 1.82 5.71 -4.48
N ASP A 18 3.16 5.83 -4.55
CA ASP A 18 3.99 5.60 -5.74
C ASP A 18 4.44 4.12 -5.92
N GLU A 19 4.49 3.35 -4.82
CA GLU A 19 4.97 1.94 -4.81
C GLU A 19 4.09 0.98 -4.03
N PHE A 20 3.76 1.23 -2.76
CA PHE A 20 2.95 0.33 -1.92
C PHE A 20 1.59 0.04 -2.52
N MET A 21 0.97 1.07 -3.10
CA MET A 21 -0.30 1.01 -3.84
C MET A 21 -0.25 0.08 -5.05
N GLY A 22 0.88 0.02 -5.74
CA GLY A 22 1.11 -0.95 -6.80
C GLY A 22 1.34 -2.35 -6.25
N LYS A 23 2.05 -2.42 -5.13
CA LYS A 23 2.39 -3.62 -4.41
C LYS A 23 1.10 -4.36 -4.05
N ILE A 24 0.13 -3.61 -3.51
CA ILE A 24 -1.23 -4.06 -3.20
C ILE A 24 -2.14 -4.29 -4.39
N ALA A 25 -2.16 -3.36 -5.34
CA ALA A 25 -2.98 -3.51 -6.54
C ALA A 25 -2.52 -4.74 -7.36
N SER A 26 -1.27 -5.16 -7.15
CA SER A 26 -0.60 -6.29 -7.77
C SER A 26 -0.34 -7.45 -6.80
N CYS A 27 -0.90 -7.47 -5.60
CA CYS A 27 -0.42 -8.41 -4.59
C CYS A 27 -0.74 -9.89 -4.93
N GLN A 28 -1.78 -10.10 -5.77
CA GLN A 28 -2.30 -11.36 -6.36
C GLN A 28 -2.83 -12.41 -5.35
N THR A 29 -2.70 -12.14 -4.06
CA THR A 29 -2.95 -13.06 -2.95
C THR A 29 -3.30 -12.22 -1.75
N LEU A 30 -4.27 -12.67 -0.95
CA LEU A 30 -4.54 -11.91 0.25
C LEU A 30 -3.40 -12.10 1.24
N GLU A 31 -2.90 -13.31 1.23
CA GLU A 31 -1.84 -13.79 2.05
C GLU A 31 -0.57 -12.97 1.84
N GLY A 32 -0.36 -12.56 0.60
CA GLY A 32 0.61 -11.53 0.25
C GLY A 32 0.23 -10.11 0.60
N LEU A 33 -1.00 -9.69 0.41
CA LEU A 33 -1.49 -8.38 0.82
C LEU A 33 -1.36 -8.12 2.31
N GLU A 34 -1.62 -9.14 3.07
CA GLU A 34 -1.43 -9.31 4.51
C GLU A 34 0.04 -9.33 4.95
N GLU A 35 0.93 -9.85 4.11
CA GLU A 35 2.40 -9.72 4.25
C GLU A 35 2.84 -8.31 3.94
N LEU A 36 2.27 -7.71 2.90
CA LEU A 36 2.42 -6.31 2.54
C LEU A 36 1.86 -5.44 3.67
N GLU A 37 0.78 -5.86 4.32
CA GLU A 37 0.13 -5.12 5.39
C GLU A 37 1.01 -5.08 6.61
N ALA A 38 1.58 -6.23 6.94
CA ALA A 38 2.57 -6.30 7.97
C ALA A 38 3.81 -5.46 7.56
N TYR A 39 4.33 -5.64 6.34
CA TYR A 39 5.54 -4.96 5.88
C TYR A 39 5.36 -3.42 5.83
N TYR A 40 4.14 -2.95 5.55
CA TYR A 40 3.68 -1.56 5.67
C TYR A 40 3.82 -1.10 7.12
N LYS A 41 3.21 -1.83 8.06
CA LYS A 41 3.32 -1.49 9.49
C LYS A 41 4.77 -1.52 10.03
N LYS A 42 5.56 -2.50 9.58
CA LYS A 42 6.94 -2.78 9.90
C LYS A 42 7.90 -1.70 9.41
N ARG A 43 7.79 -1.23 8.16
CA ARG A 43 8.58 -0.09 7.68
C ARG A 43 8.16 1.24 8.30
N VAL A 44 6.88 1.57 8.43
CA VAL A 44 6.37 2.93 8.65
C VAL A 44 6.98 3.67 9.83
N LYS A 45 7.23 2.95 10.90
CA LYS A 45 7.96 3.39 12.09
C LYS A 45 9.42 3.84 11.85
N GLU A 46 10.04 3.19 10.87
CA GLU A 46 11.44 3.23 10.38
C GLU A 46 11.67 4.32 9.34
N THR A 47 10.56 4.91 8.91
CA THR A 47 10.51 5.86 7.80
C THR A 47 9.50 7.00 8.04
N GLU A 48 8.95 7.59 6.97
CA GLU A 48 8.36 8.94 6.91
C GLU A 48 6.97 8.99 6.28
N LEU A 49 6.25 7.89 6.44
CA LEU A 49 4.79 7.85 6.34
C LEU A 49 4.19 8.99 7.19
N LYS A 50 3.32 9.71 6.51
CA LYS A 50 2.53 10.86 6.93
C LYS A 50 1.04 10.47 6.92
N ASP A 51 0.13 11.39 7.22
CA ASP A 51 -1.31 11.05 7.13
C ASP A 51 -1.67 10.55 5.73
N THR A 52 -1.15 11.23 4.71
CA THR A 52 -1.49 11.06 3.30
C THR A 52 -1.25 9.67 2.74
N ASP A 53 -0.10 9.01 3.01
CA ASP A 53 0.05 7.61 2.59
C ASP A 53 -0.94 6.76 3.34
N ASP A 54 -0.98 6.98 4.65
CA ASP A 54 -1.40 5.94 5.54
C ASP A 54 -2.82 5.52 5.28
N ILE A 55 -3.71 6.51 5.15
CA ILE A 55 -5.13 6.36 4.82
C ILE A 55 -5.40 5.86 3.41
N SER A 56 -4.68 6.48 2.47
CA SER A 56 -4.93 6.30 1.03
C SER A 56 -4.64 4.86 0.63
N VAL A 57 -3.45 4.45 1.07
CA VAL A 57 -2.96 3.09 0.93
C VAL A 57 -3.79 2.14 1.77
N ARG A 58 -4.11 2.43 3.05
CA ARG A 58 -4.95 1.50 3.81
C ARG A 58 -6.33 1.30 3.21
N ASP A 59 -6.91 2.33 2.63
CA ASP A 59 -8.24 2.23 2.01
C ASP A 59 -8.25 1.35 0.74
N ALA A 60 -7.15 1.39 -0.01
CA ALA A 60 -6.77 0.55 -1.13
C ALA A 60 -6.36 -0.88 -0.77
N LEU A 61 -5.55 -1.01 0.27
CA LEU A 61 -4.98 -2.21 0.82
C LEU A 61 -6.06 -3.02 1.52
N ALA A 62 -6.80 -2.39 2.40
CA ALA A 62 -8.11 -2.88 2.85
C ALA A 62 -9.13 -3.01 1.71
N GLY A 63 -8.99 -2.14 0.71
CA GLY A 63 -9.72 -2.05 -0.54
C GLY A 63 -9.68 -3.40 -1.24
N LYS A 64 -8.45 -3.86 -1.47
CA LYS A 64 -8.08 -5.14 -2.01
C LYS A 64 -8.36 -6.29 -1.05
N ARG A 65 -8.21 -6.08 0.25
CA ARG A 65 -8.31 -7.14 1.25
C ARG A 65 -9.65 -7.83 1.13
N ALA A 66 -10.73 -7.07 1.07
CA ALA A 66 -12.07 -7.62 0.87
C ALA A 66 -12.21 -8.44 -0.42
N GLU A 67 -11.53 -8.00 -1.48
CA GLU A 67 -11.54 -8.66 -2.79
C GLU A 67 -10.86 -10.00 -2.69
N LEU A 68 -9.71 -9.93 -2.06
CA LEU A 68 -8.78 -11.01 -1.85
C LEU A 68 -9.27 -12.09 -0.90
N GLU A 69 -10.06 -11.65 0.07
CA GLU A 69 -10.78 -12.37 1.08
C GLU A 69 -12.01 -13.06 0.52
N ASP A 70 -12.62 -12.44 -0.50
CA ASP A 70 -13.48 -13.18 -1.44
C ASP A 70 -12.66 -14.19 -2.23
N SER A 71 -11.38 -13.86 -2.42
CA SER A 71 -10.45 -14.74 -3.13
C SER A 71 -9.68 -15.71 -2.20
N ASP A 72 -10.20 -15.95 -0.98
CA ASP A 72 -9.53 -16.69 0.11
C ASP A 72 -9.17 -18.16 -0.24
N ASP A 73 -9.84 -18.72 -1.26
CA ASP A 73 -9.65 -20.08 -1.81
C ASP A 73 -9.28 -20.01 -3.30
N GLU A 74 -8.21 -20.72 -3.68
CA GLU A 74 -7.40 -20.39 -4.88
C GLU A 74 -7.11 -21.58 -5.81
N VAL A 75 -6.80 -21.26 -7.07
CA VAL A 75 -6.53 -22.21 -8.17
C VAL A 75 -5.48 -23.27 -7.77
N GLU A 76 -5.76 -24.52 -8.15
CA GLU A 76 -4.94 -25.75 -8.19
C GLU A 76 -4.31 -26.26 -6.89
N GLU A 77 -4.16 -25.39 -5.89
CA GLU A 77 -3.84 -25.75 -4.50
C GLU A 77 -5.00 -26.53 -3.91
N SER A 78 -6.22 -26.19 -4.33
CA SER A 78 -7.44 -26.95 -4.04
C SER A 78 -8.50 -26.95 -5.17
N PHE A 79 -8.23 -26.32 -6.32
CA PHE A 79 -9.24 -25.99 -7.33
C PHE A 79 -8.75 -26.17 -8.78
N GLY A 1 4.64 33.19 -12.64
CA GLY A 1 5.47 32.82 -11.46
C GLY A 1 5.29 31.36 -11.09
N SER A 2 6.38 30.59 -11.12
CA SER A 2 6.39 29.13 -10.91
C SER A 2 7.57 28.66 -10.03
N HIS A 3 8.17 29.58 -9.26
CA HIS A 3 9.44 29.42 -8.53
C HIS A 3 9.36 28.58 -7.23
N MET A 4 8.17 28.08 -6.85
CA MET A 4 7.92 27.33 -5.61
C MET A 4 6.99 26.12 -5.81
N LEU A 5 7.05 25.17 -4.86
CA LEU A 5 6.35 23.88 -4.87
C LEU A 5 4.87 23.93 -4.46
N LEU A 6 4.38 25.10 -4.00
CA LEU A 6 3.06 25.35 -3.38
C LEU A 6 2.85 24.58 -2.05
N GLU A 7 2.94 25.32 -0.94
CA GLU A 7 2.86 24.84 0.47
C GLU A 7 3.96 23.83 0.87
N PHE A 8 5.01 23.71 0.04
CA PHE A 8 6.22 22.87 0.11
C PHE A 8 6.10 21.35 0.42
N LYS A 9 4.98 20.86 0.96
CA LYS A 9 4.72 19.48 1.37
C LYS A 9 4.67 18.44 0.22
N GLN A 10 4.23 18.82 -0.98
CA GLN A 10 3.65 17.92 -1.98
C GLN A 10 4.60 16.88 -2.57
N PHE A 11 5.90 17.15 -2.48
CA PHE A 11 6.92 16.18 -2.86
C PHE A 11 6.80 14.88 -2.06
N LEU A 12 6.36 14.98 -0.81
CA LEU A 12 6.13 13.87 0.10
C LEU A 12 4.83 13.11 -0.13
N TYR A 13 3.87 13.79 -0.74
CA TYR A 13 2.49 13.35 -0.89
C TYR A 13 2.22 12.69 -2.27
N GLU A 14 3.09 12.95 -3.26
CA GLU A 14 3.27 12.15 -4.50
C GLU A 14 4.07 10.86 -4.24
N ALA A 15 5.03 10.92 -3.31
CA ALA A 15 5.92 9.82 -2.87
C ALA A 15 5.19 8.60 -2.29
N SER A 16 4.09 8.92 -1.60
CA SER A 16 3.37 8.06 -0.65
C SER A 16 2.88 6.73 -1.23
N ILE A 17 2.60 6.74 -2.53
CA ILE A 17 1.67 5.84 -3.25
C ILE A 17 2.31 5.38 -4.60
N ASP A 18 3.58 5.74 -4.83
CA ASP A 18 4.31 5.64 -6.12
C ASP A 18 4.60 4.19 -6.55
N GLU A 19 4.80 3.30 -5.56
CA GLU A 19 4.98 1.85 -5.77
C GLU A 19 4.05 0.96 -4.96
N PHE A 20 3.74 1.31 -3.70
CA PHE A 20 2.95 0.51 -2.77
C PHE A 20 1.52 0.27 -3.27
N MET A 21 0.80 1.29 -3.71
CA MET A 21 -0.57 1.17 -4.21
C MET A 21 -0.68 0.21 -5.39
N GLY A 22 0.39 0.12 -6.18
CA GLY A 22 0.55 -0.86 -7.23
C GLY A 22 0.82 -2.25 -6.67
N LYS A 23 1.62 -2.35 -5.61
CA LYS A 23 2.09 -3.57 -5.01
C LYS A 23 0.88 -4.29 -4.41
N ILE A 24 -0.01 -3.54 -3.73
CA ILE A 24 -1.35 -3.97 -3.33
C ILE A 24 -2.40 -4.10 -4.44
N ALA A 25 -2.46 -3.18 -5.40
CA ALA A 25 -3.41 -3.29 -6.52
C ALA A 25 -3.09 -4.52 -7.40
N SER A 26 -1.84 -4.98 -7.31
CA SER A 26 -1.36 -6.18 -7.95
C SER A 26 -1.07 -7.33 -6.96
N CYS A 27 -1.49 -7.26 -5.69
CA CYS A 27 -1.11 -8.28 -4.74
C CYS A 27 -1.97 -9.53 -5.09
N GLN A 28 -1.40 -10.56 -5.70
CA GLN A 28 -2.23 -11.65 -6.30
C GLN A 28 -2.81 -12.62 -5.26
N THR A 29 -2.67 -12.27 -3.98
CA THR A 29 -2.84 -13.14 -2.82
C THR A 29 -3.24 -12.28 -1.64
N LEU A 30 -4.18 -12.74 -0.81
CA LEU A 30 -4.45 -12.00 0.41
C LEU A 30 -3.30 -12.16 1.39
N GLU A 31 -2.74 -13.34 1.34
CA GLU A 31 -1.63 -13.74 2.13
C GLU A 31 -0.44 -12.84 1.87
N GLY A 32 -0.27 -12.43 0.60
CA GLY A 32 0.62 -11.34 0.19
C GLY A 32 0.19 -9.93 0.51
N LEU A 33 -1.09 -9.62 0.43
CA LEU A 33 -1.65 -8.33 0.83
C LEU A 33 -1.36 -8.04 2.29
N GLU A 34 -1.56 -9.07 3.09
CA GLU A 34 -1.29 -9.22 4.51
C GLU A 34 0.20 -9.18 4.87
N GLU A 35 1.06 -9.68 3.98
CA GLU A 35 2.54 -9.52 4.05
C GLU A 35 2.95 -8.10 3.74
N LEU A 36 2.34 -7.49 2.74
CA LEU A 36 2.38 -6.07 2.47
C LEU A 36 1.77 -5.25 3.62
N GLU A 37 0.71 -5.73 4.27
CA GLU A 37 0.10 -5.13 5.43
C GLU A 37 1.05 -5.10 6.59
N ALA A 38 1.76 -6.21 6.76
CA ALA A 38 2.85 -6.26 7.70
C ALA A 38 3.99 -5.33 7.24
N TYR A 39 4.43 -5.36 5.98
CA TYR A 39 5.61 -4.57 5.55
C TYR A 39 5.35 -3.06 5.69
N TYR A 40 4.11 -2.64 5.48
CA TYR A 40 3.60 -1.30 5.78
C TYR A 40 3.76 -1.02 7.26
N LYS A 41 3.21 -1.86 8.14
CA LYS A 41 3.30 -1.63 9.58
C LYS A 41 4.74 -1.63 10.11
N LYS A 42 5.61 -2.47 9.54
CA LYS A 42 7.03 -2.66 9.79
C LYS A 42 7.87 -1.44 9.39
N ARG A 43 7.54 -0.82 8.25
CA ARG A 43 8.17 0.40 7.73
C ARG A 43 7.87 1.66 8.53
N VAL A 44 6.63 1.87 8.93
CA VAL A 44 6.05 3.13 9.42
C VAL A 44 6.86 3.79 10.52
N LYS A 45 7.43 2.96 11.38
CA LYS A 45 8.30 3.33 12.49
C LYS A 45 9.78 3.61 12.12
N GLU A 46 10.24 2.93 11.07
CA GLU A 46 11.58 2.92 10.44
C GLU A 46 11.78 4.15 9.55
N THR A 47 10.69 4.87 9.27
CA THR A 47 10.69 6.12 8.52
C THR A 47 9.63 7.12 9.06
N GLU A 48 8.68 7.60 8.24
CA GLU A 48 7.88 8.82 8.48
C GLU A 48 6.59 8.84 7.64
N LEU A 49 5.87 7.73 7.71
CA LEU A 49 4.48 7.64 7.26
C LEU A 49 3.69 8.86 7.76
N LYS A 50 3.31 9.66 6.77
CA LYS A 50 2.42 10.81 6.91
C LYS A 50 0.97 10.35 6.77
N ASP A 51 0.03 11.24 7.05
CA ASP A 51 -1.41 10.91 6.94
C ASP A 51 -1.74 10.39 5.54
N THR A 52 -1.22 11.05 4.52
CA THR A 52 -1.56 10.85 3.11
C THR A 52 -1.30 9.43 2.61
N ASP A 53 -0.11 8.86 2.89
CA ASP A 53 0.20 7.46 2.54
C ASP A 53 -0.76 6.54 3.27
N ASP A 54 -0.94 6.80 4.57
CA ASP A 54 -1.62 5.86 5.43
C ASP A 54 -3.07 5.66 5.01
N ILE A 55 -3.80 6.74 4.74
CA ILE A 55 -5.20 6.62 4.28
C ILE A 55 -5.34 6.05 2.89
N SER A 56 -4.52 6.58 1.97
CA SER A 56 -4.70 6.26 0.56
C SER A 56 -4.47 4.79 0.28
N VAL A 57 -3.33 4.35 0.79
CA VAL A 57 -2.87 2.98 0.76
C VAL A 57 -3.69 2.06 1.62
N ARG A 58 -4.03 2.43 2.86
CA ARG A 58 -4.82 1.52 3.70
C ARG A 58 -6.17 1.29 3.09
N ASP A 59 -6.80 2.34 2.59
CA ASP A 59 -8.19 2.20 2.14
C ASP A 59 -8.28 1.29 0.89
N ALA A 60 -7.21 1.29 0.11
CA ALA A 60 -6.86 0.40 -0.98
C ALA A 60 -6.45 -1.02 -0.60
N LEU A 61 -5.62 -1.17 0.41
CA LEU A 61 -5.09 -2.39 0.98
C LEU A 61 -6.19 -3.14 1.73
N ALA A 62 -6.88 -2.44 2.62
CA ALA A 62 -8.20 -2.82 3.10
C ALA A 62 -9.25 -2.93 1.98
N GLY A 63 -9.08 -2.11 0.94
CA GLY A 63 -9.81 -2.13 -0.32
C GLY A 63 -9.75 -3.53 -0.92
N LYS A 64 -8.52 -4.02 -1.07
CA LYS A 64 -8.14 -5.31 -1.57
C LYS A 64 -8.48 -6.44 -0.62
N ARG A 65 -8.41 -6.24 0.70
CA ARG A 65 -8.52 -7.32 1.66
C ARG A 65 -9.82 -8.06 1.46
N ALA A 66 -10.92 -7.32 1.33
CA ALA A 66 -12.22 -7.93 1.04
C ALA A 66 -12.24 -8.71 -0.28
N GLU A 67 -11.53 -8.20 -1.29
CA GLU A 67 -11.46 -8.82 -2.62
C GLU A 67 -10.73 -10.14 -2.55
N LEU A 68 -9.60 -10.05 -1.87
CA LEU A 68 -8.62 -11.08 -1.66
C LEU A 68 -9.08 -12.24 -0.78
N GLU A 69 -9.93 -11.87 0.17
CA GLU A 69 -10.64 -12.66 1.14
C GLU A 69 -11.81 -13.40 0.51
N ASP A 70 -12.40 -12.78 -0.52
CA ASP A 70 -13.20 -13.53 -1.51
C ASP A 70 -12.31 -14.44 -2.32
N SER A 71 -11.05 -14.02 -2.49
CA SER A 71 -10.07 -14.77 -3.27
C SER A 71 -9.19 -15.74 -2.41
N ASP A 72 -9.70 -16.17 -1.24
CA ASP A 72 -8.99 -16.90 -0.17
C ASP A 72 -8.22 -18.17 -0.60
N ASP A 73 -8.53 -18.70 -1.78
CA ASP A 73 -7.93 -19.84 -2.47
C ASP A 73 -6.41 -20.00 -2.27
N GLU A 74 -5.95 -21.21 -1.90
CA GLU A 74 -4.61 -21.49 -1.36
C GLU A 74 -3.76 -22.41 -2.26
N VAL A 75 -2.43 -22.31 -2.11
CA VAL A 75 -1.41 -22.97 -2.95
C VAL A 75 -1.72 -24.45 -3.20
N GLU A 76 -1.63 -24.84 -4.47
CA GLU A 76 -1.75 -26.19 -5.07
C GLU A 76 -3.12 -26.88 -4.94
N GLU A 77 -3.85 -26.58 -3.87
CA GLU A 77 -5.21 -27.11 -3.58
C GLU A 77 -6.25 -26.45 -4.47
N SER A 78 -6.02 -25.17 -4.77
CA SER A 78 -6.79 -24.40 -5.74
C SER A 78 -6.01 -23.25 -6.42
N PHE A 79 -4.68 -23.16 -6.24
CA PHE A 79 -3.83 -22.08 -6.76
C PHE A 79 -2.46 -22.58 -7.28
N GLY A 1 23.86 19.86 -8.10
CA GLY A 1 24.47 21.13 -7.65
C GLY A 1 24.01 21.51 -6.25
N SER A 2 23.33 22.66 -6.11
CA SER A 2 22.89 23.23 -4.83
C SER A 2 21.45 23.81 -4.84
N HIS A 3 20.68 23.54 -5.92
CA HIS A 3 19.28 23.94 -6.08
C HIS A 3 18.33 23.33 -5.02
N MET A 4 17.15 23.94 -4.84
CA MET A 4 16.09 23.54 -3.91
C MET A 4 14.69 23.66 -4.52
N LEU A 5 13.72 22.95 -3.94
CA LEU A 5 12.36 22.78 -4.46
C LEU A 5 11.42 23.98 -4.22
N LEU A 6 11.77 24.89 -3.29
CA LEU A 6 10.95 26.00 -2.73
C LEU A 6 9.64 25.58 -2.01
N GLU A 7 9.16 24.35 -2.26
CA GLU A 7 8.01 23.67 -1.63
C GLU A 7 8.42 22.25 -1.23
N PHE A 8 9.35 22.18 -0.28
CA PHE A 8 10.17 21.00 0.03
C PHE A 8 9.40 19.70 0.36
N LYS A 9 8.19 19.79 0.92
CA LYS A 9 7.37 18.66 1.39
C LYS A 9 6.93 17.66 0.28
N GLN A 10 6.73 18.16 -0.94
CA GLN A 10 5.92 17.55 -2.01
C GLN A 10 6.39 16.20 -2.55
N PHE A 11 7.69 15.98 -2.45
CA PHE A 11 8.33 14.72 -2.80
C PHE A 11 7.75 13.55 -1.98
N LEU A 12 7.35 13.82 -0.73
CA LEU A 12 6.74 12.84 0.15
C LEU A 12 5.25 12.55 -0.12
N TYR A 13 4.61 13.49 -0.79
CA TYR A 13 3.17 13.52 -1.07
C TYR A 13 2.83 12.95 -2.46
N GLU A 14 3.82 12.88 -3.36
CA GLU A 14 3.85 11.93 -4.52
C GLU A 14 4.21 10.49 -4.12
N ALA A 15 5.06 10.36 -3.10
CA ALA A 15 5.71 9.11 -2.67
C ALA A 15 4.71 8.01 -2.29
N SER A 16 3.67 8.48 -1.62
CA SER A 16 2.71 7.73 -0.81
C SER A 16 1.95 6.62 -1.59
N ILE A 17 1.86 6.78 -2.92
CA ILE A 17 0.96 6.06 -3.83
C ILE A 17 1.74 5.46 -5.05
N ASP A 18 3.04 5.74 -5.14
CA ASP A 18 3.90 5.54 -6.32
C ASP A 18 4.33 4.08 -6.53
N GLU A 19 4.34 3.31 -5.44
CA GLU A 19 4.64 1.87 -5.42
C GLU A 19 3.55 1.08 -4.71
N PHE A 20 3.22 1.40 -3.46
CA PHE A 20 2.36 0.57 -2.61
C PHE A 20 1.01 0.29 -3.24
N MET A 21 0.30 1.30 -3.75
CA MET A 21 -1.09 1.15 -4.22
C MET A 21 -1.24 0.11 -5.32
N GLY A 22 -0.24 0.03 -6.19
CA GLY A 22 -0.15 -1.05 -7.17
C GLY A 22 0.26 -2.36 -6.53
N LYS A 23 1.18 -2.31 -5.57
CA LYS A 23 1.71 -3.46 -4.90
C LYS A 23 0.63 -4.21 -4.12
N ILE A 24 -0.23 -3.48 -3.42
CA ILE A 24 -1.44 -4.02 -2.82
C ILE A 24 -2.56 -4.40 -3.78
N ALA A 25 -3.00 -3.47 -4.63
CA ALA A 25 -4.17 -3.67 -5.49
C ALA A 25 -3.91 -4.69 -6.62
N SER A 26 -2.63 -4.89 -6.95
CA SER A 26 -2.12 -5.89 -7.87
C SER A 26 -1.31 -7.01 -7.19
N CYS A 27 -1.36 -7.12 -5.86
CA CYS A 27 -0.61 -8.15 -5.14
C CYS A 27 -0.91 -9.60 -5.61
N GLN A 28 -2.14 -9.86 -6.06
CA GLN A 28 -2.68 -11.14 -6.58
C GLN A 28 -2.92 -12.22 -5.50
N THR A 29 -2.57 -11.94 -4.25
CA THR A 29 -2.64 -12.87 -3.12
C THR A 29 -2.94 -12.08 -1.88
N LEU A 30 -3.82 -12.58 -1.01
CA LEU A 30 -4.08 -11.84 0.22
C LEU A 30 -2.90 -11.96 1.15
N GLU A 31 -2.30 -13.11 1.07
CA GLU A 31 -1.16 -13.51 1.82
C GLU A 31 0.02 -12.59 1.55
N GLY A 32 0.12 -12.12 0.31
CA GLY A 32 0.97 -10.99 -0.05
C GLY A 32 0.49 -9.62 0.39
N LEU A 33 -0.80 -9.31 0.29
CA LEU A 33 -1.40 -8.06 0.71
C LEU A 33 -1.19 -7.78 2.20
N GLU A 34 -1.32 -8.84 2.96
CA GLU A 34 -1.02 -9.03 4.37
C GLU A 34 0.47 -8.96 4.72
N GLU A 35 1.35 -9.40 3.82
CA GLU A 35 2.83 -9.23 3.91
C GLU A 35 3.22 -7.80 3.65
N LEU A 36 2.62 -7.20 2.63
CA LEU A 36 2.64 -5.77 2.35
C LEU A 36 2.03 -4.96 3.48
N GLU A 37 0.97 -5.47 4.13
CA GLU A 37 0.36 -4.85 5.28
C GLU A 37 1.32 -4.80 6.44
N ALA A 38 2.00 -5.92 6.65
CA ALA A 38 3.09 -5.95 7.60
C ALA A 38 4.22 -5.01 7.15
N TYR A 39 4.67 -5.06 5.89
CA TYR A 39 5.80 -4.24 5.40
C TYR A 39 5.51 -2.72 5.46
N TYR A 40 4.24 -2.33 5.29
CA TYR A 40 3.70 -0.99 5.56
C TYR A 40 3.92 -0.68 7.04
N LYS A 41 3.43 -1.53 7.94
CA LYS A 41 3.57 -1.30 9.39
C LYS A 41 5.03 -1.23 9.86
N LYS A 42 5.90 -2.06 9.27
CA LYS A 42 7.32 -2.16 9.48
C LYS A 42 8.07 -0.90 8.99
N ARG A 43 7.81 -0.42 7.77
CA ARG A 43 8.39 0.83 7.28
C ARG A 43 7.86 2.11 7.91
N VAL A 44 6.56 2.28 8.15
CA VAL A 44 6.11 3.60 8.60
C VAL A 44 6.63 3.93 10.00
N LYS A 45 6.81 2.89 10.80
CA LYS A 45 7.56 2.92 12.05
C LYS A 45 9.04 3.34 11.84
N GLU A 46 9.66 2.87 10.75
CA GLU A 46 11.06 3.09 10.36
C GLU A 46 11.33 4.49 9.82
N THR A 47 10.26 5.27 9.67
CA THR A 47 10.29 6.71 9.36
C THR A 47 9.21 7.46 10.16
N GLU A 48 8.02 7.72 9.59
CA GLU A 48 6.81 8.15 10.37
C GLU A 48 5.45 7.83 9.75
N LEU A 49 5.45 7.74 8.42
CA LEU A 49 4.39 8.18 7.51
C LEU A 49 3.64 9.48 7.87
N LYS A 50 3.63 10.39 6.90
CA LYS A 50 2.56 11.37 6.77
C LYS A 50 1.19 10.70 6.65
N ASP A 51 0.13 11.45 6.91
CA ASP A 51 -1.26 10.95 6.87
C ASP A 51 -1.67 10.45 5.50
N THR A 52 -1.17 11.09 4.45
CA THR A 52 -1.58 10.89 3.05
C THR A 52 -1.36 9.46 2.56
N ASP A 53 -0.21 8.85 2.92
CA ASP A 53 0.11 7.47 2.55
C ASP A 53 -0.94 6.54 3.15
N ASP A 54 -1.14 6.71 4.47
CA ASP A 54 -1.84 5.81 5.38
C ASP A 54 -3.28 5.55 5.01
N ILE A 55 -3.99 6.62 4.69
CA ILE A 55 -5.41 6.56 4.29
C ILE A 55 -5.58 5.90 2.94
N SER A 56 -4.71 6.33 2.00
CA SER A 56 -4.85 5.93 0.60
C SER A 56 -4.63 4.44 0.53
N VAL A 57 -3.53 4.05 1.16
CA VAL A 57 -3.14 2.69 1.24
C VAL A 57 -4.10 1.92 2.08
N ARG A 58 -4.55 2.35 3.27
CA ARG A 58 -5.44 1.48 4.01
C ARG A 58 -6.76 1.23 3.34
N ASP A 59 -7.27 2.27 2.69
CA ASP A 59 -8.57 2.14 2.01
C ASP A 59 -8.52 1.23 0.78
N ALA A 60 -7.38 1.22 0.10
CA ALA A 60 -6.92 0.34 -0.95
C ALA A 60 -6.56 -1.08 -0.56
N LEU A 61 -5.76 -1.19 0.48
CA LEU A 61 -5.22 -2.39 1.09
C LEU A 61 -6.28 -3.16 1.81
N ALA A 62 -7.03 -2.49 2.69
CA ALA A 62 -8.33 -2.98 3.11
C ALA A 62 -9.35 -3.14 1.96
N GLY A 63 -9.20 -2.27 0.97
CA GLY A 63 -9.92 -2.23 -0.30
C GLY A 63 -9.89 -3.60 -0.96
N LYS A 64 -8.66 -4.05 -1.19
CA LYS A 64 -8.27 -5.34 -1.70
C LYS A 64 -8.48 -6.49 -0.71
N ARG A 65 -8.32 -6.30 0.59
CA ARG A 65 -8.29 -7.39 1.56
C ARG A 65 -9.54 -8.22 1.46
N ALA A 66 -10.70 -7.58 1.41
CA ALA A 66 -11.98 -8.27 1.23
C ALA A 66 -12.04 -9.06 -0.08
N GLU A 67 -11.44 -8.52 -1.14
CA GLU A 67 -11.41 -9.11 -2.47
C GLU A 67 -10.59 -10.37 -2.47
N LEU A 68 -9.43 -10.21 -1.86
CA LEU A 68 -8.39 -11.18 -1.71
C LEU A 68 -8.74 -12.36 -0.80
N GLU A 69 -9.55 -12.05 0.20
CA GLU A 69 -10.19 -12.90 1.17
C GLU A 69 -11.36 -13.68 0.57
N ASP A 70 -12.01 -13.04 -0.41
CA ASP A 70 -12.88 -13.65 -1.41
C ASP A 70 -12.06 -14.39 -2.50
N SER A 71 -10.74 -14.17 -2.49
CA SER A 71 -9.77 -14.88 -3.36
C SER A 71 -8.75 -15.75 -2.58
N ASP A 72 -9.19 -16.33 -1.45
CA ASP A 72 -8.40 -17.07 -0.44
C ASP A 72 -7.44 -18.14 -1.02
N ASP A 73 -7.78 -18.74 -2.17
CA ASP A 73 -6.98 -19.69 -2.98
C ASP A 73 -6.23 -20.80 -2.20
N GLU A 74 -6.81 -21.25 -1.08
CA GLU A 74 -6.14 -22.13 -0.09
C GLU A 74 -5.73 -23.48 -0.66
N VAL A 75 -4.48 -23.87 -0.44
CA VAL A 75 -3.71 -24.98 -1.06
C VAL A 75 -3.60 -24.94 -2.58
N GLU A 76 -4.75 -24.90 -3.24
CA GLU A 76 -4.99 -25.10 -4.67
C GLU A 76 -6.16 -24.28 -5.25
N GLU A 77 -7.13 -23.96 -4.38
CA GLU A 77 -8.45 -23.36 -4.70
C GLU A 77 -9.20 -22.95 -3.43
N SER A 78 -9.24 -23.91 -2.51
CA SER A 78 -10.02 -23.98 -1.27
C SER A 78 -9.60 -25.25 -0.50
N PHE A 79 -9.55 -25.20 0.84
CA PHE A 79 -9.09 -26.32 1.66
C PHE A 79 -9.69 -26.30 3.08
N GLY A 1 14.72 21.77 -5.33
CA GLY A 1 13.78 21.01 -6.21
C GLY A 1 13.68 21.65 -7.58
N SER A 2 14.19 20.97 -8.62
CA SER A 2 14.24 21.46 -10.01
C SER A 2 12.89 21.49 -10.76
N HIS A 3 11.86 20.79 -10.24
CA HIS A 3 10.52 20.71 -10.83
C HIS A 3 9.42 20.51 -9.76
N MET A 4 8.22 21.03 -10.03
CA MET A 4 6.99 20.83 -9.26
C MET A 4 5.73 20.97 -10.13
N LEU A 5 4.64 20.32 -9.74
CA LEU A 5 3.39 20.26 -10.53
C LEU A 5 2.56 21.57 -10.44
N LEU A 6 2.61 22.23 -9.28
CA LEU A 6 1.95 23.52 -9.00
C LEU A 6 2.61 24.26 -7.79
N GLU A 7 2.97 23.51 -6.75
CA GLU A 7 3.59 24.01 -5.50
C GLU A 7 4.62 23.02 -4.95
N PHE A 8 5.69 23.55 -4.34
CA PHE A 8 6.88 22.80 -3.89
C PHE A 8 6.58 21.60 -2.96
N LYS A 9 5.57 21.73 -2.10
CA LYS A 9 5.28 20.81 -0.99
C LYS A 9 4.94 19.37 -1.38
N GLN A 10 4.31 19.12 -2.52
CA GLN A 10 3.65 17.85 -2.88
C GLN A 10 4.57 16.72 -3.23
N PHE A 11 5.86 16.98 -3.39
CA PHE A 11 6.77 15.93 -3.79
C PHE A 11 6.75 14.76 -2.80
N LEU A 12 6.56 15.12 -1.53
CA LEU A 12 6.49 14.23 -0.40
C LEU A 12 5.16 13.51 -0.11
N TYR A 13 4.11 14.12 -0.62
CA TYR A 13 2.71 13.69 -0.59
C TYR A 13 2.29 12.87 -1.83
N GLU A 14 2.95 13.04 -2.98
CA GLU A 14 2.92 12.11 -4.14
C GLU A 14 3.78 10.86 -3.92
N ALA A 15 4.90 11.04 -3.22
CA ALA A 15 5.84 10.01 -2.73
C ALA A 15 5.17 8.78 -2.10
N SER A 16 4.08 9.09 -1.39
CA SER A 16 3.31 8.20 -0.53
C SER A 16 2.74 6.97 -1.28
N ILE A 17 2.36 7.19 -2.54
CA ILE A 17 1.41 6.38 -3.33
C ILE A 17 2.02 5.99 -4.72
N ASP A 18 3.29 6.34 -4.96
CA ASP A 18 3.99 6.17 -6.25
C ASP A 18 4.32 4.72 -6.63
N GLU A 19 4.50 3.84 -5.62
CA GLU A 19 4.84 2.40 -5.79
C GLU A 19 4.06 1.46 -4.86
N PHE A 20 3.78 1.88 -3.64
CA PHE A 20 3.00 1.16 -2.62
C PHE A 20 1.57 0.86 -3.05
N MET A 21 0.86 1.83 -3.59
CA MET A 21 -0.47 1.61 -4.17
C MET A 21 -0.46 0.61 -5.34
N GLY A 22 0.67 0.51 -6.05
CA GLY A 22 0.96 -0.57 -6.98
C GLY A 22 1.14 -1.91 -6.27
N LYS A 23 1.80 -1.94 -5.11
CA LYS A 23 2.09 -3.06 -4.26
C LYS A 23 0.77 -3.68 -3.76
N ILE A 24 -0.17 -2.80 -3.37
CA ILE A 24 -1.56 -3.12 -3.01
C ILE A 24 -2.25 -3.75 -4.20
N ALA A 25 -2.18 -3.02 -5.30
CA ALA A 25 -3.02 -3.31 -6.45
C ALA A 25 -2.53 -4.59 -7.15
N SER A 26 -1.26 -4.93 -6.94
CA SER A 26 -0.51 -6.03 -7.53
C SER A 26 -0.22 -7.17 -6.55
N CYS A 27 -0.86 -7.18 -5.37
CA CYS A 27 -0.49 -8.06 -4.28
C CYS A 27 -0.75 -9.55 -4.60
N GLN A 28 -1.61 -9.79 -5.62
CA GLN A 28 -2.06 -11.04 -6.28
C GLN A 28 -2.67 -12.14 -5.39
N THR A 29 -2.57 -11.98 -4.08
CA THR A 29 -2.86 -13.00 -3.06
C THR A 29 -3.24 -12.28 -1.80
N LEU A 30 -4.20 -12.79 -1.03
CA LEU A 30 -4.50 -12.10 0.21
C LEU A 30 -3.38 -12.31 1.21
N GLU A 31 -2.83 -13.50 1.14
CA GLU A 31 -1.78 -14.00 1.96
C GLU A 31 -0.51 -13.19 1.79
N GLY A 32 -0.27 -12.74 0.57
CA GLY A 32 0.67 -11.67 0.28
C GLY A 32 0.23 -10.28 0.68
N LEU A 33 -1.01 -9.88 0.46
CA LEU A 33 -1.54 -8.57 0.86
C LEU A 33 -1.45 -8.30 2.35
N GLU A 34 -1.73 -9.33 3.11
CA GLU A 34 -1.53 -9.51 4.54
C GLU A 34 -0.05 -9.46 4.99
N GLU A 35 0.87 -9.93 4.14
CA GLU A 35 2.33 -9.76 4.29
C GLU A 35 2.76 -8.34 3.96
N LEU A 36 2.15 -7.74 2.94
CA LEU A 36 2.23 -6.32 2.63
C LEU A 36 1.65 -5.50 3.80
N GLU A 37 0.59 -5.98 4.45
CA GLU A 37 -0.08 -5.33 5.56
C GLU A 37 0.79 -5.28 6.78
N ALA A 38 1.42 -6.41 7.05
CA ALA A 38 2.45 -6.47 8.05
C ALA A 38 3.66 -5.60 7.63
N TYR A 39 4.16 -5.70 6.39
CA TYR A 39 5.36 -4.98 5.97
C TYR A 39 5.14 -3.44 6.02
N TYR A 40 3.90 -3.01 5.75
CA TYR A 40 3.41 -1.64 5.88
C TYR A 40 3.56 -1.23 7.34
N LYS A 41 2.98 -1.99 8.26
CA LYS A 41 3.09 -1.68 9.69
C LYS A 41 4.53 -1.74 10.23
N LYS A 42 5.34 -2.70 9.77
CA LYS A 42 6.71 -3.00 10.14
C LYS A 42 7.69 -1.90 9.73
N ARG A 43 7.58 -1.42 8.49
CA ARG A 43 8.37 -0.31 7.98
C ARG A 43 8.02 1.05 8.58
N VAL A 44 6.74 1.41 8.71
CA VAL A 44 6.25 2.78 8.85
C VAL A 44 6.83 3.61 10.00
N LYS A 45 7.14 2.91 11.08
CA LYS A 45 7.89 3.43 12.24
C LYS A 45 9.36 3.82 11.96
N GLU A 46 9.98 3.06 11.04
CA GLU A 46 11.36 3.06 10.52
C GLU A 46 11.60 4.13 9.47
N THR A 47 10.49 4.72 9.03
CA THR A 47 10.43 5.70 7.95
C THR A 47 9.43 6.84 8.23
N GLU A 48 8.87 7.46 7.17
CA GLU A 48 8.31 8.81 7.14
C GLU A 48 6.93 8.90 6.49
N LEU A 49 6.19 7.81 6.60
CA LEU A 49 4.74 7.75 6.43
C LEU A 49 4.07 8.86 7.29
N LYS A 50 3.23 9.58 6.58
CA LYS A 50 2.39 10.70 7.01
C LYS A 50 0.92 10.30 6.85
N ASP A 51 -0.02 11.19 7.16
CA ASP A 51 -1.44 10.86 6.99
C ASP A 51 -1.72 10.41 5.54
N THR A 52 -1.15 11.14 4.58
CA THR A 52 -1.43 11.01 3.15
C THR A 52 -1.14 9.64 2.55
N ASP A 53 0.00 8.99 2.84
CA ASP A 53 0.19 7.59 2.43
C ASP A 53 -0.81 6.72 3.16
N ASP A 54 -0.89 6.92 4.47
CA ASP A 54 -1.42 5.90 5.36
C ASP A 54 -2.87 5.60 5.07
N ILE A 55 -3.67 6.65 4.92
CA ILE A 55 -5.12 6.47 4.66
C ILE A 55 -5.37 5.88 3.29
N SER A 56 -4.69 6.45 2.31
CA SER A 56 -4.94 6.16 0.89
C SER A 56 -4.62 4.70 0.58
N VAL A 57 -3.41 4.32 1.01
CA VAL A 57 -2.88 2.97 0.90
C VAL A 57 -3.56 1.92 1.75
N ARG A 58 -3.83 2.18 3.03
CA ARG A 58 -4.52 1.19 3.86
C ARG A 58 -5.95 1.01 3.41
N ASP A 59 -6.61 2.08 2.99
CA ASP A 59 -8.00 1.95 2.55
C ASP A 59 -8.15 1.10 1.28
N ALA A 60 -7.10 1.14 0.46
CA ALA A 60 -6.74 0.30 -0.68
C ALA A 60 -6.30 -1.12 -0.34
N LEU A 61 -5.50 -1.26 0.71
CA LEU A 61 -5.03 -2.53 1.22
C LEU A 61 -6.16 -3.34 1.77
N ALA A 62 -6.89 -2.68 2.64
CA ALA A 62 -8.20 -3.13 3.09
C ALA A 62 -9.25 -3.23 1.96
N GLY A 63 -9.07 -2.35 0.98
CA GLY A 63 -9.79 -2.23 -0.27
C GLY A 63 -9.76 -3.57 -1.00
N LYS A 64 -8.52 -4.03 -1.24
CA LYS A 64 -8.16 -5.30 -1.83
C LYS A 64 -8.44 -6.49 -0.91
N ARG A 65 -8.28 -6.34 0.39
CA ARG A 65 -8.36 -7.43 1.35
C ARG A 65 -9.69 -8.15 1.22
N ALA A 66 -10.79 -7.40 1.20
CA ALA A 66 -12.12 -7.97 1.02
C ALA A 66 -12.25 -8.75 -0.30
N GLU A 67 -11.58 -8.25 -1.35
CA GLU A 67 -11.60 -8.84 -2.68
C GLU A 67 -10.91 -10.18 -2.66
N LEU A 68 -9.75 -10.14 -2.06
CA LEU A 68 -8.81 -11.22 -1.89
C LEU A 68 -9.26 -12.35 -1.00
N GLU A 69 -10.04 -11.97 0.01
CA GLU A 69 -10.73 -12.75 1.01
C GLU A 69 -11.96 -13.44 0.45
N ASP A 70 -12.59 -12.80 -0.54
CA ASP A 70 -13.47 -13.49 -1.49
C ASP A 70 -12.65 -14.40 -2.39
N SER A 71 -11.37 -14.04 -2.59
CA SER A 71 -10.46 -14.81 -3.44
C SER A 71 -9.59 -15.82 -2.65
N ASP A 72 -10.06 -16.25 -1.46
CA ASP A 72 -9.32 -17.03 -0.44
C ASP A 72 -8.74 -18.39 -0.96
N ASP A 73 -9.25 -18.86 -2.11
CA ASP A 73 -8.88 -20.11 -2.81
C ASP A 73 -7.36 -20.33 -2.95
N GLU A 74 -6.90 -21.56 -2.67
CA GLU A 74 -5.49 -21.99 -2.79
C GLU A 74 -5.32 -23.33 -3.50
N VAL A 75 -4.45 -23.37 -4.51
CA VAL A 75 -4.24 -24.40 -5.55
C VAL A 75 -5.48 -24.79 -6.37
N GLU A 76 -6.50 -25.25 -5.66
CA GLU A 76 -7.70 -25.94 -6.14
C GLU A 76 -8.96 -25.64 -5.31
N GLU A 77 -8.78 -25.33 -4.02
CA GLU A 77 -9.87 -25.11 -3.05
C GLU A 77 -9.42 -24.36 -1.80
N SER A 78 -8.39 -24.87 -1.12
CA SER A 78 -8.07 -24.55 0.28
C SER A 78 -6.67 -25.00 0.76
N PHE A 79 -5.75 -25.30 -0.17
CA PHE A 79 -4.45 -25.93 0.07
C PHE A 79 -3.57 -25.19 1.12
N GLY A 1 11.49 22.47 -16.24
CA GLY A 1 10.14 23.02 -16.47
C GLY A 1 10.12 24.54 -16.49
N SER A 2 8.93 25.13 -16.33
CA SER A 2 8.67 26.58 -16.48
C SER A 2 7.75 27.15 -15.37
N HIS A 3 7.61 26.44 -14.25
CA HIS A 3 6.79 26.79 -13.08
C HIS A 3 7.41 26.28 -11.76
N MET A 4 6.82 26.62 -10.60
CA MET A 4 7.35 26.34 -9.26
C MET A 4 6.29 25.75 -8.30
N LEU A 5 6.75 25.02 -7.28
CA LEU A 5 5.91 24.30 -6.30
C LEU A 5 5.09 25.21 -5.36
N LEU A 6 5.55 26.44 -5.11
CA LEU A 6 5.09 27.42 -4.10
C LEU A 6 5.21 26.96 -2.62
N GLU A 7 5.03 25.67 -2.34
CA GLU A 7 5.34 24.95 -1.09
C GLU A 7 5.99 23.60 -1.43
N PHE A 8 7.27 23.44 -1.09
CA PHE A 8 8.12 22.31 -1.51
C PHE A 8 7.80 20.96 -0.81
N LYS A 9 6.93 20.97 0.21
CA LYS A 9 6.51 19.82 1.03
C LYS A 9 5.88 18.65 0.23
N GLN A 10 5.21 18.97 -0.88
CA GLN A 10 4.27 18.12 -1.62
C GLN A 10 4.94 16.98 -2.37
N PHE A 11 6.27 17.03 -2.50
CA PHE A 11 7.04 15.95 -3.10
C PHE A 11 6.82 14.64 -2.34
N LEU A 12 6.62 14.75 -1.02
CA LEU A 12 6.39 13.63 -0.11
C LEU A 12 4.97 13.05 -0.11
N TYR A 13 4.04 13.87 -0.53
CA TYR A 13 2.60 13.63 -0.47
C TYR A 13 2.10 12.96 -1.77
N GLU A 14 2.85 13.13 -2.88
CA GLU A 14 2.83 12.26 -4.08
C GLU A 14 3.60 10.94 -3.89
N ALA A 15 4.72 10.98 -3.18
CA ALA A 15 5.63 9.85 -2.87
C ALA A 15 4.93 8.66 -2.21
N SER A 16 3.92 9.00 -1.43
CA SER A 16 3.20 8.16 -0.49
C SER A 16 2.54 6.93 -1.15
N ILE A 17 2.20 7.05 -2.44
CA ILE A 17 1.27 6.22 -3.24
C ILE A 17 1.95 5.75 -4.56
N ASP A 18 3.28 5.88 -4.62
CA ASP A 18 4.14 5.68 -5.80
C ASP A 18 4.85 4.30 -5.87
N GLU A 19 4.75 3.51 -4.79
CA GLU A 19 5.30 2.14 -4.70
C GLU A 19 4.27 1.14 -4.18
N PHE A 20 3.79 1.32 -2.94
CA PHE A 20 2.89 0.41 -2.25
C PHE A 20 1.60 0.15 -3.01
N MET A 21 0.91 1.18 -3.51
CA MET A 21 -0.44 1.11 -4.11
C MET A 21 -0.48 0.16 -5.30
N GLY A 22 0.60 0.13 -6.07
CA GLY A 22 0.81 -0.86 -7.12
C GLY A 22 1.14 -2.23 -6.55
N LYS A 23 1.92 -2.30 -5.48
CA LYS A 23 2.36 -3.50 -4.82
C LYS A 23 1.12 -4.26 -4.27
N ILE A 24 0.19 -3.51 -3.66
CA ILE A 24 -1.15 -4.00 -3.29
C ILE A 24 -2.11 -4.26 -4.44
N ALA A 25 -2.19 -3.36 -5.42
CA ALA A 25 -3.01 -3.58 -6.61
C ALA A 25 -2.52 -4.80 -7.42
N SER A 26 -1.25 -5.17 -7.21
CA SER A 26 -0.59 -6.33 -7.79
C SER A 26 -0.36 -7.48 -6.77
N CYS A 27 -0.98 -7.46 -5.58
CA CYS A 27 -0.56 -8.38 -4.56
C CYS A 27 -0.91 -9.87 -4.87
N GLN A 28 -1.93 -10.05 -5.73
CA GLN A 28 -2.48 -11.30 -6.33
C GLN A 28 -2.99 -12.37 -5.34
N THR A 29 -2.82 -12.13 -4.05
CA THR A 29 -3.03 -13.09 -2.96
C THR A 29 -3.35 -12.30 -1.73
N LEU A 30 -4.31 -12.75 -0.91
CA LEU A 30 -4.55 -12.02 0.32
C LEU A 30 -3.38 -12.23 1.27
N GLU A 31 -2.86 -13.43 1.20
CA GLU A 31 -1.79 -13.92 2.01
C GLU A 31 -0.52 -13.13 1.78
N GLY A 32 -0.33 -12.69 0.55
CA GLY A 32 0.61 -11.64 0.21
C GLY A 32 0.21 -10.24 0.61
N LEU A 33 -1.03 -9.82 0.42
CA LEU A 33 -1.51 -8.50 0.81
C LEU A 33 -1.38 -8.23 2.30
N GLU A 34 -1.61 -9.25 3.07
CA GLU A 34 -1.38 -9.43 4.51
C GLU A 34 0.09 -9.40 4.91
N GLU A 35 0.99 -9.90 4.06
CA GLU A 35 2.46 -9.73 4.18
C GLU A 35 2.89 -8.32 3.83
N LEU A 36 2.26 -7.72 2.81
CA LEU A 36 2.35 -6.30 2.46
C LEU A 36 1.79 -5.47 3.62
N GLU A 37 0.71 -5.91 4.28
CA GLU A 37 0.08 -5.24 5.39
C GLU A 37 1.02 -5.19 6.57
N ALA A 38 1.65 -6.31 6.84
CA ALA A 38 2.68 -6.35 7.84
C ALA A 38 3.89 -5.50 7.42
N TYR A 39 4.40 -5.64 6.19
CA TYR A 39 5.61 -4.92 5.74
C TYR A 39 5.41 -3.39 5.74
N TYR A 40 4.19 -2.95 5.44
CA TYR A 40 3.71 -1.57 5.56
C TYR A 40 3.82 -1.13 7.02
N LYS A 41 3.21 -1.85 7.96
CA LYS A 41 3.28 -1.52 9.38
C LYS A 41 4.73 -1.55 9.94
N LYS A 42 5.55 -2.49 9.47
CA LYS A 42 6.94 -2.73 9.82
C LYS A 42 7.89 -1.60 9.36
N ARG A 43 7.68 -1.10 8.15
CA ARG A 43 8.41 0.04 7.59
C ARG A 43 8.06 1.38 8.24
N VAL A 44 6.80 1.68 8.51
CA VAL A 44 6.29 3.02 8.77
C VAL A 44 6.98 3.79 9.89
N LYS A 45 7.38 3.06 10.91
CA LYS A 45 8.17 3.52 12.05
C LYS A 45 9.65 3.89 11.72
N GLU A 46 10.19 3.17 10.72
CA GLU A 46 11.54 3.23 10.12
C GLU A 46 11.69 4.39 9.14
N THR A 47 10.55 5.00 8.83
CA THR A 47 10.44 6.14 7.91
C THR A 47 9.31 7.12 8.32
N GLU A 48 8.59 7.73 7.35
CA GLU A 48 7.97 9.07 7.44
C GLU A 48 6.58 9.17 6.85
N LEU A 49 5.87 8.04 6.92
CA LEU A 49 4.42 7.96 6.69
C LEU A 49 3.71 9.01 7.55
N LYS A 50 2.85 9.74 6.84
CA LYS A 50 1.99 10.84 7.23
C LYS A 50 0.53 10.39 7.07
N ASP A 51 -0.45 11.26 7.30
CA ASP A 51 -1.84 10.87 7.02
C ASP A 51 -2.01 10.40 5.56
N THR A 52 -1.44 11.13 4.64
CA THR A 52 -1.67 11.00 3.20
C THR A 52 -1.34 9.63 2.61
N ASP A 53 -0.18 9.01 2.93
CA ASP A 53 0.05 7.61 2.51
C ASP A 53 -0.94 6.72 3.21
N ASP A 54 -1.05 6.90 4.52
CA ASP A 54 -1.63 5.88 5.36
C ASP A 54 -3.09 5.61 5.00
N ILE A 55 -3.88 6.66 4.82
CA ILE A 55 -5.30 6.51 4.41
C ILE A 55 -5.47 6.00 3.00
N SER A 56 -4.72 6.59 2.07
CA SER A 56 -4.92 6.33 0.65
C SER A 56 -4.62 4.87 0.30
N VAL A 57 -3.44 4.46 0.77
CA VAL A 57 -2.92 3.11 0.67
C VAL A 57 -3.71 2.14 1.52
N ARG A 58 -4.03 2.47 2.77
CA ARG A 58 -4.79 1.53 3.62
C ARG A 58 -6.15 1.26 3.03
N ASP A 59 -6.81 2.30 2.56
CA ASP A 59 -8.18 2.12 2.12
C ASP A 59 -8.28 1.23 0.87
N ALA A 60 -7.21 1.26 0.08
CA ALA A 60 -6.84 0.39 -1.02
C ALA A 60 -6.40 -1.01 -0.63
N LEU A 61 -5.54 -1.12 0.36
CA LEU A 61 -4.94 -2.32 0.91
C LEU A 61 -5.98 -3.15 1.67
N ALA A 62 -6.70 -2.50 2.59
CA ALA A 62 -7.97 -2.98 3.09
C ALA A 62 -9.07 -3.11 2.01
N GLY A 63 -8.97 -2.25 1.00
CA GLY A 63 -9.77 -2.19 -0.21
C GLY A 63 -9.76 -3.55 -0.90
N LYS A 64 -8.53 -4.00 -1.19
CA LYS A 64 -8.17 -5.26 -1.77
C LYS A 64 -8.39 -6.43 -0.83
N ARG A 65 -8.19 -6.23 0.47
CA ARG A 65 -8.27 -7.29 1.46
C ARG A 65 -9.62 -7.98 1.37
N ALA A 66 -10.70 -7.21 1.34
CA ALA A 66 -12.05 -7.75 1.20
C ALA A 66 -12.23 -8.55 -0.09
N GLU A 67 -11.59 -8.12 -1.17
CA GLU A 67 -11.66 -8.76 -2.49
C GLU A 67 -10.98 -10.11 -2.43
N LEU A 68 -9.80 -10.05 -1.84
CA LEU A 68 -8.86 -11.13 -1.68
C LEU A 68 -9.32 -12.24 -0.74
N GLU A 69 -10.07 -11.81 0.27
CA GLU A 69 -10.78 -12.56 1.27
C GLU A 69 -12.05 -13.21 0.71
N ASP A 70 -12.65 -12.53 -0.26
CA ASP A 70 -13.59 -13.10 -1.25
C ASP A 70 -12.84 -14.01 -2.25
N SER A 71 -11.51 -13.89 -2.28
CA SER A 71 -10.61 -14.78 -3.05
C SER A 71 -9.77 -15.75 -2.19
N ASP A 72 -10.24 -16.07 -0.97
CA ASP A 72 -9.50 -16.82 0.06
C ASP A 72 -9.03 -18.23 -0.36
N ASP A 73 -9.66 -18.80 -1.39
CA ASP A 73 -9.27 -20.07 -2.05
C ASP A 73 -9.28 -19.91 -3.59
N GLU A 74 -8.36 -20.61 -4.27
CA GLU A 74 -7.67 -20.05 -5.45
C GLU A 74 -7.61 -20.97 -6.68
N VAL A 75 -7.18 -20.40 -7.81
CA VAL A 75 -7.00 -21.08 -9.11
C VAL A 75 -6.30 -22.43 -8.97
N GLU A 76 -6.84 -23.44 -9.68
CA GLU A 76 -6.40 -24.85 -9.84
C GLU A 76 -6.35 -25.71 -8.58
N GLU A 77 -6.07 -25.10 -7.43
CA GLU A 77 -6.09 -25.72 -6.09
C GLU A 77 -7.51 -25.98 -5.62
N SER A 78 -8.44 -25.15 -6.11
CA SER A 78 -9.88 -25.41 -6.05
C SER A 78 -10.70 -24.92 -7.26
N PHE A 79 -10.08 -24.30 -8.27
CA PHE A 79 -10.76 -23.64 -9.40
C PHE A 79 -10.00 -23.79 -10.73
N GLY A 1 13.24 24.27 -13.83
CA GLY A 1 13.44 23.57 -12.53
C GLY A 1 14.04 22.18 -12.73
N SER A 2 15.04 21.84 -11.91
CA SER A 2 15.88 20.63 -12.05
C SER A 2 16.16 19.90 -10.71
N HIS A 3 15.44 20.25 -9.64
CA HIS A 3 15.68 19.79 -8.26
C HIS A 3 14.38 19.56 -7.45
N MET A 4 14.48 18.86 -6.32
CA MET A 4 13.39 18.66 -5.35
C MET A 4 12.91 19.98 -4.72
N LEU A 5 11.68 19.94 -4.18
CA LEU A 5 10.98 21.12 -3.66
C LEU A 5 11.61 21.68 -2.37
N LEU A 6 12.00 20.79 -1.44
CA LEU A 6 12.69 21.01 -0.16
C LEU A 6 12.07 22.00 0.87
N GLU A 7 11.05 22.78 0.49
CA GLU A 7 10.29 23.73 1.35
C GLU A 7 8.77 23.66 1.16
N PHE A 8 8.29 22.66 0.42
CA PHE A 8 6.87 22.36 0.18
C PHE A 8 6.61 20.85 0.27
N LYS A 9 5.46 20.46 0.82
CA LYS A 9 5.05 19.06 1.11
C LYS A 9 5.00 18.12 -0.12
N GLN A 10 4.68 18.64 -1.31
CA GLN A 10 3.99 17.87 -2.37
C GLN A 10 4.79 16.73 -2.98
N PHE A 11 6.11 16.88 -2.99
CA PHE A 11 7.01 15.82 -3.42
C PHE A 11 6.86 14.54 -2.57
N LEU A 12 6.53 14.73 -1.28
CA LEU A 12 6.29 13.66 -0.30
C LEU A 12 4.90 13.05 -0.35
N TYR A 13 3.94 13.81 -0.87
CA TYR A 13 2.53 13.44 -0.89
C TYR A 13 2.17 12.71 -2.21
N GLU A 14 2.96 12.90 -3.27
CA GLU A 14 3.05 12.01 -4.45
C GLU A 14 3.80 10.72 -4.13
N ALA A 15 4.87 10.81 -3.34
CA ALA A 15 5.71 9.69 -2.87
C ALA A 15 4.92 8.52 -2.25
N SER A 16 3.90 8.92 -1.50
CA SER A 16 3.06 8.08 -0.66
C SER A 16 2.33 6.94 -1.41
N ILE A 17 2.09 7.13 -2.71
CA ILE A 17 1.30 6.28 -3.63
C ILE A 17 2.20 5.68 -4.75
N ASP A 18 3.50 6.01 -4.73
CA ASP A 18 4.48 5.69 -5.80
C ASP A 18 5.09 4.28 -5.67
N GLU A 19 4.92 3.64 -4.51
CA GLU A 19 5.36 2.27 -4.22
C GLU A 19 4.17 1.39 -3.86
N PHE A 20 3.60 1.59 -2.66
CA PHE A 20 2.64 0.68 -2.04
C PHE A 20 1.39 0.46 -2.88
N MET A 21 0.74 1.49 -3.39
CA MET A 21 -0.58 1.41 -4.06
C MET A 21 -0.57 0.47 -5.26
N GLY A 22 0.54 0.45 -6.02
CA GLY A 22 0.77 -0.54 -7.06
C GLY A 22 1.12 -1.89 -6.48
N LYS A 23 1.88 -1.96 -5.40
CA LYS A 23 2.32 -3.17 -4.76
C LYS A 23 1.09 -3.96 -4.26
N ILE A 24 0.13 -3.25 -3.65
CA ILE A 24 -1.19 -3.77 -3.28
C ILE A 24 -2.13 -4.03 -4.44
N ALA A 25 -2.24 -3.11 -5.40
CA ALA A 25 -3.06 -3.33 -6.58
C ALA A 25 -2.55 -4.53 -7.41
N SER A 26 -1.28 -4.88 -7.22
CA SER A 26 -0.57 -6.02 -7.80
C SER A 26 -0.34 -7.16 -6.80
N CYS A 27 -0.97 -7.17 -5.62
CA CYS A 27 -0.56 -8.11 -4.60
C CYS A 27 -0.88 -9.59 -4.96
N GLN A 28 -1.90 -9.76 -5.81
CA GLN A 28 -2.47 -10.98 -6.43
C GLN A 28 -2.95 -12.09 -5.48
N THR A 29 -2.76 -11.90 -4.18
CA THR A 29 -2.96 -12.89 -3.12
C THR A 29 -3.27 -12.14 -1.85
N LEU A 30 -4.22 -12.63 -1.05
CA LEU A 30 -4.46 -11.95 0.21
C LEU A 30 -3.29 -12.14 1.15
N GLU A 31 -2.76 -13.33 1.05
CA GLU A 31 -1.67 -13.83 1.82
C GLU A 31 -0.41 -13.01 1.59
N GLY A 32 -0.24 -12.53 0.37
CA GLY A 32 0.69 -11.46 0.04
C GLY A 32 0.27 -10.08 0.49
N LEU A 33 -0.98 -9.68 0.33
CA LEU A 33 -1.47 -8.38 0.76
C LEU A 33 -1.31 -8.12 2.25
N GLU A 34 -1.58 -9.14 3.01
CA GLU A 34 -1.31 -9.37 4.44
C GLU A 34 0.18 -9.31 4.81
N GLU A 35 1.06 -9.77 3.92
CA GLU A 35 2.53 -9.60 4.01
C GLU A 35 2.93 -8.17 3.67
N LEU A 36 2.29 -7.55 2.69
CA LEU A 36 2.35 -6.11 2.42
C LEU A 36 1.81 -5.33 3.61
N GLU A 37 0.77 -5.81 4.29
CA GLU A 37 0.15 -5.20 5.45
C GLU A 37 1.09 -5.18 6.62
N ALA A 38 1.76 -6.32 6.83
CA ALA A 38 2.81 -6.37 7.79
C ALA A 38 3.98 -5.48 7.36
N TYR A 39 4.45 -5.55 6.11
CA TYR A 39 5.61 -4.78 5.62
C TYR A 39 5.34 -3.25 5.69
N TYR A 40 4.09 -2.84 5.50
CA TYR A 40 3.58 -1.48 5.73
C TYR A 40 3.80 -1.13 7.20
N LYS A 41 3.28 -1.93 8.13
CA LYS A 41 3.44 -1.66 9.56
C LYS A 41 4.91 -1.63 10.02
N LYS A 42 5.73 -2.52 9.45
CA LYS A 42 7.15 -2.71 9.67
C LYS A 42 8.01 -1.53 9.19
N ARG A 43 7.80 -0.99 7.99
CA ARG A 43 8.44 0.25 7.53
C ARG A 43 7.93 1.54 8.21
N VAL A 44 6.65 1.66 8.48
CA VAL A 44 6.01 2.92 8.85
C VAL A 44 6.54 3.52 10.15
N LYS A 45 6.85 2.65 11.09
CA LYS A 45 7.52 2.95 12.36
C LYS A 45 8.97 3.47 12.20
N GLU A 46 9.65 2.92 11.18
CA GLU A 46 11.08 2.99 10.85
C GLU A 46 11.40 4.32 10.15
N THR A 47 10.34 4.92 9.60
CA THR A 47 10.44 6.14 8.79
C THR A 47 9.16 7.02 8.83
N GLU A 48 8.69 7.55 7.69
CA GLU A 48 7.96 8.83 7.55
C GLU A 48 6.75 8.76 6.63
N LEU A 49 6.03 7.66 6.75
CA LEU A 49 4.60 7.65 6.47
C LEU A 49 3.95 8.82 7.23
N LYS A 50 3.26 9.61 6.43
CA LYS A 50 2.46 10.77 6.78
C LYS A 50 0.98 10.39 6.71
N ASP A 51 0.05 11.30 6.93
CA ASP A 51 -1.36 10.95 6.75
C ASP A 51 -1.64 10.42 5.34
N THR A 52 -1.04 11.06 4.34
CA THR A 52 -1.34 10.86 2.92
C THR A 52 -1.13 9.44 2.42
N ASP A 53 -0.01 8.76 2.76
CA ASP A 53 0.16 7.34 2.38
C ASP A 53 -0.90 6.52 3.09
N ASP A 54 -1.02 6.72 4.40
CA ASP A 54 -1.66 5.78 5.32
C ASP A 54 -3.13 5.54 5.01
N ILE A 55 -3.85 6.61 4.73
CA ILE A 55 -5.25 6.58 4.31
C ILE A 55 -5.44 5.98 2.94
N SER A 56 -4.58 6.43 1.99
CA SER A 56 -4.75 6.02 0.60
C SER A 56 -4.54 4.53 0.51
N VAL A 57 -3.42 4.13 1.10
CA VAL A 57 -3.00 2.78 1.16
C VAL A 57 -3.91 1.95 2.02
N ARG A 58 -4.33 2.34 3.22
CA ARG A 58 -5.12 1.40 4.01
C ARG A 58 -6.47 1.19 3.40
N ASP A 59 -7.04 2.26 2.87
CA ASP A 59 -8.38 2.13 2.32
C ASP A 59 -8.39 1.24 1.06
N ALA A 60 -7.29 1.27 0.31
CA ALA A 60 -6.90 0.42 -0.80
C ALA A 60 -6.53 -1.02 -0.46
N LEU A 61 -5.65 -1.18 0.50
CA LEU A 61 -5.04 -2.37 1.04
C LEU A 61 -6.07 -3.18 1.83
N ALA A 62 -6.77 -2.53 2.76
CA ALA A 62 -8.03 -3.06 3.28
C ALA A 62 -9.13 -3.15 2.20
N GLY A 63 -9.08 -2.24 1.22
CA GLY A 63 -9.86 -2.20 -0.01
C GLY A 63 -9.85 -3.56 -0.69
N LYS A 64 -8.62 -3.98 -1.00
CA LYS A 64 -8.22 -5.22 -1.61
C LYS A 64 -8.42 -6.42 -0.72
N ARG A 65 -8.24 -6.28 0.58
CA ARG A 65 -8.29 -7.37 1.54
C ARG A 65 -9.62 -8.08 1.44
N ALA A 66 -10.72 -7.33 1.45
CA ALA A 66 -12.06 -7.88 1.31
C ALA A 66 -12.24 -8.66 -0.01
N GLU A 67 -11.61 -8.15 -1.07
CA GLU A 67 -11.68 -8.75 -2.40
C GLU A 67 -10.97 -10.09 -2.40
N LEU A 68 -9.78 -10.03 -1.83
CA LEU A 68 -8.83 -11.11 -1.73
C LEU A 68 -9.24 -12.25 -0.82
N GLU A 69 -9.99 -11.89 0.21
CA GLU A 69 -10.66 -12.67 1.22
C GLU A 69 -11.90 -13.36 0.69
N ASP A 70 -12.56 -12.71 -0.28
CA ASP A 70 -13.46 -13.40 -1.22
C ASP A 70 -12.64 -14.30 -2.13
N SER A 71 -11.37 -13.94 -2.34
CA SER A 71 -10.45 -14.69 -3.21
C SER A 71 -9.59 -15.73 -2.43
N ASP A 72 -10.05 -16.16 -1.24
CA ASP A 72 -9.34 -17.00 -0.24
C ASP A 72 -8.82 -18.35 -0.78
N ASP A 73 -9.33 -18.80 -1.93
CA ASP A 73 -9.01 -20.04 -2.64
C ASP A 73 -7.51 -20.34 -2.78
N GLU A 74 -7.14 -21.63 -2.71
CA GLU A 74 -5.78 -22.10 -2.39
C GLU A 74 -5.17 -23.00 -3.46
N VAL A 75 -5.10 -22.47 -4.69
CA VAL A 75 -4.49 -23.03 -5.93
C VAL A 75 -5.12 -24.29 -6.53
N GLU A 76 -5.35 -25.27 -5.68
CA GLU A 76 -5.64 -26.68 -6.00
C GLU A 76 -6.34 -27.45 -4.87
N GLU A 77 -6.14 -27.02 -3.62
CA GLU A 77 -6.62 -27.73 -2.41
C GLU A 77 -8.12 -27.59 -2.23
N SER A 78 -8.68 -26.52 -2.80
CA SER A 78 -10.13 -26.32 -2.96
C SER A 78 -10.57 -25.53 -4.22
N PHE A 79 -9.63 -25.25 -5.14
CA PHE A 79 -9.87 -24.50 -6.38
C PHE A 79 -10.74 -25.30 -7.38
N GLY A 1 22.80 15.05 -3.70
CA GLY A 1 21.54 14.60 -4.37
C GLY A 1 20.51 15.72 -4.44
N SER A 2 20.01 16.03 -5.64
CA SER A 2 19.15 17.19 -5.93
C SER A 2 17.91 16.86 -6.80
N HIS A 3 17.60 15.58 -6.99
CA HIS A 3 16.47 15.10 -7.80
C HIS A 3 15.07 15.43 -7.21
N MET A 4 15.00 15.67 -5.90
CA MET A 4 13.79 15.95 -5.12
C MET A 4 13.94 17.15 -4.18
N LEU A 5 12.83 17.62 -3.59
CA LEU A 5 12.77 18.88 -2.84
C LEU A 5 13.58 18.87 -1.52
N LEU A 6 13.58 17.73 -0.81
CA LEU A 6 14.28 17.45 0.47
C LEU A 6 13.98 18.40 1.69
N GLU A 7 13.39 19.57 1.48
CA GLU A 7 13.10 20.62 2.49
C GLU A 7 11.68 21.20 2.42
N PHE A 8 10.85 20.66 1.53
CA PHE A 8 9.41 20.92 1.45
C PHE A 8 8.64 19.65 0.98
N LYS A 9 7.40 19.49 1.43
CA LYS A 9 6.69 18.20 1.55
C LYS A 9 6.53 17.35 0.27
N GLN A 10 6.42 17.95 -0.91
CA GLN A 10 5.67 17.36 -2.05
C GLN A 10 6.24 16.06 -2.60
N PHE A 11 7.56 15.90 -2.48
CA PHE A 11 8.24 14.67 -2.83
C PHE A 11 7.70 13.46 -2.05
N LEU A 12 7.28 13.69 -0.80
CA LEU A 12 6.70 12.68 0.10
C LEU A 12 5.22 12.38 -0.12
N TYR A 13 4.53 13.33 -0.72
CA TYR A 13 3.08 13.32 -0.90
C TYR A 13 2.68 12.73 -2.26
N GLU A 14 3.59 12.77 -3.25
CA GLU A 14 3.59 11.91 -4.45
C GLU A 14 4.09 10.47 -4.18
N ALA A 15 4.97 10.31 -3.18
CA ALA A 15 5.59 9.05 -2.75
C ALA A 15 4.58 7.96 -2.43
N SER A 16 3.54 8.41 -1.73
CA SER A 16 2.59 7.63 -0.96
C SER A 16 1.81 6.56 -1.78
N ILE A 17 1.75 6.77 -3.09
CA ILE A 17 0.91 6.05 -4.06
C ILE A 17 1.75 5.46 -5.24
N ASP A 18 3.05 5.75 -5.25
CA ASP A 18 3.98 5.52 -6.38
C ASP A 18 4.37 4.05 -6.58
N GLU A 19 4.30 3.27 -5.50
CA GLU A 19 4.55 1.81 -5.47
C GLU A 19 3.46 1.06 -4.72
N PHE A 20 3.17 1.41 -3.45
CA PHE A 20 2.34 0.58 -2.56
C PHE A 20 0.96 0.29 -3.13
N MET A 21 0.26 1.28 -3.67
CA MET A 21 -1.10 1.17 -4.23
C MET A 21 -1.20 0.15 -5.36
N GLY A 22 -0.19 0.09 -6.22
CA GLY A 22 -0.08 -1.01 -7.19
C GLY A 22 0.33 -2.31 -6.53
N LYS A 23 1.24 -2.27 -5.56
CA LYS A 23 1.73 -3.43 -4.87
C LYS A 23 0.61 -4.20 -4.19
N ILE A 24 -0.31 -3.48 -3.53
CA ILE A 24 -1.57 -3.99 -3.00
C ILE A 24 -2.65 -4.36 -4.02
N ALA A 25 -3.01 -3.43 -4.89
CA ALA A 25 -4.14 -3.62 -5.82
C ALA A 25 -3.82 -4.66 -6.90
N SER A 26 -2.52 -4.87 -7.12
CA SER A 26 -1.92 -5.90 -7.97
C SER A 26 -1.16 -7.00 -7.19
N CYS A 27 -1.29 -7.08 -5.86
CA CYS A 27 -0.59 -8.12 -5.11
C CYS A 27 -0.92 -9.56 -5.58
N GLN A 28 -2.15 -9.78 -6.06
CA GLN A 28 -2.73 -11.03 -6.59
C GLN A 28 -2.97 -12.13 -5.54
N THR A 29 -2.58 -11.88 -4.29
CA THR A 29 -2.67 -12.82 -3.17
C THR A 29 -2.95 -12.05 -1.91
N LEU A 30 -3.84 -12.54 -1.05
CA LEU A 30 -4.10 -11.83 0.19
C LEU A 30 -2.93 -11.97 1.11
N GLU A 31 -2.30 -13.12 1.01
CA GLU A 31 -1.19 -13.53 1.77
C GLU A 31 0.00 -12.61 1.52
N GLY A 32 0.11 -12.12 0.30
CA GLY A 32 0.96 -11.00 -0.04
C GLY A 32 0.49 -9.64 0.42
N LEU A 33 -0.79 -9.33 0.31
CA LEU A 33 -1.38 -8.06 0.74
C LEU A 33 -1.16 -7.79 2.21
N GLU A 34 -1.34 -8.84 2.98
CA GLU A 34 -1.05 -9.04 4.40
C GLU A 34 0.45 -8.96 4.75
N GLU A 35 1.33 -9.40 3.84
CA GLU A 35 2.81 -9.22 3.94
C GLU A 35 3.20 -7.79 3.66
N LEU A 36 2.61 -7.17 2.64
CA LEU A 36 2.65 -5.76 2.37
C LEU A 36 2.04 -4.97 3.52
N GLU A 37 0.98 -5.47 4.16
CA GLU A 37 0.36 -4.83 5.30
C GLU A 37 1.32 -4.75 6.46
N ALA A 38 1.98 -5.88 6.71
CA ALA A 38 3.04 -5.92 7.67
C ALA A 38 4.22 -5.04 7.24
N TYR A 39 4.69 -5.10 5.98
CA TYR A 39 5.85 -4.33 5.52
C TYR A 39 5.60 -2.81 5.55
N TYR A 40 4.36 -2.41 5.28
CA TYR A 40 3.85 -1.06 5.47
C TYR A 40 3.97 -0.68 6.94
N LYS A 41 3.39 -1.46 7.85
CA LYS A 41 3.45 -1.21 9.29
C LYS A 41 4.88 -1.19 9.88
N LYS A 42 5.76 -2.03 9.33
CA LYS A 42 7.17 -2.15 9.62
C LYS A 42 7.94 -0.90 9.21
N ARG A 43 7.75 -0.42 7.97
CA ARG A 43 8.40 0.83 7.53
C ARG A 43 7.87 2.09 8.18
N VAL A 44 6.55 2.30 8.30
CA VAL A 44 6.11 3.57 8.88
C VAL A 44 6.62 3.80 10.29
N LYS A 45 6.71 2.72 11.05
CA LYS A 45 7.38 2.68 12.33
C LYS A 45 8.88 3.07 12.25
N GLU A 46 9.57 2.60 11.21
CA GLU A 46 11.01 2.83 10.93
C GLU A 46 11.29 4.26 10.45
N THR A 47 10.24 5.00 10.13
CA THR A 47 10.34 6.39 9.66
C THR A 47 9.06 7.20 9.98
N GLU A 48 8.52 8.00 9.05
CA GLU A 48 7.55 9.07 9.31
C GLU A 48 6.51 9.20 8.20
N LEU A 49 5.76 8.13 8.07
CA LEU A 49 4.54 8.09 7.29
C LEU A 49 3.54 9.18 7.73
N LYS A 50 3.56 10.26 6.94
CA LYS A 50 2.49 11.26 6.86
C LYS A 50 1.09 10.62 6.72
N ASP A 51 0.06 11.44 6.92
CA ASP A 51 -1.34 10.99 6.85
C ASP A 51 -1.73 10.47 5.47
N THR A 52 -1.24 11.11 4.42
CA THR A 52 -1.68 10.92 3.03
C THR A 52 -1.50 9.49 2.54
N ASP A 53 -0.35 8.92 2.89
CA ASP A 53 0.03 7.55 2.55
C ASP A 53 -0.98 6.58 3.18
N ASP A 54 -1.20 6.76 4.47
CA ASP A 54 -1.86 5.85 5.42
C ASP A 54 -3.28 5.54 5.02
N ILE A 55 -4.00 6.59 4.67
CA ILE A 55 -5.37 6.51 4.14
C ILE A 55 -5.49 5.91 2.77
N SER A 56 -4.61 6.36 1.86
CA SER A 56 -4.76 5.94 0.48
C SER A 56 -4.56 4.46 0.42
N VAL A 57 -3.44 4.08 1.04
CA VAL A 57 -3.04 2.73 1.18
C VAL A 57 -3.95 1.94 2.08
N ARG A 58 -4.35 2.38 3.27
CA ARG A 58 -5.14 1.44 4.08
C ARG A 58 -6.51 1.18 3.50
N ASP A 59 -7.09 2.20 2.89
CA ASP A 59 -8.44 2.08 2.41
C ASP A 59 -8.52 1.20 1.16
N ALA A 60 -7.43 1.25 0.40
CA ALA A 60 -7.02 0.40 -0.71
C ALA A 60 -6.62 -1.02 -0.37
N LEU A 61 -5.78 -1.15 0.64
CA LEU A 61 -5.19 -2.33 1.20
C LEU A 61 -6.22 -3.17 1.92
N ALA A 62 -6.95 -2.54 2.82
CA ALA A 62 -8.26 -3.04 3.27
C ALA A 62 -9.30 -3.15 2.14
N GLY A 63 -9.16 -2.28 1.15
CA GLY A 63 -9.95 -2.21 -0.08
C GLY A 63 -9.93 -3.55 -0.78
N LYS A 64 -8.68 -3.98 -1.04
CA LYS A 64 -8.25 -5.24 -1.59
C LYS A 64 -8.44 -6.42 -0.65
N ARG A 65 -8.29 -6.27 0.66
CA ARG A 65 -8.27 -7.38 1.60
C ARG A 65 -9.53 -8.21 1.46
N ALA A 66 -10.68 -7.55 1.44
CA ALA A 66 -11.96 -8.24 1.23
C ALA A 66 -12.02 -9.01 -0.11
N GLU A 67 -11.40 -8.42 -1.15
CA GLU A 67 -11.36 -9.00 -2.49
C GLU A 67 -10.53 -10.26 -2.53
N LEU A 68 -9.37 -10.10 -1.91
CA LEU A 68 -8.34 -11.09 -1.80
C LEU A 68 -8.70 -12.30 -0.94
N GLU A 69 -9.51 -12.02 0.07
CA GLU A 69 -10.17 -12.90 1.01
C GLU A 69 -11.35 -13.62 0.37
N ASP A 70 -12.00 -12.94 -0.57
CA ASP A 70 -12.86 -13.53 -1.61
C ASP A 70 -12.02 -14.29 -2.66
N SER A 71 -10.70 -14.05 -2.64
CA SER A 71 -9.71 -14.81 -3.43
C SER A 71 -8.86 -15.78 -2.58
N ASP A 72 -9.35 -16.16 -1.39
CA ASP A 72 -8.67 -17.05 -0.42
C ASP A 72 -8.29 -18.43 -1.00
N ASP A 73 -9.01 -18.88 -2.05
CA ASP A 73 -8.85 -20.13 -2.81
C ASP A 73 -7.40 -20.34 -3.31
N GLU A 74 -6.67 -21.24 -2.63
CA GLU A 74 -5.21 -21.41 -2.78
C GLU A 74 -4.85 -22.05 -4.14
N VAL A 75 -4.13 -21.30 -4.97
CA VAL A 75 -3.95 -21.43 -6.44
C VAL A 75 -5.26 -21.40 -7.25
N GLU A 76 -6.17 -22.29 -6.87
CA GLU A 76 -7.40 -22.68 -7.54
C GLU A 76 -8.55 -23.02 -6.58
N GLU A 77 -8.21 -23.53 -5.39
CA GLU A 77 -9.14 -24.02 -4.36
C GLU A 77 -8.48 -24.16 -2.98
N SER A 78 -7.38 -24.93 -2.93
CA SER A 78 -6.82 -25.50 -1.69
C SER A 78 -5.39 -26.08 -1.85
N PHE A 79 -4.69 -25.76 -2.94
CA PHE A 79 -3.45 -26.42 -3.37
C PHE A 79 -2.19 -25.67 -2.89
N GLY A 1 -2.32 27.25 -9.84
CA GLY A 1 -1.80 26.05 -9.13
C GLY A 1 -1.40 26.36 -7.69
N SER A 2 -1.48 25.34 -6.83
CA SER A 2 -1.18 25.42 -5.38
C SER A 2 -0.41 24.17 -4.87
N HIS A 3 0.27 23.45 -5.78
CA HIS A 3 0.71 22.06 -5.61
C HIS A 3 2.11 21.74 -6.17
N MET A 4 2.90 22.77 -6.52
CA MET A 4 4.25 22.62 -7.08
C MET A 4 5.23 21.88 -6.16
N LEU A 5 6.10 21.07 -6.77
CA LEU A 5 7.11 20.25 -6.07
C LEU A 5 8.37 21.02 -5.61
N LEU A 6 8.57 22.25 -6.12
CA LEU A 6 9.82 23.02 -6.01
C LEU A 6 10.29 23.31 -4.57
N GLU A 7 9.37 23.77 -3.71
CA GLU A 7 9.68 24.29 -2.34
C GLU A 7 8.51 24.17 -1.35
N PHE A 8 7.59 23.24 -1.61
CA PHE A 8 6.35 23.01 -0.85
C PHE A 8 6.14 21.52 -0.50
N LYS A 9 5.16 21.23 0.37
CA LYS A 9 4.90 19.93 1.02
C LYS A 9 4.65 18.75 0.05
N GLN A 10 4.08 19.03 -1.12
CA GLN A 10 3.53 18.10 -2.12
C GLN A 10 4.45 17.03 -2.66
N PHE A 11 5.75 17.29 -2.59
CA PHE A 11 6.77 16.30 -2.93
C PHE A 11 6.65 15.04 -2.06
N LEU A 12 6.22 15.21 -0.80
CA LEU A 12 5.99 14.11 0.12
C LEU A 12 4.71 13.32 -0.12
N TYR A 13 3.76 13.97 -0.77
CA TYR A 13 2.37 13.54 -0.93
C TYR A 13 2.10 12.89 -2.30
N GLU A 14 2.92 13.19 -3.31
CA GLU A 14 3.07 12.39 -4.56
C GLU A 14 3.90 11.12 -4.37
N ALA A 15 4.87 11.17 -3.46
CA ALA A 15 5.76 10.07 -3.04
C ALA A 15 5.03 8.85 -2.48
N SER A 16 3.94 9.15 -1.77
CA SER A 16 3.24 8.31 -0.81
C SER A 16 2.73 6.98 -1.41
N ILE A 17 2.40 7.03 -2.70
CA ILE A 17 1.45 6.16 -3.42
C ILE A 17 2.03 5.75 -4.80
N ASP A 18 3.31 6.08 -5.05
CA ASP A 18 4.00 5.96 -6.35
C ASP A 18 4.37 4.50 -6.72
N GLU A 19 4.54 3.66 -5.70
CA GLU A 19 4.85 2.21 -5.84
C GLU A 19 3.95 1.30 -5.00
N PHE A 20 3.71 1.66 -3.73
CA PHE A 20 2.98 0.85 -2.75
C PHE A 20 1.56 0.49 -3.20
N MET A 21 0.79 1.47 -3.66
CA MET A 21 -0.58 1.27 -4.15
C MET A 21 -0.64 0.30 -5.33
N GLY A 22 0.43 0.25 -6.11
CA GLY A 22 0.69 -0.76 -7.12
C GLY A 22 1.06 -2.10 -6.51
N LYS A 23 1.84 -2.12 -5.44
CA LYS A 23 2.38 -3.30 -4.80
C LYS A 23 1.21 -4.09 -4.20
N ILE A 24 0.27 -3.37 -3.55
CA ILE A 24 -1.02 -3.91 -3.14
C ILE A 24 -2.02 -4.18 -4.27
N ALA A 25 -2.16 -3.30 -5.25
CA ALA A 25 -3.02 -3.58 -6.40
C ALA A 25 -2.54 -4.81 -7.22
N SER A 26 -1.26 -5.13 -7.07
CA SER A 26 -0.57 -6.28 -7.68
C SER A 26 -0.33 -7.42 -6.67
N CYS A 27 -0.95 -7.41 -5.49
CA CYS A 27 -0.53 -8.33 -4.46
C CYS A 27 -0.86 -9.82 -4.77
N GLN A 28 -1.87 -10.02 -5.65
CA GLN A 28 -2.40 -11.26 -6.26
C GLN A 28 -2.94 -12.34 -5.29
N THR A 29 -2.77 -12.12 -4.00
CA THR A 29 -3.00 -13.09 -2.93
C THR A 29 -3.32 -12.33 -1.68
N LEU A 30 -4.29 -12.78 -0.87
CA LEU A 30 -4.54 -12.05 0.36
C LEU A 30 -3.37 -12.25 1.31
N GLU A 31 -2.86 -13.46 1.25
CA GLU A 31 -1.80 -13.94 2.07
C GLU A 31 -0.53 -13.15 1.86
N GLY A 32 -0.31 -12.72 0.62
CA GLY A 32 0.64 -11.67 0.28
C GLY A 32 0.24 -10.25 0.63
N LEU A 33 -1.00 -9.84 0.46
CA LEU A 33 -1.49 -8.52 0.86
C LEU A 33 -1.35 -8.23 2.35
N GLU A 34 -1.68 -9.22 3.14
CA GLU A 34 -1.46 -9.39 4.58
C GLU A 34 0.02 -9.37 4.99
N GLU A 35 0.89 -9.87 4.12
CA GLU A 35 2.36 -9.83 4.18
C GLU A 35 2.86 -8.42 3.84
N LEU A 36 2.26 -7.77 2.84
CA LEU A 36 2.38 -6.36 2.51
C LEU A 36 1.85 -5.51 3.68
N GLU A 37 0.79 -5.96 4.35
CA GLU A 37 0.17 -5.29 5.47
C GLU A 37 1.05 -5.30 6.70
N ALA A 38 1.62 -6.47 6.96
CA ALA A 38 2.62 -6.59 7.99
C ALA A 38 3.86 -5.76 7.61
N TYR A 39 4.29 -5.80 6.35
CA TYR A 39 5.43 -5.01 5.86
C TYR A 39 5.15 -3.48 5.95
N TYR A 40 3.91 -3.02 5.73
CA TYR A 40 3.46 -1.66 5.98
C TYR A 40 3.67 -1.33 7.46
N LYS A 41 3.12 -2.15 8.34
CA LYS A 41 3.27 -1.96 9.79
C LYS A 41 4.73 -2.02 10.27
N LYS A 42 5.61 -2.84 9.67
CA LYS A 42 7.03 -2.97 9.89
C LYS A 42 7.83 -1.73 9.46
N ARG A 43 7.46 -1.15 8.31
CA ARG A 43 8.07 0.04 7.71
C ARG A 43 7.79 1.35 8.46
N VAL A 44 6.54 1.59 8.83
CA VAL A 44 5.98 2.89 9.21
C VAL A 44 6.63 3.59 10.39
N LYS A 45 7.25 2.79 11.25
CA LYS A 45 8.12 3.21 12.34
C LYS A 45 9.58 3.58 11.96
N GLU A 46 10.08 2.88 10.93
CA GLU A 46 11.41 2.89 10.31
C GLU A 46 11.58 4.03 9.32
N THR A 47 10.46 4.68 9.01
CA THR A 47 10.38 5.84 8.13
C THR A 47 9.25 6.81 8.54
N GLU A 48 8.59 7.49 7.60
CA GLU A 48 7.96 8.81 7.74
C GLU A 48 6.61 8.85 7.06
N LEU A 49 5.84 7.81 7.34
CA LEU A 49 4.42 7.70 7.06
C LEU A 49 3.65 8.88 7.68
N LYS A 50 3.55 9.93 6.86
CA LYS A 50 2.59 11.02 6.98
C LYS A 50 1.16 10.50 6.89
N ASP A 51 0.17 11.34 7.16
CA ASP A 51 -1.25 10.96 7.06
C ASP A 51 -1.63 10.51 5.65
N THR A 52 -1.12 11.20 4.63
CA THR A 52 -1.51 11.05 3.22
C THR A 52 -1.28 9.63 2.69
N ASP A 53 -0.09 9.05 2.90
CA ASP A 53 0.20 7.69 2.47
C ASP A 53 -0.74 6.72 3.16
N ASP A 54 -0.90 6.93 4.47
CA ASP A 54 -1.54 5.92 5.30
C ASP A 54 -2.98 5.69 4.89
N ILE A 55 -3.74 6.78 4.67
CA ILE A 55 -5.15 6.62 4.27
C ILE A 55 -5.31 6.06 2.88
N SER A 56 -4.53 6.63 1.96
CA SER A 56 -4.70 6.31 0.55
C SER A 56 -4.40 4.85 0.24
N VAL A 57 -3.23 4.43 0.73
CA VAL A 57 -2.74 3.06 0.67
C VAL A 57 -3.53 2.10 1.53
N ARG A 58 -3.85 2.44 2.79
CA ARG A 58 -4.54 1.46 3.64
C ARG A 58 -5.94 1.21 3.18
N ASP A 59 -6.61 2.26 2.70
CA ASP A 59 -8.00 2.10 2.28
C ASP A 59 -8.11 1.20 1.04
N ALA A 60 -7.08 1.25 0.19
CA ALA A 60 -6.77 0.39 -0.93
C ALA A 60 -6.30 -1.02 -0.60
N LEU A 61 -5.44 -1.14 0.40
CA LEU A 61 -4.87 -2.36 0.92
C LEU A 61 -5.96 -3.16 1.62
N ALA A 62 -6.67 -2.51 2.53
CA ALA A 62 -7.96 -2.97 3.04
C ALA A 62 -9.04 -3.11 1.95
N GLY A 63 -8.93 -2.25 0.94
CA GLY A 63 -9.72 -2.18 -0.28
C GLY A 63 -9.69 -3.53 -0.99
N LYS A 64 -8.47 -3.99 -1.26
CA LYS A 64 -8.12 -5.28 -1.82
C LYS A 64 -8.37 -6.43 -0.86
N ARG A 65 -8.18 -6.25 0.44
CA ARG A 65 -8.26 -7.29 1.44
C ARG A 65 -9.60 -7.98 1.35
N ALA A 66 -10.69 -7.20 1.32
CA ALA A 66 -12.03 -7.74 1.17
C ALA A 66 -12.21 -8.56 -0.12
N GLU A 67 -11.57 -8.13 -1.20
CA GLU A 67 -11.64 -8.78 -2.52
C GLU A 67 -10.96 -10.13 -2.46
N LEU A 68 -9.78 -10.08 -1.88
CA LEU A 68 -8.85 -11.16 -1.68
C LEU A 68 -9.32 -12.24 -0.71
N GLU A 69 -10.08 -11.80 0.28
CA GLU A 69 -10.80 -12.51 1.30
C GLU A 69 -12.07 -13.18 0.74
N ASP A 70 -12.66 -12.52 -0.26
CA ASP A 70 -13.56 -13.17 -1.24
C ASP A 70 -12.78 -14.14 -2.15
N SER A 71 -11.46 -13.94 -2.23
CA SER A 71 -10.54 -14.83 -2.97
C SER A 71 -9.73 -15.79 -2.05
N ASP A 72 -10.23 -16.06 -0.83
CA ASP A 72 -9.56 -16.79 0.26
C ASP A 72 -9.16 -18.24 -0.08
N ASP A 73 -9.68 -18.81 -1.17
CA ASP A 73 -9.40 -20.16 -1.69
C ASP A 73 -7.91 -20.57 -1.64
N GLU A 74 -7.63 -21.80 -1.19
CA GLU A 74 -6.29 -22.29 -0.78
C GLU A 74 -5.78 -23.46 -1.62
N VAL A 75 -4.46 -23.57 -1.72
CA VAL A 75 -3.74 -24.61 -2.51
C VAL A 75 -4.25 -26.03 -2.22
N GLU A 76 -4.44 -26.79 -3.31
CA GLU A 76 -4.72 -28.24 -3.44
C GLU A 76 -5.97 -28.81 -2.76
N GLU A 77 -6.50 -28.18 -1.72
CA GLU A 77 -7.77 -28.58 -1.05
C GLU A 77 -8.96 -28.40 -1.98
N SER A 78 -8.85 -27.38 -2.85
CA SER A 78 -9.85 -27.08 -3.88
C SER A 78 -9.35 -26.20 -5.07
N PHE A 79 -8.04 -25.89 -5.13
CA PHE A 79 -7.41 -25.08 -6.16
C PHE A 79 -7.53 -25.69 -7.58
N GLY A 1 12.94 27.54 -8.24
CA GLY A 1 13.14 26.22 -7.58
C GLY A 1 14.29 25.43 -8.19
N SER A 2 14.44 24.16 -7.78
CA SER A 2 15.48 23.24 -8.28
C SER A 2 15.11 21.74 -8.22
N HIS A 3 14.47 21.28 -7.13
CA HIS A 3 14.15 19.86 -6.89
C HIS A 3 12.79 19.65 -6.18
N MET A 4 11.82 20.53 -6.45
CA MET A 4 10.43 20.47 -5.94
C MET A 4 9.40 21.00 -6.96
N LEU A 5 8.15 20.51 -6.88
CA LEU A 5 7.10 20.85 -7.86
C LEU A 5 6.55 22.27 -7.62
N LEU A 6 6.29 22.61 -6.37
CA LEU A 6 5.85 23.94 -5.89
C LEU A 6 6.29 24.23 -4.43
N GLU A 7 6.43 23.21 -3.57
CA GLU A 7 6.81 23.29 -2.14
C GLU A 7 7.63 22.06 -1.72
N PHE A 8 8.56 22.25 -0.79
CA PHE A 8 9.54 21.23 -0.38
C PHE A 8 8.93 19.91 0.16
N LYS A 9 7.76 19.98 0.81
CA LYS A 9 7.02 18.86 1.41
C LYS A 9 6.56 17.76 0.41
N GLN A 10 6.28 18.15 -0.83
CA GLN A 10 5.62 17.34 -1.88
C GLN A 10 6.48 16.22 -2.42
N PHE A 11 7.77 16.22 -2.09
CA PHE A 11 8.62 15.10 -2.40
C PHE A 11 8.08 13.79 -1.77
N LEU A 12 7.44 13.89 -0.59
CA LEU A 12 6.74 12.78 0.02
C LEU A 12 5.42 12.45 -0.66
N TYR A 13 4.70 13.47 -1.10
CA TYR A 13 3.35 13.33 -1.64
C TYR A 13 3.32 12.83 -3.11
N GLU A 14 4.45 13.00 -3.81
CA GLU A 14 4.86 12.25 -5.03
C GLU A 14 5.23 10.78 -4.78
N ALA A 15 5.66 10.46 -3.54
CA ALA A 15 6.18 9.15 -3.13
C ALA A 15 5.14 8.24 -2.44
N SER A 16 4.13 8.87 -1.85
CA SER A 16 3.20 8.35 -0.84
C SER A 16 2.43 7.12 -1.36
N ILE A 17 2.16 7.11 -2.66
CA ILE A 17 1.03 6.41 -3.29
C ILE A 17 1.31 6.00 -4.76
N ASP A 18 2.53 6.24 -5.26
CA ASP A 18 2.87 6.17 -6.69
C ASP A 18 3.23 4.77 -7.20
N GLU A 19 3.67 3.89 -6.27
CA GLU A 19 3.96 2.46 -6.53
C GLU A 19 3.32 1.49 -5.55
N PHE A 20 3.17 1.87 -4.28
CA PHE A 20 2.56 1.07 -3.19
C PHE A 20 1.11 0.69 -3.50
N MET A 21 0.29 1.64 -3.94
CA MET A 21 -1.10 1.44 -4.36
C MET A 21 -1.22 0.43 -5.50
N GLY A 22 -0.20 0.41 -6.35
CA GLY A 22 0.01 -0.59 -7.38
C GLY A 22 0.47 -1.92 -6.81
N LYS A 23 1.32 -1.92 -5.80
CA LYS A 23 1.94 -3.07 -5.21
C LYS A 23 0.85 -3.89 -4.51
N ILE A 24 -0.03 -3.18 -3.79
CA ILE A 24 -1.26 -3.73 -3.26
C ILE A 24 -2.31 -4.09 -4.31
N ALA A 25 -2.56 -3.23 -5.30
CA ALA A 25 -3.49 -3.54 -6.40
C ALA A 25 -3.04 -4.77 -7.23
N SER A 26 -1.73 -5.05 -7.18
CA SER A 26 -1.05 -6.16 -7.85
C SER A 26 -0.72 -7.33 -6.89
N CYS A 27 -1.28 -7.35 -5.68
CA CYS A 27 -0.73 -8.22 -4.65
C CYS A 27 -1.01 -9.73 -4.92
N GLN A 28 -2.05 -10.00 -5.73
CA GLN A 28 -2.57 -11.29 -6.26
C GLN A 28 -3.00 -12.37 -5.25
N THR A 29 -2.77 -12.11 -3.96
CA THR A 29 -2.90 -13.04 -2.85
C THR A 29 -3.19 -12.24 -1.61
N LEU A 30 -4.10 -12.69 -0.75
CA LEU A 30 -4.29 -11.97 0.49
C LEU A 30 -3.06 -12.13 1.35
N GLU A 31 -2.51 -13.30 1.30
CA GLU A 31 -1.39 -13.74 2.06
C GLU A 31 -0.17 -12.90 1.74
N GLY A 32 -0.05 -12.49 0.48
CA GLY A 32 0.84 -11.43 0.06
C GLY A 32 0.42 -10.02 0.42
N LEU A 33 -0.83 -9.64 0.30
CA LEU A 33 -1.34 -8.33 0.71
C LEU A 33 -1.13 -8.01 2.19
N GLU A 34 -1.28 -9.05 2.98
CA GLU A 34 -0.95 -9.18 4.40
C GLU A 34 0.56 -9.10 4.70
N GLU A 35 1.40 -9.58 3.78
CA GLU A 35 2.87 -9.36 3.78
C GLU A 35 3.23 -7.95 3.35
N LEU A 36 2.51 -7.39 2.39
CA LEU A 36 2.50 -5.98 2.03
C LEU A 36 2.02 -5.14 3.23
N GLU A 37 1.04 -5.64 4.00
CA GLU A 37 0.51 -5.02 5.20
C GLU A 37 1.49 -5.06 6.35
N ALA A 38 2.20 -6.18 6.48
CA ALA A 38 3.32 -6.22 7.36
C ALA A 38 4.39 -5.23 6.89
N TYR A 39 4.71 -5.20 5.60
CA TYR A 39 5.73 -4.30 5.03
C TYR A 39 5.35 -2.81 5.20
N TYR A 40 4.05 -2.47 5.19
CA TYR A 40 3.51 -1.18 5.57
C TYR A 40 3.89 -0.89 7.02
N LYS A 41 3.55 -1.78 7.94
CA LYS A 41 3.87 -1.62 9.37
C LYS A 41 5.40 -1.52 9.65
N LYS A 42 6.20 -2.28 8.90
CA LYS A 42 7.64 -2.40 8.93
C LYS A 42 8.37 -1.12 8.49
N ARG A 43 7.83 -0.35 7.53
CA ARG A 43 8.26 1.03 7.32
C ARG A 43 7.85 2.00 8.44
N VAL A 44 6.61 1.94 8.89
CA VAL A 44 5.97 2.99 9.67
C VAL A 44 6.58 3.22 11.05
N LYS A 45 7.20 2.17 11.59
CA LYS A 45 8.06 2.23 12.77
C LYS A 45 9.37 3.03 12.58
N GLU A 46 9.88 2.98 11.34
CA GLU A 46 11.22 3.35 10.83
C GLU A 46 11.24 4.78 10.33
N THR A 47 10.02 5.32 10.19
CA THR A 47 9.72 6.73 9.96
C THR A 47 8.42 7.05 10.72
N GLU A 48 7.43 7.70 10.10
CA GLU A 48 6.21 8.16 10.78
C GLU A 48 4.91 7.81 10.07
N LEU A 49 5.05 7.61 8.77
CA LEU A 49 4.13 7.85 7.66
C LEU A 49 3.20 9.06 7.77
N LYS A 50 2.82 9.58 6.61
CA LYS A 50 1.80 10.59 6.47
C LYS A 50 0.40 10.00 6.59
N ASP A 51 -0.56 10.80 7.03
CA ASP A 51 -1.99 10.45 6.88
C ASP A 51 -2.32 10.24 5.40
N THR A 52 -1.77 11.09 4.56
CA THR A 52 -1.89 11.13 3.10
C THR A 52 -1.39 9.86 2.42
N ASP A 53 -0.34 9.22 2.95
CA ASP A 53 0.03 7.85 2.57
C ASP A 53 -0.93 6.85 3.19
N ASP A 54 -1.13 7.02 4.49
CA ASP A 54 -1.71 5.96 5.30
C ASP A 54 -3.12 5.65 4.86
N ILE A 55 -3.96 6.68 4.66
CA ILE A 55 -5.41 6.48 4.36
C ILE A 55 -5.63 5.88 3.00
N SER A 56 -4.91 6.49 2.07
CA SER A 56 -5.13 6.35 0.64
C SER A 56 -4.85 4.92 0.21
N VAL A 57 -3.67 4.46 0.66
CA VAL A 57 -3.21 3.10 0.60
C VAL A 57 -3.99 2.16 1.50
N ARG A 58 -4.30 2.47 2.76
CA ARG A 58 -5.06 1.60 3.62
C ARG A 58 -6.44 1.29 3.06
N ASP A 59 -7.09 2.27 2.45
CA ASP A 59 -8.42 2.07 1.88
C ASP A 59 -8.44 1.13 0.67
N ALA A 60 -7.38 1.16 -0.13
CA ALA A 60 -6.99 0.26 -1.19
C ALA A 60 -6.50 -1.13 -0.77
N LEU A 61 -5.61 -1.17 0.22
CA LEU A 61 -4.99 -2.32 0.80
C LEU A 61 -6.02 -3.12 1.60
N ALA A 62 -6.74 -2.45 2.48
CA ALA A 62 -7.98 -2.97 3.05
C ALA A 62 -9.09 -3.19 1.99
N GLY A 63 -9.05 -2.36 0.96
CA GLY A 63 -9.86 -2.37 -0.25
C GLY A 63 -9.82 -3.75 -0.87
N LYS A 64 -8.60 -4.16 -1.18
CA LYS A 64 -8.23 -5.46 -1.71
C LYS A 64 -8.40 -6.58 -0.69
N ARG A 65 -8.14 -6.33 0.58
CA ARG A 65 -8.14 -7.34 1.62
C ARG A 65 -9.46 -8.08 1.65
N ALA A 66 -10.57 -7.36 1.65
CA ALA A 66 -11.90 -7.97 1.62
C ALA A 66 -12.10 -8.85 0.39
N GLU A 67 -11.55 -8.43 -0.75
CA GLU A 67 -11.66 -9.13 -2.02
C GLU A 67 -10.92 -10.45 -1.96
N LEU A 68 -9.71 -10.30 -1.44
CA LEU A 68 -8.72 -11.35 -1.28
C LEU A 68 -9.07 -12.42 -0.26
N GLU A 69 -9.79 -11.98 0.75
CA GLU A 69 -10.38 -12.70 1.85
C GLU A 69 -11.61 -13.47 1.40
N ASP A 70 -12.32 -12.92 0.40
CA ASP A 70 -13.23 -13.67 -0.48
C ASP A 70 -12.45 -14.62 -1.40
N SER A 71 -11.18 -14.27 -1.67
CA SER A 71 -10.27 -15.08 -2.50
C SER A 71 -9.38 -16.04 -1.68
N ASP A 72 -9.79 -16.43 -0.46
CA ASP A 72 -8.97 -17.10 0.57
C ASP A 72 -8.20 -18.36 0.11
N ASP A 73 -8.66 -19.02 -0.97
CA ASP A 73 -8.11 -20.32 -1.45
C ASP A 73 -7.14 -20.22 -2.64
N GLU A 74 -7.03 -19.02 -3.20
CA GLU A 74 -5.94 -18.52 -4.08
C GLU A 74 -5.49 -19.40 -5.26
N VAL A 75 -6.43 -20.16 -5.82
CA VAL A 75 -6.24 -20.92 -7.08
C VAL A 75 -6.26 -20.00 -8.30
N GLU A 76 -7.35 -19.24 -8.35
CA GLU A 76 -7.80 -18.35 -9.43
C GLU A 76 -8.65 -17.23 -8.85
N GLU A 77 -9.55 -17.64 -7.93
CA GLU A 77 -10.12 -16.86 -6.84
C GLU A 77 -10.32 -17.74 -5.61
N SER A 78 -11.17 -18.76 -5.74
CA SER A 78 -11.74 -19.49 -4.61
C SER A 78 -12.40 -20.85 -4.97
N PHE A 79 -12.24 -21.33 -6.20
CA PHE A 79 -12.91 -22.51 -6.77
C PHE A 79 -12.40 -23.84 -6.15
N GLY A 1 5.09 26.12 -12.58
CA GLY A 1 6.44 26.72 -12.41
C GLY A 1 7.52 25.83 -12.97
N SER A 2 8.36 26.37 -13.87
CA SER A 2 9.42 25.62 -14.58
C SER A 2 10.57 25.10 -13.69
N HIS A 3 10.80 25.74 -12.53
CA HIS A 3 11.93 25.48 -11.63
C HIS A 3 11.58 25.46 -10.12
N MET A 4 10.31 25.69 -9.76
CA MET A 4 9.80 25.68 -8.37
C MET A 4 8.36 25.17 -8.28
N LEU A 5 8.08 24.43 -7.20
CA LEU A 5 6.78 23.86 -6.88
C LEU A 5 5.76 24.86 -6.26
N LEU A 6 6.28 25.96 -5.69
CA LEU A 6 5.58 26.93 -4.82
C LEU A 6 4.93 26.32 -3.54
N GLU A 7 5.11 25.02 -3.29
CA GLU A 7 4.75 24.26 -2.08
C GLU A 7 5.64 23.02 -2.01
N PHE A 8 6.65 23.06 -1.14
CA PHE A 8 7.78 22.13 -1.16
C PHE A 8 7.45 20.70 -0.65
N LYS A 9 6.39 20.54 0.15
CA LYS A 9 5.96 19.29 0.80
C LYS A 9 5.62 18.12 -0.16
N GLN A 10 5.14 18.45 -1.36
CA GLN A 10 4.40 17.55 -2.27
C GLN A 10 5.21 16.39 -2.82
N PHE A 11 6.53 16.52 -2.79
CA PHE A 11 7.43 15.45 -3.17
C PHE A 11 7.20 14.19 -2.33
N LEU A 12 6.81 14.39 -1.05
CA LEU A 12 6.51 13.31 -0.12
C LEU A 12 5.11 12.71 -0.27
N TYR A 13 4.22 13.48 -0.85
CA TYR A 13 2.80 13.17 -0.99
C TYR A 13 2.46 12.49 -2.34
N GLU A 14 3.34 12.65 -3.35
CA GLU A 14 3.48 11.71 -4.48
C GLU A 14 4.09 10.37 -4.05
N ALA A 15 5.15 10.45 -3.25
CA ALA A 15 5.97 9.31 -2.81
C ALA A 15 5.15 8.17 -2.18
N SER A 16 4.14 8.61 -1.43
CA SER A 16 3.20 7.84 -0.64
C SER A 16 2.39 6.81 -1.45
N ILE A 17 2.19 7.07 -2.75
CA ILE A 17 1.29 6.34 -3.65
C ILE A 17 2.05 5.65 -4.82
N ASP A 18 3.15 6.28 -5.26
CA ASP A 18 3.89 6.04 -6.53
C ASP A 18 4.31 4.58 -6.77
N GLU A 19 4.62 3.85 -5.70
CA GLU A 19 4.79 2.38 -5.70
C GLU A 19 3.73 1.66 -4.89
N PHE A 20 3.34 2.19 -3.73
CA PHE A 20 2.41 1.54 -2.78
C PHE A 20 1.03 1.21 -3.38
N MET A 21 0.40 2.14 -4.06
CA MET A 21 -0.90 1.89 -4.72
C MET A 21 -0.83 0.81 -5.80
N GLY A 22 0.34 0.66 -6.41
CA GLY A 22 0.68 -0.44 -7.29
C GLY A 22 0.92 -1.73 -6.53
N LYS A 23 1.56 -1.68 -5.35
CA LYS A 23 1.85 -2.76 -4.45
C LYS A 23 0.53 -3.39 -3.98
N ILE A 24 -0.45 -2.55 -3.65
CA ILE A 24 -1.85 -2.94 -3.36
C ILE A 24 -2.44 -3.62 -4.59
N ALA A 25 -2.37 -2.89 -5.69
CA ALA A 25 -3.17 -3.24 -6.86
C ALA A 25 -2.65 -4.53 -7.52
N SER A 26 -1.37 -4.81 -7.24
CA SER A 26 -0.60 -5.94 -7.74
C SER A 26 -0.34 -7.02 -6.69
N CYS A 27 -1.01 -6.98 -5.54
CA CYS A 27 -0.66 -7.80 -4.38
C CYS A 27 -0.88 -9.32 -4.66
N GLN A 28 -1.75 -9.60 -5.64
CA GLN A 28 -2.21 -10.86 -6.27
C GLN A 28 -2.77 -11.97 -5.36
N THR A 29 -2.61 -11.80 -4.06
CA THR A 29 -2.81 -12.80 -3.01
C THR A 29 -3.14 -12.07 -1.73
N LEU A 30 -4.04 -12.62 -0.91
CA LEU A 30 -4.32 -11.93 0.33
C LEU A 30 -3.14 -12.08 1.27
N GLU A 31 -2.54 -13.24 1.17
CA GLU A 31 -1.42 -13.67 1.96
C GLU A 31 -0.20 -12.81 1.70
N GLY A 32 -0.06 -12.36 0.46
CA GLY A 32 0.82 -11.27 0.09
C GLY A 32 0.35 -9.88 0.49
N LEU A 33 -0.92 -9.55 0.38
CA LEU A 33 -1.49 -8.26 0.79
C LEU A 33 -1.28 -7.97 2.27
N GLU A 34 -1.52 -8.99 3.07
CA GLU A 34 -1.16 -9.18 4.48
C GLU A 34 0.34 -9.10 4.78
N GLU A 35 1.20 -9.52 3.85
CA GLU A 35 2.67 -9.25 3.87
C GLU A 35 2.99 -7.82 3.53
N LEU A 36 2.25 -7.21 2.58
CA LEU A 36 2.26 -5.76 2.34
C LEU A 36 1.76 -5.02 3.59
N GLU A 37 0.78 -5.58 4.31
CA GLU A 37 0.23 -5.07 5.54
C GLU A 37 1.20 -5.11 6.69
N ALA A 38 1.95 -6.20 6.76
CA ALA A 38 3.07 -6.26 7.66
C ALA A 38 4.16 -5.28 7.23
N TYR A 39 4.52 -5.23 5.93
CA TYR A 39 5.58 -4.34 5.42
C TYR A 39 5.22 -2.84 5.63
N TYR A 40 3.92 -2.53 5.56
CA TYR A 40 3.34 -1.23 5.87
C TYR A 40 3.69 -0.94 7.32
N LYS A 41 3.32 -1.82 8.25
CA LYS A 41 3.60 -1.60 9.67
C LYS A 41 5.12 -1.46 9.95
N LYS A 42 5.95 -2.29 9.31
CA LYS A 42 7.38 -2.46 9.44
C LYS A 42 8.18 -1.25 8.96
N ARG A 43 7.75 -0.54 7.90
CA ARG A 43 8.21 0.83 7.65
C ARG A 43 7.68 1.82 8.66
N VAL A 44 6.38 1.88 8.93
CA VAL A 44 5.73 2.96 9.68
C VAL A 44 6.26 3.15 11.09
N LYS A 45 6.75 2.09 11.70
CA LYS A 45 7.51 2.18 12.97
C LYS A 45 8.88 2.91 12.87
N GLU A 46 9.59 2.69 11.76
CA GLU A 46 10.82 3.37 11.26
C GLU A 46 10.53 4.68 10.55
N THR A 47 9.25 4.85 10.25
CA THR A 47 8.54 6.05 9.87
C THR A 47 9.17 6.91 8.77
N GLU A 48 8.54 6.79 7.61
CA GLU A 48 8.22 7.94 6.75
C GLU A 48 6.85 7.85 6.07
N LEU A 49 5.95 7.15 6.75
CA LEU A 49 4.51 7.23 6.52
C LEU A 49 3.93 8.45 7.24
N LYS A 50 3.50 9.40 6.42
CA LYS A 50 2.74 10.57 6.79
C LYS A 50 1.25 10.18 6.84
N ASP A 51 0.34 11.15 6.95
CA ASP A 51 -1.09 10.88 6.79
C ASP A 51 -1.46 10.35 5.40
N THR A 52 -0.83 10.86 4.36
CA THR A 52 -1.23 10.72 2.95
C THR A 52 -1.11 9.31 2.40
N ASP A 53 0.01 8.63 2.69
CA ASP A 53 0.13 7.22 2.33
C ASP A 53 -0.96 6.47 3.05
N ASP A 54 -1.11 6.72 4.35
CA ASP A 54 -1.77 5.81 5.29
C ASP A 54 -3.21 5.55 4.91
N ILE A 55 -3.90 6.60 4.56
CA ILE A 55 -5.27 6.54 4.04
C ILE A 55 -5.40 5.91 2.69
N SER A 56 -4.54 6.33 1.76
CA SER A 56 -4.68 5.86 0.40
C SER A 56 -4.47 4.37 0.38
N VAL A 57 -3.36 4.02 1.00
CA VAL A 57 -2.85 2.70 1.16
C VAL A 57 -3.63 1.80 2.05
N ARG A 58 -4.08 2.22 3.23
CA ARG A 58 -4.90 1.32 4.04
C ARG A 58 -6.26 1.08 3.45
N ASP A 59 -6.84 2.11 2.86
CA ASP A 59 -8.23 1.99 2.39
C ASP A 59 -8.31 1.12 1.14
N ALA A 60 -7.20 1.13 0.41
CA ALA A 60 -6.74 0.24 -0.64
C ALA A 60 -6.31 -1.15 -0.18
N LEU A 61 -5.55 -1.26 0.92
CA LEU A 61 -5.08 -2.52 1.45
C LEU A 61 -6.25 -3.30 2.00
N ALA A 62 -7.01 -2.62 2.83
CA ALA A 62 -8.35 -3.02 3.24
C ALA A 62 -9.35 -3.14 2.08
N GLY A 63 -9.13 -2.31 1.07
CA GLY A 63 -9.84 -2.21 -0.19
C GLY A 63 -9.85 -3.56 -0.88
N LYS A 64 -8.63 -4.04 -1.12
CA LYS A 64 -8.32 -5.37 -1.62
C LYS A 64 -8.57 -6.52 -0.64
N ARG A 65 -8.38 -6.33 0.66
CA ARG A 65 -8.37 -7.42 1.63
C ARG A 65 -9.66 -8.20 1.55
N ALA A 66 -10.79 -7.50 1.54
CA ALA A 66 -12.11 -8.15 1.39
C ALA A 66 -12.23 -8.95 0.09
N GLU A 67 -11.61 -8.43 -0.98
CA GLU A 67 -11.65 -9.04 -2.31
C GLU A 67 -10.90 -10.34 -2.30
N LEU A 68 -9.71 -10.22 -1.72
CA LEU A 68 -8.72 -11.24 -1.57
C LEU A 68 -9.08 -12.38 -0.63
N GLU A 69 -9.86 -12.02 0.38
CA GLU A 69 -10.47 -12.81 1.41
C GLU A 69 -11.68 -13.58 0.89
N ASP A 70 -12.37 -12.98 -0.09
CA ASP A 70 -13.23 -13.75 -1.01
C ASP A 70 -12.39 -14.66 -1.89
N SER A 71 -11.15 -14.24 -2.12
CA SER A 71 -10.20 -15.02 -2.92
C SER A 71 -9.31 -15.96 -2.06
N ASP A 72 -9.76 -16.28 -0.83
CA ASP A 72 -9.03 -17.08 0.16
C ASP A 72 -8.62 -18.49 -0.35
N ASP A 73 -9.37 -19.01 -1.32
CA ASP A 73 -9.16 -20.31 -2.01
C ASP A 73 -8.13 -20.18 -3.15
N GLU A 74 -7.11 -21.05 -3.15
CA GLU A 74 -5.91 -20.95 -4.01
C GLU A 74 -5.57 -22.24 -4.76
N VAL A 75 -5.45 -22.12 -6.09
CA VAL A 75 -5.32 -23.19 -7.12
C VAL A 75 -6.46 -24.22 -7.16
N GLU A 76 -6.67 -24.85 -6.03
CA GLU A 76 -7.52 -26.03 -5.79
C GLU A 76 -8.21 -26.04 -4.43
N GLU A 77 -7.57 -25.40 -3.43
CA GLU A 77 -7.99 -25.37 -2.03
C GLU A 77 -7.30 -24.27 -1.23
N SER A 78 -5.96 -24.28 -1.27
CA SER A 78 -5.10 -23.57 -0.29
C SER A 78 -3.60 -23.50 -0.70
N PHE A 79 -3.29 -23.67 -1.98
CA PHE A 79 -1.94 -23.93 -2.51
C PHE A 79 -1.38 -22.75 -3.34
N GLY A 1 18.31 20.00 6.97
CA GLY A 1 17.21 19.02 7.11
C GLY A 1 17.20 17.99 5.98
N SER A 2 16.05 17.35 5.76
CA SER A 2 15.82 16.35 4.71
C SER A 2 15.98 16.89 3.28
N HIS A 3 16.45 16.04 2.36
CA HIS A 3 16.52 16.32 0.91
C HIS A 3 15.13 16.52 0.26
N MET A 4 15.09 17.16 -0.91
CA MET A 4 13.89 17.30 -1.77
C MET A 4 14.22 17.05 -3.24
N LEU A 5 13.36 16.27 -3.91
CA LEU A 5 13.58 15.81 -5.30
C LEU A 5 13.42 16.89 -6.38
N LEU A 6 12.60 17.92 -6.10
CA LEU A 6 12.22 18.97 -7.06
C LEU A 6 12.15 20.40 -6.44
N GLU A 7 12.46 20.54 -5.14
CA GLU A 7 12.25 21.78 -4.33
C GLU A 7 10.80 22.30 -4.37
N PHE A 8 9.85 21.37 -4.42
CA PHE A 8 8.39 21.60 -4.35
C PHE A 8 7.71 20.57 -3.43
N LYS A 9 6.79 21.04 -2.59
CA LYS A 9 6.27 20.38 -1.38
C LYS A 9 5.64 18.99 -1.58
N GLN A 10 5.03 18.72 -2.73
CA GLN A 10 4.28 17.49 -3.01
C GLN A 10 5.10 16.27 -3.25
N PHE A 11 6.41 16.43 -3.38
CA PHE A 11 7.20 15.29 -3.82
C PHE A 11 7.05 14.11 -2.87
N LEU A 12 6.88 14.47 -1.59
CA LEU A 12 6.71 13.60 -0.46
C LEU A 12 5.30 13.02 -0.21
N TYR A 13 4.34 13.74 -0.76
CA TYR A 13 2.92 13.43 -0.81
C TYR A 13 2.46 12.67 -2.08
N GLU A 14 3.20 12.73 -3.20
CA GLU A 14 3.11 11.75 -4.33
C GLU A 14 3.77 10.43 -3.97
N ALA A 15 4.90 10.53 -3.26
CA ALA A 15 5.70 9.43 -2.74
C ALA A 15 4.88 8.28 -2.10
N SER A 16 3.84 8.72 -1.40
CA SER A 16 2.89 7.95 -0.61
C SER A 16 2.15 6.86 -1.41
N ILE A 17 1.96 7.08 -2.71
CA ILE A 17 1.16 6.27 -3.66
C ILE A 17 2.07 5.69 -4.80
N ASP A 18 3.36 6.01 -4.76
CA ASP A 18 4.35 5.80 -5.85
C ASP A 18 4.85 4.35 -5.97
N GLU A 19 4.74 3.58 -4.88
CA GLU A 19 5.04 2.14 -4.83
C GLU A 19 3.87 1.34 -4.25
N PHE A 20 3.44 1.62 -3.02
CA PHE A 20 2.53 0.74 -2.28
C PHE A 20 1.21 0.48 -3.01
N MET A 21 0.54 1.51 -3.53
CA MET A 21 -0.78 1.40 -4.17
C MET A 21 -0.80 0.46 -5.36
N GLY A 22 0.26 0.44 -6.15
CA GLY A 22 0.49 -0.56 -7.18
C GLY A 22 0.86 -1.91 -6.59
N LYS A 23 1.66 -1.95 -5.53
CA LYS A 23 2.13 -3.15 -4.89
C LYS A 23 0.93 -3.95 -4.34
N ILE A 24 -0.02 -3.25 -3.72
CA ILE A 24 -1.35 -3.76 -3.33
C ILE A 24 -2.32 -4.03 -4.46
N ALA A 25 -2.45 -3.10 -5.42
CA ALA A 25 -3.33 -3.31 -6.56
C ALA A 25 -2.88 -4.51 -7.42
N SER A 26 -1.60 -4.86 -7.29
CA SER A 26 -0.93 -5.99 -7.92
C SER A 26 -0.59 -7.13 -6.94
N CYS A 27 -1.12 -7.15 -5.71
CA CYS A 27 -0.58 -8.08 -4.73
C CYS A 27 -0.89 -9.58 -5.02
N GLN A 28 -1.95 -9.81 -5.83
CA GLN A 28 -2.44 -11.09 -6.41
C GLN A 28 -2.87 -12.18 -5.41
N THR A 29 -2.68 -11.93 -4.12
CA THR A 29 -2.82 -12.89 -3.03
C THR A 29 -3.15 -12.12 -1.79
N LEU A 30 -4.08 -12.60 -0.98
CA LEU A 30 -4.35 -11.91 0.27
C LEU A 30 -3.18 -12.09 1.21
N GLU A 31 -2.61 -13.28 1.14
CA GLU A 31 -1.50 -13.71 1.91
C GLU A 31 -0.27 -12.87 1.65
N GLY A 32 -0.13 -12.43 0.41
CA GLY A 32 0.78 -11.35 0.07
C GLY A 32 0.34 -9.96 0.49
N LEU A 33 -0.91 -9.59 0.35
CA LEU A 33 -1.43 -8.29 0.78
C LEU A 33 -1.25 -8.01 2.26
N GLU A 34 -1.52 -9.04 3.04
CA GLU A 34 -1.22 -9.23 4.46
C GLU A 34 0.27 -9.16 4.82
N GLU A 35 1.15 -9.61 3.92
CA GLU A 35 2.61 -9.40 3.98
C GLU A 35 2.98 -7.97 3.64
N LEU A 36 2.31 -7.38 2.65
CA LEU A 36 2.35 -5.94 2.36
C LEU A 36 1.83 -5.14 3.55
N GLU A 37 0.80 -5.65 4.25
CA GLU A 37 0.19 -5.04 5.41
C GLU A 37 1.15 -5.00 6.57
N ALA A 38 1.80 -6.14 6.79
CA ALA A 38 2.89 -6.20 7.73
C ALA A 38 4.04 -5.29 7.29
N TYR A 39 4.48 -5.34 6.02
CA TYR A 39 5.62 -4.55 5.52
C TYR A 39 5.34 -3.03 5.61
N TYR A 40 4.09 -2.62 5.46
CA TYR A 40 3.59 -1.26 5.73
C TYR A 40 3.84 -0.94 7.20
N LYS A 41 3.34 -1.77 8.11
CA LYS A 41 3.53 -1.53 9.56
C LYS A 41 5.03 -1.51 9.98
N LYS A 42 5.82 -2.40 9.38
CA LYS A 42 7.25 -2.60 9.54
C LYS A 42 8.09 -1.43 9.03
N ARG A 43 7.76 -0.82 7.89
CA ARG A 43 8.40 0.41 7.43
C ARG A 43 8.05 1.68 8.23
N VAL A 44 6.81 1.82 8.66
CA VAL A 44 6.25 3.06 9.18
C VAL A 44 6.92 3.56 10.46
N LYS A 45 7.31 2.61 11.30
CA LYS A 45 8.16 2.86 12.46
C LYS A 45 9.59 3.38 12.12
N GLU A 46 10.08 2.92 10.96
CA GLU A 46 11.45 2.99 10.43
C GLU A 46 11.69 4.30 9.70
N THR A 47 10.60 5.02 9.46
CA THR A 47 10.62 6.42 9.01
C THR A 47 9.54 7.23 9.74
N GLU A 48 8.33 7.36 9.19
CA GLU A 48 7.13 7.85 9.92
C GLU A 48 5.79 7.49 9.28
N LEU A 49 5.78 7.48 7.95
CA LEU A 49 4.62 7.82 7.11
C LEU A 49 3.83 9.08 7.55
N LYS A 50 3.02 9.55 6.64
CA LYS A 50 2.15 10.71 6.84
C LYS A 50 0.69 10.29 6.61
N ASP A 51 -0.26 11.19 6.87
CA ASP A 51 -1.68 10.86 6.66
C ASP A 51 -1.88 10.36 5.22
N THR A 52 -1.27 11.04 4.28
CA THR A 52 -1.46 10.88 2.85
C THR A 52 -1.15 9.48 2.33
N ASP A 53 -0.06 8.80 2.77
CA ASP A 53 0.11 7.38 2.40
C ASP A 53 -0.96 6.57 3.09
N ASP A 54 -1.09 6.74 4.40
CA ASP A 54 -1.76 5.82 5.33
C ASP A 54 -3.23 5.59 4.98
N ILE A 55 -3.95 6.65 4.70
CA ILE A 55 -5.37 6.60 4.31
C ILE A 55 -5.56 5.99 2.93
N SER A 56 -4.73 6.45 1.99
CA SER A 56 -4.88 6.03 0.59
C SER A 56 -4.62 4.54 0.50
N VAL A 57 -3.49 4.17 1.10
CA VAL A 57 -3.06 2.83 1.15
C VAL A 57 -3.95 1.98 2.02
N ARG A 58 -4.37 2.38 3.22
CA ARG A 58 -5.16 1.43 4.01
C ARG A 58 -6.51 1.20 3.41
N ASP A 59 -7.09 2.25 2.85
CA ASP A 59 -8.44 2.10 2.32
C ASP A 59 -8.46 1.23 1.06
N ALA A 60 -7.36 1.26 0.31
CA ALA A 60 -6.96 0.43 -0.81
C ALA A 60 -6.57 -1.01 -0.49
N LEU A 61 -5.69 -1.15 0.50
CA LEU A 61 -5.09 -2.35 1.04
C LEU A 61 -6.11 -3.16 1.82
N ALA A 62 -6.83 -2.52 2.74
CA ALA A 62 -8.10 -3.04 3.24
C ALA A 62 -9.19 -3.16 2.15
N GLY A 63 -9.11 -2.26 1.16
CA GLY A 63 -9.89 -2.22 -0.07
C GLY A 63 -9.86 -3.57 -0.76
N LYS A 64 -8.62 -3.98 -1.03
CA LYS A 64 -8.20 -5.23 -1.63
C LYS A 64 -8.40 -6.43 -0.71
N ARG A 65 -8.24 -6.27 0.59
CA ARG A 65 -8.28 -7.35 1.56
C ARG A 65 -9.59 -8.09 1.43
N ALA A 66 -10.70 -7.36 1.40
CA ALA A 66 -12.02 -7.97 1.21
C ALA A 66 -12.15 -8.74 -0.11
N GLU A 67 -11.51 -8.23 -1.17
CA GLU A 67 -11.53 -8.83 -2.51
C GLU A 67 -10.79 -10.14 -2.50
N LEU A 68 -9.62 -10.07 -1.90
CA LEU A 68 -8.66 -11.11 -1.73
C LEU A 68 -9.08 -12.25 -0.83
N GLU A 69 -9.85 -11.89 0.18
CA GLU A 69 -10.54 -12.69 1.16
C GLU A 69 -11.78 -13.37 0.56
N ASP A 70 -12.39 -12.67 -0.40
CA ASP A 70 -13.31 -13.24 -1.41
C ASP A 70 -12.53 -14.05 -2.46
N SER A 71 -11.20 -13.94 -2.46
CA SER A 71 -10.27 -14.75 -3.28
C SER A 71 -9.38 -15.72 -2.45
N ASP A 72 -9.81 -16.06 -1.22
CA ASP A 72 -9.00 -16.74 -0.18
C ASP A 72 -8.40 -18.09 -0.64
N ASP A 73 -8.98 -18.72 -1.66
CA ASP A 73 -8.63 -20.08 -2.11
C ASP A 73 -7.26 -20.23 -2.79
N GLU A 74 -6.78 -19.12 -3.33
CA GLU A 74 -5.47 -18.89 -4.00
C GLU A 74 -5.00 -20.02 -4.92
N VAL A 75 -5.96 -20.59 -5.65
CA VAL A 75 -5.79 -21.40 -6.87
C VAL A 75 -6.82 -20.94 -7.89
N GLU A 76 -6.39 -20.83 -9.15
CA GLU A 76 -7.12 -20.59 -10.41
C GLU A 76 -8.02 -19.33 -10.54
N GLU A 77 -8.67 -18.91 -9.46
CA GLU A 77 -9.31 -17.59 -9.29
C GLU A 77 -8.26 -16.50 -9.08
N SER A 78 -7.18 -16.92 -8.42
CA SER A 78 -5.87 -16.28 -8.36
C SER A 78 -4.77 -17.35 -8.27
N PHE A 79 -3.60 -17.09 -8.88
CA PHE A 79 -2.55 -18.08 -9.09
C PHE A 79 -1.13 -17.43 -9.18
N GLY A 1 15.30 30.56 -13.77
CA GLY A 1 13.92 30.90 -13.31
C GLY A 1 13.69 30.49 -11.87
N SER A 2 12.53 29.90 -11.57
CA SER A 2 12.16 29.42 -10.22
C SER A 2 13.11 28.35 -9.65
N HIS A 3 13.19 28.27 -8.32
CA HIS A 3 14.18 27.45 -7.59
C HIS A 3 13.58 26.62 -6.43
N MET A 4 12.27 26.73 -6.17
CA MET A 4 11.55 26.03 -5.08
C MET A 4 10.05 25.83 -5.37
N LEU A 5 9.46 24.84 -4.70
CA LEU A 5 8.02 24.54 -4.76
C LEU A 5 7.15 25.47 -3.89
N LEU A 6 7.76 26.13 -2.90
CA LEU A 6 7.13 26.98 -1.87
C LEU A 6 5.98 26.30 -1.08
N GLU A 7 6.00 24.96 -1.02
CA GLU A 7 5.07 24.08 -0.27
C GLU A 7 5.75 22.75 0.06
N PHE A 8 6.03 22.54 1.35
CA PHE A 8 6.84 21.42 1.84
C PHE A 8 6.19 20.02 1.69
N LYS A 9 4.87 19.96 1.48
CA LYS A 9 4.13 18.69 1.35
C LYS A 9 4.24 17.99 -0.01
N GLN A 10 4.36 18.70 -1.13
CA GLN A 10 3.84 18.20 -2.42
C GLN A 10 4.58 16.98 -2.94
N PHE A 11 5.90 17.04 -2.85
CA PHE A 11 6.80 16.00 -3.31
C PHE A 11 6.66 14.71 -2.46
N LEU A 12 6.35 14.86 -1.17
CA LEU A 12 6.02 13.75 -0.28
C LEU A 12 4.64 13.17 -0.55
N TYR A 13 3.71 14.02 -0.92
CA TYR A 13 2.29 13.66 -1.04
C TYR A 13 2.01 13.00 -2.41
N GLU A 14 2.90 13.19 -3.39
CA GLU A 14 3.10 12.32 -4.58
C GLU A 14 3.87 11.02 -4.29
N ALA A 15 4.88 11.08 -3.41
CA ALA A 15 5.76 9.96 -3.01
C ALA A 15 5.01 8.74 -2.48
N SER A 16 3.94 9.07 -1.77
CA SER A 16 3.19 8.23 -0.85
C SER A 16 2.61 6.96 -1.51
N ILE A 17 2.25 7.09 -2.79
CA ILE A 17 1.27 6.29 -3.53
C ILE A 17 1.86 5.88 -4.92
N ASP A 18 3.17 6.12 -5.11
CA ASP A 18 3.93 5.91 -6.35
C ASP A 18 4.38 4.45 -6.56
N GLU A 19 4.45 3.65 -5.48
CA GLU A 19 4.91 2.25 -5.49
C GLU A 19 3.97 1.30 -4.76
N PHE A 20 3.70 1.54 -3.47
CA PHE A 20 2.86 0.64 -2.63
C PHE A 20 1.47 0.42 -3.21
N MET A 21 0.80 1.46 -3.67
CA MET A 21 -0.58 1.37 -4.20
C MET A 21 -0.68 0.39 -5.37
N GLY A 22 0.38 0.33 -6.17
CA GLY A 22 0.59 -0.65 -7.21
C GLY A 22 0.91 -2.02 -6.63
N LYS A 23 1.71 -2.08 -5.56
CA LYS A 23 2.20 -3.30 -4.96
C LYS A 23 1.00 -4.04 -4.34
N ILE A 24 0.14 -3.30 -3.65
CA ILE A 24 -1.14 -3.78 -3.18
C ILE A 24 -2.18 -4.05 -4.28
N ALA A 25 -2.30 -3.18 -5.28
CA ALA A 25 -3.18 -3.46 -6.42
C ALA A 25 -2.73 -4.69 -7.22
N SER A 26 -1.45 -5.04 -7.11
CA SER A 26 -0.79 -6.20 -7.73
C SER A 26 -0.58 -7.37 -6.75
N CYS A 27 -1.19 -7.35 -5.57
CA CYS A 27 -0.74 -8.22 -4.50
C CYS A 27 -1.07 -9.70 -4.77
N GLN A 28 -2.02 -9.93 -5.69
CA GLN A 28 -2.45 -11.17 -6.39
C GLN A 28 -2.87 -12.35 -5.51
N THR A 29 -2.76 -12.17 -4.20
CA THR A 29 -2.97 -13.12 -3.11
C THR A 29 -3.34 -12.31 -1.90
N LEU A 30 -4.25 -12.79 -1.06
CA LEU A 30 -4.49 -12.08 0.18
C LEU A 30 -3.31 -12.29 1.10
N GLU A 31 -2.77 -13.48 1.01
CA GLU A 31 -1.70 -13.97 1.82
C GLU A 31 -0.44 -13.15 1.61
N GLY A 32 -0.26 -12.69 0.39
CA GLY A 32 0.67 -11.62 0.06
C GLY A 32 0.26 -10.22 0.47
N LEU A 33 -0.98 -9.83 0.31
CA LEU A 33 -1.49 -8.53 0.74
C LEU A 33 -1.35 -8.26 2.22
N GLU A 34 -1.62 -9.28 3.00
CA GLU A 34 -1.35 -9.47 4.43
C GLU A 34 0.14 -9.41 4.80
N GLU A 35 1.00 -9.90 3.92
CA GLU A 35 2.49 -9.74 4.02
C GLU A 35 2.92 -8.33 3.68
N LEU A 36 2.30 -7.71 2.68
CA LEU A 36 2.39 -6.28 2.35
C LEU A 36 1.83 -5.47 3.54
N GLU A 37 0.80 -5.95 4.21
CA GLU A 37 0.17 -5.29 5.34
C GLU A 37 1.08 -5.25 6.53
N ALA A 38 1.67 -6.40 6.80
CA ALA A 38 2.71 -6.49 7.79
C ALA A 38 3.90 -5.61 7.37
N TYR A 39 4.40 -5.72 6.15
CA TYR A 39 5.58 -4.97 5.69
C TYR A 39 5.36 -3.43 5.72
N TYR A 40 4.12 -2.98 5.46
CA TYR A 40 3.67 -1.60 5.70
C TYR A 40 3.82 -1.27 7.19
N LYS A 41 3.21 -2.07 8.07
CA LYS A 41 3.26 -1.82 9.53
C LYS A 41 4.69 -1.83 10.09
N LYS A 42 5.54 -2.71 9.58
CA LYS A 42 6.93 -2.96 9.93
C LYS A 42 7.84 -1.77 9.61
N ARG A 43 7.63 -1.14 8.45
CA ARG A 43 8.31 0.09 8.04
C ARG A 43 7.89 1.36 8.80
N VAL A 44 6.60 1.59 9.00
CA VAL A 44 5.98 2.87 9.37
C VAL A 44 6.48 3.51 10.65
N LYS A 45 7.02 2.68 11.54
CA LYS A 45 7.72 3.06 12.77
C LYS A 45 9.21 3.48 12.58
N GLU A 46 9.85 2.87 11.58
CA GLU A 46 11.25 2.92 11.14
C GLU A 46 11.52 4.15 10.26
N THR A 47 10.43 4.79 9.86
CA THR A 47 10.42 6.01 9.04
C THR A 47 9.20 6.91 9.37
N GLU A 48 8.64 7.64 8.41
CA GLU A 48 7.92 8.91 8.58
C GLU A 48 6.68 8.98 7.71
N LEU A 49 5.99 7.84 7.64
CA LEU A 49 4.65 7.68 7.07
C LEU A 49 3.77 8.86 7.53
N LYS A 50 3.46 9.70 6.54
CA LYS A 50 2.59 10.86 6.67
C LYS A 50 1.13 10.42 6.58
N ASP A 51 0.22 11.31 6.94
CA ASP A 51 -1.23 11.03 6.86
C ASP A 51 -1.66 10.55 5.47
N THR A 52 -1.15 11.21 4.43
CA THR A 52 -1.56 11.01 3.05
C THR A 52 -1.33 9.59 2.55
N ASP A 53 -0.13 9.04 2.77
CA ASP A 53 0.19 7.66 2.37
C ASP A 53 -0.73 6.72 3.11
N ASP A 54 -0.85 6.94 4.43
CA ASP A 54 -1.47 5.95 5.27
C ASP A 54 -2.92 5.72 4.90
N ILE A 55 -3.69 6.79 4.69
CA ILE A 55 -5.10 6.62 4.29
C ILE A 55 -5.25 6.06 2.90
N SER A 56 -4.50 6.63 1.96
CA SER A 56 -4.72 6.31 0.56
C SER A 56 -4.41 4.84 0.26
N VAL A 57 -3.22 4.44 0.71
CA VAL A 57 -2.72 3.08 0.62
C VAL A 57 -3.48 2.11 1.49
N ARG A 58 -3.77 2.44 2.76
CA ARG A 58 -4.43 1.45 3.63
C ARG A 58 -5.85 1.21 3.17
N ASP A 59 -6.52 2.26 2.72
CA ASP A 59 -7.91 2.10 2.32
C ASP A 59 -8.05 1.21 1.06
N ALA A 60 -7.04 1.28 0.21
CA ALA A 60 -6.75 0.43 -0.94
C ALA A 60 -6.29 -0.99 -0.62
N LEU A 61 -5.39 -1.13 0.35
CA LEU A 61 -4.83 -2.37 0.85
C LEU A 61 -5.90 -3.16 1.57
N ALA A 62 -6.60 -2.50 2.50
CA ALA A 62 -7.85 -2.98 3.06
C ALA A 62 -8.97 -3.12 2.01
N GLY A 63 -8.89 -2.25 1.00
CA GLY A 63 -9.69 -2.17 -0.19
C GLY A 63 -9.71 -3.50 -0.90
N LYS A 64 -8.49 -3.97 -1.22
CA LYS A 64 -8.18 -5.27 -1.80
C LYS A 64 -8.40 -6.42 -0.84
N ARG A 65 -8.14 -6.24 0.44
CA ARG A 65 -8.17 -7.29 1.44
C ARG A 65 -9.51 -7.98 1.43
N ALA A 66 -10.60 -7.22 1.46
CA ALA A 66 -11.95 -7.79 1.40
C ALA A 66 -12.19 -8.60 0.12
N GLU A 67 -11.61 -8.14 -0.99
CA GLU A 67 -11.75 -8.78 -2.30
C GLU A 67 -11.08 -10.12 -2.29
N LEU A 68 -9.86 -10.07 -1.77
CA LEU A 68 -8.94 -11.17 -1.65
C LEU A 68 -9.35 -12.24 -0.67
N GLU A 69 -10.03 -11.80 0.38
CA GLU A 69 -10.57 -12.55 1.48
C GLU A 69 -11.82 -13.32 1.06
N ASP A 70 -12.55 -12.70 0.11
CA ASP A 70 -13.51 -13.42 -0.74
C ASP A 70 -12.76 -14.35 -1.70
N SER A 71 -11.54 -13.94 -2.12
CA SER A 71 -10.82 -14.73 -3.13
C SER A 71 -10.24 -16.05 -2.60
N ASP A 72 -9.78 -15.96 -1.36
CA ASP A 72 -8.98 -16.87 -0.50
C ASP A 72 -7.72 -17.52 -1.11
N ASP A 73 -7.57 -17.46 -2.44
CA ASP A 73 -6.54 -18.15 -3.25
C ASP A 73 -6.32 -19.61 -2.79
N GLU A 74 -5.11 -20.18 -2.91
CA GLU A 74 -4.37 -20.97 -1.92
C GLU A 74 -3.02 -21.43 -2.45
N VAL A 75 -1.96 -21.24 -1.65
CA VAL A 75 -0.51 -21.34 -1.96
C VAL A 75 0.00 -20.46 -3.10
N GLU A 76 -0.67 -20.58 -4.25
CA GLU A 76 -0.27 -20.12 -5.57
C GLU A 76 -1.47 -19.73 -6.46
N GLU A 77 -2.59 -20.44 -6.30
CA GLU A 77 -3.85 -20.23 -7.03
C GLU A 77 -5.05 -20.70 -6.20
N SER A 78 -5.08 -21.99 -5.82
CA SER A 78 -6.27 -22.69 -5.29
C SER A 78 -5.94 -24.06 -4.62
N PHE A 79 -4.70 -24.24 -4.14
CA PHE A 79 -4.14 -25.52 -3.67
C PHE A 79 -4.99 -26.24 -2.59
N GLY A 1 5.76 17.83 -15.45
CA GLY A 1 4.69 18.48 -14.65
C GLY A 1 4.13 19.71 -15.34
N SER A 2 2.81 19.86 -15.37
CA SER A 2 2.09 20.99 -16.01
C SER A 2 2.26 22.35 -15.30
N HIS A 3 2.71 22.36 -14.05
CA HIS A 3 2.96 23.55 -13.23
C HIS A 3 4.10 23.31 -12.20
N MET A 4 4.61 24.38 -11.59
CA MET A 4 5.60 24.35 -10.49
C MET A 4 5.07 23.59 -9.24
N LEU A 5 6.00 23.07 -8.42
CA LEU A 5 5.68 22.42 -7.13
C LEU A 5 5.01 23.36 -6.10
N LEU A 6 5.33 24.67 -6.16
CA LEU A 6 4.84 25.79 -5.34
C LEU A 6 5.10 25.72 -3.81
N GLU A 7 5.28 24.52 -3.24
CA GLU A 7 5.62 24.25 -1.83
C GLU A 7 6.47 22.98 -1.73
N PHE A 8 7.56 23.03 -0.94
CA PHE A 8 8.56 21.96 -0.86
C PHE A 8 8.01 20.61 -0.35
N LYS A 9 6.96 20.64 0.48
CA LYS A 9 6.32 19.49 1.15
C LYS A 9 5.78 18.37 0.22
N GLN A 10 5.34 18.72 -0.99
CA GLN A 10 4.56 17.83 -1.89
C GLN A 10 5.38 16.69 -2.49
N PHE A 11 6.69 16.76 -2.37
CA PHE A 11 7.56 15.65 -2.74
C PHE A 11 7.20 14.38 -1.96
N LEU A 12 6.76 14.56 -0.72
CA LEU A 12 6.36 13.50 0.18
C LEU A 12 4.94 12.97 -0.04
N TYR A 13 4.12 13.80 -0.64
CA TYR A 13 2.70 13.56 -0.88
C TYR A 13 2.45 12.89 -2.25
N GLU A 14 3.38 13.04 -3.20
CA GLU A 14 3.53 12.18 -4.40
C GLU A 14 4.18 10.82 -4.08
N ALA A 15 5.11 10.80 -3.12
CA ALA A 15 5.89 9.63 -2.68
C ALA A 15 5.04 8.46 -2.19
N SER A 16 3.94 8.83 -1.53
CA SER A 16 3.10 8.03 -0.66
C SER A 16 2.51 6.79 -1.35
N ILE A 17 2.23 6.95 -2.65
CA ILE A 17 1.23 6.20 -3.45
C ILE A 17 1.83 5.84 -4.85
N ASP A 18 3.12 6.11 -5.06
CA ASP A 18 3.84 6.05 -6.35
C ASP A 18 4.02 4.62 -6.91
N GLU A 19 4.21 3.66 -6.01
CA GLU A 19 4.27 2.21 -6.33
C GLU A 19 3.53 1.31 -5.33
N PHE A 20 3.42 1.72 -4.06
CA PHE A 20 2.80 0.97 -2.96
C PHE A 20 1.33 0.61 -3.23
N MET A 21 0.54 1.55 -3.70
CA MET A 21 -0.85 1.38 -4.14
C MET A 21 -0.97 0.37 -5.26
N GLY A 22 0.05 0.30 -6.11
CA GLY A 22 0.19 -0.76 -7.10
C GLY A 22 0.61 -2.07 -6.46
N LYS A 23 1.48 -2.05 -5.46
CA LYS A 23 2.07 -3.21 -4.84
C LYS A 23 0.94 -3.99 -4.14
N ILE A 24 0.06 -3.25 -3.46
CA ILE A 24 -1.20 -3.76 -2.94
C ILE A 24 -2.29 -4.05 -3.97
N ALA A 25 -2.49 -3.19 -4.97
CA ALA A 25 -3.49 -3.44 -6.02
C ALA A 25 -3.13 -4.69 -6.88
N SER A 26 -1.84 -5.04 -6.88
CA SER A 26 -1.23 -6.12 -7.65
C SER A 26 -0.74 -7.29 -6.78
N CYS A 27 -1.14 -7.35 -5.51
CA CYS A 27 -0.57 -8.24 -4.52
C CYS A 27 -0.80 -9.75 -4.81
N GLN A 28 -1.77 -10.04 -5.70
CA GLN A 28 -2.22 -11.32 -6.28
C GLN A 28 -2.74 -12.39 -5.30
N THR A 29 -2.59 -12.15 -4.01
CA THR A 29 -2.83 -13.11 -2.92
C THR A 29 -3.18 -12.31 -1.70
N LEU A 30 -4.14 -12.77 -0.90
CA LEU A 30 -4.40 -12.05 0.32
C LEU A 30 -3.25 -12.23 1.28
N GLU A 31 -2.69 -13.41 1.24
CA GLU A 31 -1.63 -13.86 2.07
C GLU A 31 -0.37 -13.05 1.84
N GLY A 32 -0.16 -12.64 0.60
CA GLY A 32 0.77 -11.56 0.25
C GLY A 32 0.34 -10.16 0.61
N LEU A 33 -0.90 -9.78 0.41
CA LEU A 33 -1.43 -8.47 0.79
C LEU A 33 -1.30 -8.17 2.27
N GLU A 34 -1.55 -9.19 3.06
CA GLU A 34 -1.32 -9.34 4.50
C GLU A 34 0.16 -9.27 4.91
N GLU A 35 1.05 -9.76 4.07
CA GLU A 35 2.52 -9.57 4.19
C GLU A 35 2.93 -8.16 3.81
N LEU A 36 2.31 -7.59 2.78
CA LEU A 36 2.39 -6.17 2.43
C LEU A 36 1.83 -5.31 3.58
N GLU A 37 0.77 -5.79 4.25
CA GLU A 37 0.12 -5.14 5.36
C GLU A 37 1.01 -5.08 6.57
N ALA A 38 1.66 -6.20 6.84
CA ALA A 38 2.70 -6.23 7.83
C ALA A 38 3.87 -5.34 7.41
N TYR A 39 4.36 -5.43 6.16
CA TYR A 39 5.53 -4.66 5.70
C TYR A 39 5.28 -3.13 5.72
N TYR A 40 4.04 -2.71 5.49
CA TYR A 40 3.53 -1.35 5.72
C TYR A 40 3.68 -1.00 7.19
N LYS A 41 3.12 -1.81 8.09
CA LYS A 41 3.20 -1.56 9.53
C LYS A 41 4.64 -1.55 10.07
N LYS A 42 5.52 -2.42 9.54
CA LYS A 42 6.93 -2.58 9.81
C LYS A 42 7.78 -1.37 9.36
N ARG A 43 7.47 -0.81 8.19
CA ARG A 43 8.13 0.38 7.65
C ARG A 43 7.83 1.67 8.40
N VAL A 44 6.60 1.98 8.80
CA VAL A 44 6.31 3.40 9.02
C VAL A 44 6.94 4.00 10.29
N LYS A 45 7.46 3.12 11.14
CA LYS A 45 8.38 3.41 12.25
C LYS A 45 9.88 3.54 11.87
N GLU A 46 10.26 2.87 10.76
CA GLU A 46 11.57 2.89 10.10
C GLU A 46 11.82 4.19 9.37
N THR A 47 10.71 4.88 9.07
CA THR A 47 10.65 6.24 8.57
C THR A 47 9.66 7.07 9.43
N GLU A 48 8.56 7.61 8.88
CA GLU A 48 7.42 8.17 9.66
C GLU A 48 6.02 7.95 9.08
N LEU A 49 5.96 7.80 7.76
CA LEU A 49 4.81 8.12 6.92
C LEU A 49 4.05 9.41 7.29
N LYS A 50 3.02 9.66 6.50
CA LYS A 50 2.09 10.76 6.68
C LYS A 50 0.67 10.30 6.39
N ASP A 51 -0.31 11.14 6.73
CA ASP A 51 -1.73 10.81 6.57
C ASP A 51 -2.02 10.42 5.11
N THR A 52 -1.46 11.19 4.18
CA THR A 52 -1.64 11.03 2.73
C THR A 52 -1.21 9.68 2.16
N ASP A 53 -0.17 9.05 2.74
CA ASP A 53 0.14 7.63 2.44
C ASP A 53 -0.88 6.75 3.13
N ASP A 54 -1.03 6.99 4.41
CA ASP A 54 -1.56 6.01 5.32
C ASP A 54 -3.01 5.70 5.02
N ILE A 55 -3.83 6.73 4.82
CA ILE A 55 -5.25 6.51 4.49
C ILE A 55 -5.41 5.92 3.11
N SER A 56 -4.69 6.53 2.16
CA SER A 56 -4.94 6.25 0.76
C SER A 56 -4.63 4.80 0.40
N VAL A 57 -3.44 4.40 0.84
CA VAL A 57 -2.93 3.05 0.72
C VAL A 57 -3.65 2.04 1.59
N ARG A 58 -3.92 2.31 2.88
CA ARG A 58 -4.57 1.29 3.69
C ARG A 58 -5.99 1.07 3.25
N ASP A 59 -6.66 2.13 2.83
CA ASP A 59 -8.04 1.97 2.39
C ASP A 59 -8.17 1.12 1.13
N ALA A 60 -7.16 1.20 0.26
CA ALA A 60 -6.87 0.41 -0.91
C ALA A 60 -6.38 -1.02 -0.65
N LEU A 61 -5.51 -1.18 0.33
CA LEU A 61 -4.95 -2.42 0.82
C LEU A 61 -6.03 -3.25 1.46
N ALA A 62 -6.76 -2.63 2.39
CA ALA A 62 -8.04 -3.07 2.91
C ALA A 62 -9.10 -3.21 1.81
N GLY A 63 -8.96 -2.36 0.80
CA GLY A 63 -9.74 -2.27 -0.42
C GLY A 63 -9.71 -3.60 -1.13
N LYS A 64 -8.47 -4.07 -1.39
CA LYS A 64 -8.15 -5.38 -1.92
C LYS A 64 -8.41 -6.52 -0.95
N ARG A 65 -8.22 -6.32 0.34
CA ARG A 65 -8.25 -7.37 1.35
C ARG A 65 -9.57 -8.09 1.31
N ALA A 66 -10.67 -7.35 1.29
CA ALA A 66 -12.00 -7.96 1.16
C ALA A 66 -12.15 -8.79 -0.11
N GLU A 67 -11.54 -8.33 -1.21
CA GLU A 67 -11.61 -8.98 -2.52
C GLU A 67 -10.91 -10.31 -2.47
N LEU A 68 -9.72 -10.22 -1.90
CA LEU A 68 -8.77 -11.29 -1.73
C LEU A 68 -9.18 -12.39 -0.78
N GLU A 69 -9.93 -11.99 0.23
CA GLU A 69 -10.59 -12.75 1.25
C GLU A 69 -11.85 -13.45 0.72
N ASP A 70 -12.50 -12.78 -0.24
CA ASP A 70 -13.42 -13.40 -1.20
C ASP A 70 -12.67 -14.29 -2.19
N SER A 71 -11.36 -14.10 -2.30
CA SER A 71 -10.45 -14.95 -3.09
C SER A 71 -9.58 -15.91 -2.22
N ASP A 72 -10.02 -16.21 -0.98
CA ASP A 72 -9.30 -17.04 0.01
C ASP A 72 -8.91 -18.44 -0.56
N ASP A 73 -9.66 -18.91 -1.56
CA ASP A 73 -9.36 -20.02 -2.46
C ASP A 73 -8.24 -19.69 -3.46
N GLU A 74 -7.01 -19.64 -2.95
CA GLU A 74 -5.80 -19.14 -3.64
C GLU A 74 -5.13 -20.15 -4.58
N VAL A 75 -4.17 -19.65 -5.37
CA VAL A 75 -3.37 -20.39 -6.37
C VAL A 75 -2.84 -21.73 -5.83
N GLU A 76 -2.93 -22.77 -6.68
CA GLU A 76 -2.44 -24.16 -6.57
C GLU A 76 -3.02 -25.02 -5.43
N GLU A 77 -3.34 -24.40 -4.29
CA GLU A 77 -3.97 -25.05 -3.12
C GLU A 77 -5.43 -25.35 -3.40
N SER A 78 -6.05 -24.51 -4.24
CA SER A 78 -7.37 -24.74 -4.83
C SER A 78 -7.57 -24.14 -6.25
N PHE A 79 -6.52 -23.63 -6.89
CA PHE A 79 -6.57 -23.03 -8.23
C PHE A 79 -5.29 -23.28 -9.05
N GLY A 1 19.64 21.07 -4.57
CA GLY A 1 19.45 22.42 -5.15
C GLY A 1 18.06 22.98 -4.89
N SER A 2 17.76 24.14 -5.49
CA SER A 2 16.51 24.90 -5.27
C SER A 2 15.24 24.28 -5.95
N HIS A 3 15.40 23.28 -6.81
CA HIS A 3 14.30 22.61 -7.53
C HIS A 3 13.22 22.01 -6.60
N MET A 4 11.95 22.21 -6.97
CA MET A 4 10.75 21.66 -6.29
C MET A 4 9.53 21.62 -7.23
N LEU A 5 8.52 20.83 -6.87
CA LEU A 5 7.31 20.61 -7.68
C LEU A 5 6.43 21.87 -7.75
N LEU A 6 6.21 22.49 -6.59
CA LEU A 6 5.56 23.79 -6.34
C LEU A 6 5.94 24.30 -4.93
N GLU A 7 6.01 23.36 -3.96
CA GLU A 7 6.63 23.51 -2.63
C GLU A 7 7.50 22.30 -2.28
N PHE A 8 8.49 22.48 -1.39
CA PHE A 8 9.45 21.45 -1.01
C PHE A 8 8.82 20.21 -0.33
N LYS A 9 7.64 20.36 0.27
CA LYS A 9 6.92 19.34 1.06
C LYS A 9 6.37 18.16 0.22
N GLN A 10 6.01 18.42 -1.03
CA GLN A 10 5.15 17.57 -1.89
C GLN A 10 5.84 16.32 -2.43
N PHE A 11 7.15 16.27 -2.30
CA PHE A 11 7.90 15.07 -2.66
C PHE A 11 7.43 13.86 -1.86
N LEU A 12 7.00 14.10 -0.62
CA LEU A 12 6.50 13.08 0.30
C LEU A 12 5.04 12.68 0.06
N TYR A 13 4.30 13.57 -0.57
CA TYR A 13 2.87 13.46 -0.83
C TYR A 13 2.56 12.85 -2.21
N GLU A 14 3.50 12.95 -3.16
CA GLU A 14 3.61 12.10 -4.37
C GLU A 14 4.19 10.70 -4.07
N ALA A 15 5.00 10.57 -3.03
CA ALA A 15 5.72 9.34 -2.63
C ALA A 15 4.80 8.17 -2.36
N SER A 16 3.72 8.49 -1.64
CA SER A 16 2.97 7.59 -0.79
C SER A 16 2.38 6.39 -1.57
N ILE A 17 2.03 6.66 -2.82
CA ILE A 17 1.00 5.97 -3.63
C ILE A 17 1.55 5.59 -5.03
N ASP A 18 2.84 5.86 -5.28
CA ASP A 18 3.53 5.75 -6.58
C ASP A 18 3.77 4.29 -7.03
N GLU A 19 3.97 3.39 -6.05
CA GLU A 19 4.10 1.92 -6.25
C GLU A 19 3.36 1.06 -5.23
N PHE A 20 3.25 1.50 -3.97
CA PHE A 20 2.64 0.79 -2.84
C PHE A 20 1.18 0.40 -3.09
N MET A 21 0.36 1.34 -3.57
CA MET A 21 -1.05 1.14 -3.95
C MET A 21 -1.21 0.09 -5.04
N GLY A 22 -0.23 -0.01 -5.93
CA GLY A 22 -0.10 -1.11 -6.88
C GLY A 22 0.35 -2.39 -6.20
N LYS A 23 1.27 -2.30 -5.24
CA LYS A 23 1.86 -3.42 -4.57
C LYS A 23 0.80 -4.19 -3.81
N ILE A 24 -0.08 -3.47 -3.11
CA ILE A 24 -1.31 -4.03 -2.56
C ILE A 24 -2.42 -4.39 -3.55
N ALA A 25 -2.87 -3.46 -4.39
CA ALA A 25 -4.05 -3.69 -5.26
C ALA A 25 -3.76 -4.68 -6.41
N SER A 26 -2.48 -4.83 -6.75
CA SER A 26 -1.92 -5.79 -7.69
C SER A 26 -1.07 -6.89 -7.05
N CYS A 27 -1.11 -7.04 -5.72
CA CYS A 27 -0.36 -8.08 -5.02
C CYS A 27 -0.60 -9.52 -5.56
N GLN A 28 -1.83 -9.80 -6.04
CA GLN A 28 -2.32 -11.07 -6.63
C GLN A 28 -2.62 -12.17 -5.59
N THR A 29 -2.33 -11.90 -4.31
CA THR A 29 -2.47 -12.85 -3.20
C THR A 29 -2.84 -12.06 -1.97
N LEU A 30 -3.77 -12.57 -1.16
CA LEU A 30 -4.10 -11.88 0.07
C LEU A 30 -2.96 -12.03 1.05
N GLU A 31 -2.36 -13.19 0.97
CA GLU A 31 -1.26 -13.60 1.79
C GLU A 31 -0.09 -12.66 1.63
N GLY A 32 0.09 -12.15 0.42
CA GLY A 32 0.96 -11.02 0.14
C GLY A 32 0.46 -9.66 0.59
N LEU A 33 -0.81 -9.36 0.42
CA LEU A 33 -1.44 -8.12 0.86
C LEU A 33 -1.32 -7.90 2.36
N GLU A 34 -1.51 -8.98 3.08
CA GLU A 34 -1.28 -9.22 4.51
C GLU A 34 0.20 -9.15 4.94
N GLU A 35 1.12 -9.55 4.07
CA GLU A 35 2.59 -9.38 4.25
C GLU A 35 2.98 -7.93 4.05
N LEU A 36 2.43 -7.30 3.02
CA LEU A 36 2.47 -5.88 2.77
C LEU A 36 1.79 -5.12 3.90
N GLU A 37 0.69 -5.62 4.49
CA GLU A 37 0.01 -5.00 5.60
C GLU A 37 0.89 -4.91 6.81
N ALA A 38 1.59 -6.02 7.06
CA ALA A 38 2.62 -6.03 8.04
C ALA A 38 3.79 -5.11 7.63
N TYR A 39 4.32 -5.21 6.39
CA TYR A 39 5.52 -4.44 5.99
C TYR A 39 5.26 -2.91 6.03
N TYR A 40 4.03 -2.51 5.74
CA TYR A 40 3.50 -1.15 5.91
C TYR A 40 3.59 -0.76 7.38
N LYS A 41 3.00 -1.55 8.26
CA LYS A 41 3.03 -1.24 9.69
C LYS A 41 4.46 -1.22 10.27
N LYS A 42 5.35 -2.11 9.80
CA LYS A 42 6.77 -2.26 10.11
C LYS A 42 7.62 -1.08 9.63
N ARG A 43 7.32 -0.57 8.44
CA ARG A 43 7.98 0.58 7.79
C ARG A 43 7.71 1.93 8.43
N VAL A 44 6.45 2.21 8.76
CA VAL A 44 5.88 3.49 9.18
C VAL A 44 6.69 4.23 10.22
N LYS A 45 7.23 3.46 11.16
CA LYS A 45 8.12 3.88 12.23
C LYS A 45 9.62 4.04 11.87
N GLU A 46 10.07 3.19 10.94
CA GLU A 46 11.44 3.03 10.38
C GLU A 46 11.78 4.12 9.38
N THR A 47 10.73 4.81 8.93
CA THR A 47 10.80 5.97 8.06
C THR A 47 9.64 6.93 8.38
N GLU A 48 9.05 7.63 7.39
CA GLU A 48 8.24 8.83 7.57
C GLU A 48 6.90 8.73 6.85
N LEU A 49 6.14 7.70 7.24
CA LEU A 49 4.75 7.60 6.83
C LEU A 49 3.89 8.69 7.51
N LYS A 50 3.86 9.84 6.84
CA LYS A 50 2.81 10.85 6.94
C LYS A 50 1.40 10.25 6.85
N ASP A 51 0.40 11.05 7.22
CA ASP A 51 -1.02 10.64 7.27
C ASP A 51 -1.59 10.24 5.90
N THR A 52 -1.14 10.91 4.84
CA THR A 52 -1.66 10.83 3.46
C THR A 52 -1.55 9.45 2.87
N ASP A 53 -0.37 8.84 3.06
CA ASP A 53 -0.11 7.48 2.60
C ASP A 53 -1.09 6.55 3.28
N ASP A 54 -1.20 6.72 4.60
CA ASP A 54 -1.79 5.73 5.49
C ASP A 54 -3.22 5.46 5.12
N ILE A 55 -3.97 6.51 4.88
CA ILE A 55 -5.33 6.41 4.35
C ILE A 55 -5.51 5.94 2.93
N SER A 56 -4.72 6.52 2.02
CA SER A 56 -4.94 6.25 0.61
C SER A 56 -4.69 4.78 0.32
N VAL A 57 -3.53 4.35 0.80
CA VAL A 57 -3.05 2.99 0.81
C VAL A 57 -3.83 2.07 1.71
N ARG A 58 -4.15 2.44 2.97
CA ARG A 58 -4.96 1.49 3.80
C ARG A 58 -6.31 1.21 3.19
N ASP A 59 -6.96 2.24 2.68
CA ASP A 59 -8.34 2.07 2.25
C ASP A 59 -8.43 1.18 1.01
N ALA A 60 -7.35 1.23 0.23
CA ALA A 60 -6.96 0.35 -0.86
C ALA A 60 -6.50 -1.05 -0.48
N LEU A 61 -5.72 -1.16 0.59
CA LEU A 61 -5.14 -2.36 1.16
C LEU A 61 -6.23 -3.19 1.83
N ALA A 62 -7.00 -2.55 2.69
CA ALA A 62 -8.31 -3.02 3.10
C ALA A 62 -9.31 -3.16 1.93
N GLY A 63 -9.13 -2.31 0.93
CA GLY A 63 -9.90 -2.22 -0.30
C GLY A 63 -9.85 -3.56 -1.02
N LYS A 64 -8.61 -4.00 -1.26
CA LYS A 64 -8.21 -5.28 -1.81
C LYS A 64 -8.45 -6.46 -0.86
N ARG A 65 -8.30 -6.31 0.45
CA ARG A 65 -8.27 -7.43 1.39
C ARG A 65 -9.53 -8.24 1.23
N ALA A 66 -10.68 -7.58 1.21
CA ALA A 66 -11.96 -8.27 0.97
C ALA A 66 -12.01 -9.02 -0.38
N GLU A 67 -11.39 -8.44 -1.41
CA GLU A 67 -11.34 -8.99 -2.75
C GLU A 67 -10.53 -10.26 -2.79
N LEU A 68 -9.36 -10.12 -2.16
CA LEU A 68 -8.35 -11.12 -2.04
C LEU A 68 -8.73 -12.33 -1.19
N GLU A 69 -9.55 -12.05 -0.20
CA GLU A 69 -10.24 -12.93 0.72
C GLU A 69 -11.43 -13.63 0.04
N ASP A 70 -12.05 -12.92 -0.90
CA ASP A 70 -12.91 -13.48 -1.96
C ASP A 70 -12.07 -14.21 -3.03
N SER A 71 -10.74 -14.04 -2.98
CA SER A 71 -9.74 -14.75 -3.80
C SER A 71 -8.84 -15.71 -2.97
N ASP A 72 -9.33 -16.16 -1.80
CA ASP A 72 -8.57 -16.95 -0.81
C ASP A 72 -8.05 -18.31 -1.33
N ASP A 73 -8.62 -18.79 -2.44
CA ASP A 73 -8.33 -20.05 -3.14
C ASP A 73 -8.00 -19.79 -4.62
N GLU A 74 -6.88 -20.33 -5.11
CA GLU A 74 -6.18 -19.86 -6.32
C GLU A 74 -5.72 -20.95 -7.27
N VAL A 75 -6.06 -20.83 -8.56
CA VAL A 75 -5.99 -21.84 -9.64
C VAL A 75 -6.78 -23.13 -9.38
N GLU A 76 -6.44 -23.76 -8.26
CA GLU A 76 -6.86 -25.08 -7.78
C GLU A 76 -6.97 -25.15 -6.25
N GLU A 77 -6.01 -24.51 -5.56
CA GLU A 77 -5.86 -24.38 -4.10
C GLU A 77 -5.03 -23.15 -3.77
N SER A 78 -3.84 -23.08 -4.35
CA SER A 78 -2.91 -21.95 -4.34
C SER A 78 -1.99 -21.99 -5.58
N PHE A 79 -1.34 -20.85 -5.90
CA PHE A 79 -0.42 -20.71 -7.03
C PHE A 79 0.64 -19.63 -6.76
N GLY A 1 16.57 21.12 -9.61
CA GLY A 1 15.20 21.65 -9.37
C GLY A 1 14.93 21.85 -7.89
N SER A 2 14.54 23.07 -7.51
CA SER A 2 14.41 23.51 -6.11
C SER A 2 13.13 24.33 -5.82
N HIS A 3 12.15 24.31 -6.74
CA HIS A 3 10.89 25.08 -6.66
C HIS A 3 9.68 24.26 -6.12
N MET A 4 9.78 22.93 -6.11
CA MET A 4 8.71 21.96 -5.80
C MET A 4 7.43 22.12 -6.66
N LEU A 5 6.45 21.24 -6.45
CA LEU A 5 5.29 21.06 -7.34
C LEU A 5 4.23 22.19 -7.24
N LEU A 6 4.21 22.92 -6.12
CA LEU A 6 3.31 24.07 -5.87
C LEU A 6 3.93 25.09 -4.89
N GLU A 7 4.44 24.62 -3.74
CA GLU A 7 5.16 25.44 -2.73
C GLU A 7 6.21 24.65 -1.96
N PHE A 8 5.84 23.49 -1.39
CA PHE A 8 6.78 22.56 -0.74
C PHE A 8 6.23 21.12 -0.64
N LYS A 9 5.10 20.91 0.06
CA LYS A 9 4.69 19.62 0.65
C LYS A 9 4.47 18.45 -0.33
N GLN A 10 4.03 18.71 -1.57
CA GLN A 10 3.40 17.68 -2.42
C GLN A 10 4.38 16.63 -2.97
N PHE A 11 5.68 16.94 -2.92
CA PHE A 11 6.71 15.96 -3.24
C PHE A 11 6.61 14.72 -2.34
N LEU A 12 6.19 14.92 -1.10
CA LEU A 12 6.00 13.85 -0.11
C LEU A 12 4.68 13.10 -0.24
N TYR A 13 3.70 13.75 -0.84
CA TYR A 13 2.33 13.27 -0.97
C TYR A 13 2.08 12.56 -2.32
N GLU A 14 2.95 12.78 -3.32
CA GLU A 14 3.16 11.92 -4.50
C GLU A 14 3.98 10.66 -4.15
N ALA A 15 5.02 10.83 -3.32
CA ALA A 15 5.90 9.76 -2.81
C ALA A 15 5.17 8.58 -2.18
N SER A 16 4.08 8.93 -1.51
CA SER A 16 3.28 8.12 -0.61
C SER A 16 2.72 6.84 -1.27
N ILE A 17 2.43 6.95 -2.57
CA ILE A 17 1.46 6.15 -3.32
C ILE A 17 2.03 5.74 -4.72
N ASP A 18 3.32 6.03 -4.95
CA ASP A 18 4.00 5.93 -6.26
C ASP A 18 4.26 4.49 -6.74
N GLU A 19 4.43 3.57 -5.79
CA GLU A 19 4.68 2.11 -6.02
C GLU A 19 3.85 1.20 -5.12
N PHE A 20 3.70 1.55 -3.84
CA PHE A 20 2.99 0.79 -2.80
C PHE A 20 1.54 0.47 -3.18
N MET A 21 0.78 1.46 -3.62
CA MET A 21 -0.60 1.32 -4.09
C MET A 21 -0.71 0.35 -5.26
N GLY A 22 0.34 0.25 -6.07
CA GLY A 22 0.49 -0.79 -7.08
C GLY A 22 0.82 -2.14 -6.46
N LYS A 23 1.64 -2.17 -5.42
CA LYS A 23 2.17 -3.36 -4.81
C LYS A 23 0.99 -4.13 -4.18
N ILE A 24 0.10 -3.39 -3.50
CA ILE A 24 -1.24 -3.83 -3.12
C ILE A 24 -2.31 -3.97 -4.21
N ALA A 25 -2.42 -3.06 -5.17
CA ALA A 25 -3.44 -3.18 -6.23
C ALA A 25 -3.17 -4.41 -7.10
N SER A 26 -1.91 -4.85 -7.09
CA SER A 26 -1.42 -6.02 -7.80
C SER A 26 -1.02 -7.18 -6.88
N CYS A 27 -1.37 -7.15 -5.59
CA CYS A 27 -0.93 -8.17 -4.68
C CYS A 27 -1.72 -9.46 -5.04
N GLN A 28 -1.11 -10.47 -5.65
CA GLN A 28 -1.88 -11.56 -6.29
C GLN A 28 -2.50 -12.57 -5.30
N THR A 29 -2.43 -12.23 -4.02
CA THR A 29 -2.70 -13.12 -2.87
C THR A 29 -3.14 -12.28 -1.71
N LEU A 30 -4.12 -12.74 -0.91
CA LEU A 30 -4.41 -12.01 0.31
C LEU A 30 -3.31 -12.23 1.33
N GLU A 31 -2.80 -13.43 1.29
CA GLU A 31 -1.73 -13.90 2.12
C GLU A 31 -0.47 -13.08 1.92
N GLY A 32 -0.26 -12.64 0.69
CA GLY A 32 0.69 -11.59 0.35
C GLY A 32 0.29 -10.19 0.74
N LEU A 33 -0.96 -9.78 0.55
CA LEU A 33 -1.47 -8.47 0.97
C LEU A 33 -1.33 -8.22 2.46
N GLU A 34 -1.59 -9.26 3.22
CA GLU A 34 -1.39 -9.45 4.65
C GLU A 34 0.09 -9.40 5.07
N GLU A 35 1.00 -9.88 4.21
CA GLU A 35 2.47 -9.70 4.32
C GLU A 35 2.89 -8.28 3.97
N LEU A 36 2.27 -7.68 2.96
CA LEU A 36 2.33 -6.26 2.62
C LEU A 36 1.78 -5.44 3.80
N GLU A 37 0.74 -5.93 4.49
CA GLU A 37 0.11 -5.28 5.62
C GLU A 37 1.01 -5.31 6.85
N ALA A 38 1.69 -6.43 7.04
CA ALA A 38 2.73 -6.49 8.03
C ALA A 38 3.90 -5.58 7.60
N TYR A 39 4.37 -5.65 6.35
CA TYR A 39 5.52 -4.86 5.87
C TYR A 39 5.25 -3.34 5.95
N TYR A 40 3.99 -2.95 5.74
CA TYR A 40 3.46 -1.59 5.98
C TYR A 40 3.67 -1.22 7.44
N LYS A 41 3.15 -2.03 8.37
CA LYS A 41 3.30 -1.76 9.81
C LYS A 41 4.78 -1.73 10.27
N LYS A 42 5.61 -2.61 9.71
CA LYS A 42 7.03 -2.79 9.93
C LYS A 42 7.86 -1.58 9.44
N ARG A 43 7.61 -1.09 8.23
CA ARG A 43 8.23 0.13 7.69
C ARG A 43 7.78 1.46 8.35
N VAL A 44 6.51 1.60 8.70
CA VAL A 44 5.91 2.89 9.04
C VAL A 44 6.51 3.57 10.27
N LYS A 45 7.00 2.76 11.18
CA LYS A 45 7.82 3.15 12.32
C LYS A 45 9.28 3.56 11.96
N GLU A 46 9.82 2.89 10.93
CA GLU A 46 11.22 2.91 10.45
C GLU A 46 11.53 4.18 9.70
N THR A 47 10.47 4.80 9.21
CA THR A 47 10.52 6.01 8.41
C THR A 47 9.31 6.96 8.64
N GLU A 48 8.68 7.51 7.60
CA GLU A 48 8.01 8.81 7.56
C GLU A 48 6.71 8.78 6.79
N LEU A 49 5.95 7.73 7.10
CA LEU A 49 4.51 7.69 6.93
C LEU A 49 3.86 8.91 7.63
N LYS A 50 3.71 9.96 6.81
CA LYS A 50 2.74 11.02 6.99
C LYS A 50 1.31 10.48 6.94
N ASP A 51 0.31 11.30 7.27
CA ASP A 51 -1.09 10.88 7.24
C ASP A 51 -1.55 10.45 5.84
N THR A 52 -1.08 11.14 4.81
CA THR A 52 -1.52 11.00 3.42
C THR A 52 -1.29 9.59 2.86
N ASP A 53 -0.09 9.02 3.05
CA ASP A 53 0.20 7.65 2.60
C ASP A 53 -0.74 6.68 3.29
N ASP A 54 -0.85 6.85 4.61
CA ASP A 54 -1.48 5.87 5.45
C ASP A 54 -2.94 5.65 5.08
N ILE A 55 -3.70 6.72 4.88
CA ILE A 55 -5.11 6.60 4.47
C ILE A 55 -5.30 6.06 3.07
N SER A 56 -4.53 6.64 2.14
CA SER A 56 -4.72 6.36 0.72
C SER A 56 -4.44 4.90 0.38
N VAL A 57 -3.27 4.47 0.86
CA VAL A 57 -2.78 3.11 0.77
C VAL A 57 -3.60 2.16 1.62
N ARG A 58 -3.91 2.50 2.87
CA ARG A 58 -4.66 1.55 3.71
C ARG A 58 -6.02 1.28 3.15
N ASP A 59 -6.69 2.33 2.70
CA ASP A 59 -8.08 2.17 2.29
C ASP A 59 -8.20 1.28 1.04
N ALA A 60 -7.15 1.33 0.22
CA ALA A 60 -6.78 0.46 -0.89
C ALA A 60 -6.31 -0.95 -0.53
N LEU A 61 -5.48 -1.08 0.50
CA LEU A 61 -4.90 -2.30 1.03
C LEU A 61 -5.98 -3.11 1.73
N ALA A 62 -6.71 -2.46 2.63
CA ALA A 62 -8.01 -2.91 3.09
C ALA A 62 -9.07 -3.03 1.98
N GLY A 63 -8.93 -2.17 0.96
CA GLY A 63 -9.70 -2.12 -0.26
C GLY A 63 -9.64 -3.46 -0.98
N LYS A 64 -8.40 -3.90 -1.20
CA LYS A 64 -8.02 -5.17 -1.78
C LYS A 64 -8.31 -6.33 -0.85
N ARG A 65 -8.18 -6.16 0.46
CA ARG A 65 -8.28 -7.24 1.42
C ARG A 65 -9.60 -7.96 1.26
N ALA A 66 -10.69 -7.20 1.16
CA ALA A 66 -12.01 -7.77 0.89
C ALA A 66 -12.09 -8.55 -0.43
N GLU A 67 -11.38 -8.07 -1.46
CA GLU A 67 -11.34 -8.70 -2.78
C GLU A 67 -10.65 -10.03 -2.72
N LEU A 68 -9.50 -9.95 -2.06
CA LEU A 68 -8.58 -11.02 -1.85
C LEU A 68 -9.06 -12.14 -0.96
N GLU A 69 -9.89 -11.75 0.00
CA GLU A 69 -10.64 -12.52 0.96
C GLU A 69 -11.86 -13.20 0.31
N ASP A 70 -12.42 -12.54 -0.70
CA ASP A 70 -13.26 -13.23 -1.70
C ASP A 70 -12.41 -14.21 -2.52
N SER A 71 -11.12 -13.87 -2.64
CA SER A 71 -10.15 -14.72 -3.34
C SER A 71 -9.40 -15.70 -2.39
N ASP A 72 -9.94 -15.94 -1.18
CA ASP A 72 -9.35 -16.76 -0.10
C ASP A 72 -9.08 -18.21 -0.54
N ASP A 73 -9.83 -18.69 -1.54
CA ASP A 73 -9.64 -19.95 -2.27
C ASP A 73 -9.19 -19.64 -3.70
N GLU A 74 -7.99 -20.10 -4.05
CA GLU A 74 -7.14 -19.48 -5.09
C GLU A 74 -7.53 -19.84 -6.52
N VAL A 75 -7.32 -18.88 -7.43
CA VAL A 75 -7.71 -18.94 -8.85
C VAL A 75 -7.19 -20.19 -9.57
N GLU A 76 -8.05 -20.77 -10.41
CA GLU A 76 -7.85 -21.88 -11.39
C GLU A 76 -7.49 -23.25 -10.83
N GLU A 77 -7.05 -23.34 -9.58
CA GLU A 77 -7.02 -24.61 -8.81
C GLU A 77 -8.45 -25.03 -8.47
N SER A 78 -9.32 -24.04 -8.37
CA SER A 78 -10.77 -24.13 -8.50
C SER A 78 -11.30 -22.89 -9.25
N PHE A 79 -12.45 -23.01 -9.91
CA PHE A 79 -13.05 -21.97 -10.76
C PHE A 79 -14.60 -22.04 -10.78
#